data_8RXO
# 
_entry.id   8RXO 
# 
_audit_conform.dict_name       mmcif_pdbx.dic 
_audit_conform.dict_version    5.401 
_audit_conform.dict_location   http://mmcif.pdb.org/dictionaries/ascii/mmcif_pdbx.dic 
# 
loop_
_database_2.database_id 
_database_2.database_code 
_database_2.pdbx_database_accession 
_database_2.pdbx_DOI 
PDB   8RXO         pdb_00008rxo 10.2210/pdb8rxo/pdb 
WWPDB D_1292136389 ?            ?                   
# 
loop_
_pdbx_audit_revision_history.ordinal 
_pdbx_audit_revision_history.data_content_type 
_pdbx_audit_revision_history.major_revision 
_pdbx_audit_revision_history.minor_revision 
_pdbx_audit_revision_history.revision_date 
1 'Structure model' 1 0 2024-03-06 
2 'Structure model' 2 0 2024-12-25 
3 'Structure model' 2 1 2025-01-22 
4 'Structure model' 2 2 2025-01-29 
# 
loop_
_pdbx_audit_revision_details.ordinal 
_pdbx_audit_revision_details.revision_ordinal 
_pdbx_audit_revision_details.data_content_type 
_pdbx_audit_revision_details.provider 
_pdbx_audit_revision_details.type 
_pdbx_audit_revision_details.description 
_pdbx_audit_revision_details.details 
1 1 'Structure model' repository 'Initial release'        ?                    ? 
2 2 'Structure model' author     'Coordinate replacement' 'Model completeness' ? 
# 
loop_
_pdbx_audit_revision_group.ordinal 
_pdbx_audit_revision_group.revision_ordinal 
_pdbx_audit_revision_group.data_content_type 
_pdbx_audit_revision_group.group 
1  2 'Structure model' Advisory                 
2  2 'Structure model' 'Atomic model'           
3  2 'Structure model' 'Data collection'        
4  2 'Structure model' 'Database references'    
5  2 'Structure model' 'Derived calculations'   
6  2 'Structure model' 'Polymer sequence'       
7  2 'Structure model' 'Refinement description' 
8  2 'Structure model' 'Structure summary'      
9  3 'Structure model' 'Data collection'        
10 3 'Structure model' 'Database references'    
11 4 'Structure model' 'Database references'    
# 
loop_
_pdbx_audit_revision_category.ordinal 
_pdbx_audit_revision_category.revision_ordinal 
_pdbx_audit_revision_category.data_content_type 
_pdbx_audit_revision_category.category 
1  2 'Structure model' atom_site                       
2  2 'Structure model' diffrn                          
3  2 'Structure model' entity_poly                     
4  2 'Structure model' pdbx_contact_author             
5  2 'Structure model' pdbx_entry_details              
6  2 'Structure model' pdbx_poly_seq_scheme            
7  2 'Structure model' pdbx_struct_assembly            
8  2 'Structure model' pdbx_struct_assembly_prop       
9  2 'Structure model' pdbx_unobs_or_zero_occ_residues 
10 2 'Structure model' pdbx_validate_torsion           
11 2 'Structure model' refine                          
12 2 'Structure model' refine_hist                     
13 2 'Structure model' refine_ls_restr                 
14 2 'Structure model' refine_ls_shell                 
15 2 'Structure model' software                        
16 2 'Structure model' struct_conf                     
17 2 'Structure model' struct_keywords                 
18 2 'Structure model' struct_ref_seq                  
19 3 'Structure model' citation                        
20 3 'Structure model' citation_author                 
21 3 'Structure model' diffrn                          
22 4 'Structure model' citation                        
23 4 'Structure model' citation_author                 
# 
loop_
_pdbx_audit_revision_item.ordinal 
_pdbx_audit_revision_item.revision_ordinal 
_pdbx_audit_revision_item.data_content_type 
_pdbx_audit_revision_item.item 
1  2 'Structure model' '_diffrn.ambient_temp'                   
2  2 'Structure model' '_entity_poly.pdbx_strand_id'            
3  2 'Structure model' '_pdbx_poly_seq_scheme.auth_mon_id'      
4  2 'Structure model' '_pdbx_poly_seq_scheme.auth_seq_num'     
5  2 'Structure model' '_pdbx_poly_seq_scheme.pdb_mon_id'       
6  2 'Structure model' '_pdbx_poly_seq_scheme.pdb_strand_id'    
7  2 'Structure model' '_pdbx_struct_assembly.details'          
8  2 'Structure model' '_pdbx_struct_assembly.method_details'   
9  2 'Structure model' '_pdbx_struct_assembly_prop.value'       
10 2 'Structure model' '_refine.ls_R_factor_R_free'             
11 2 'Structure model' '_refine.ls_R_factor_R_work'             
12 2 'Structure model' '_refine.ls_R_factor_obs'                
13 2 'Structure model' '_refine.ls_d_res_high'                  
14 2 'Structure model' '_refine.ls_percent_reflns_obs'          
15 2 'Structure model' '_refine.overall_SU_ML'                  
16 2 'Structure model' '_refine.pdbx_overall_phase_error'       
17 2 'Structure model' '_refine.pdbx_solvent_vdw_probe_radii'   
18 2 'Structure model' '_refine_hist.d_res_high'                
19 2 'Structure model' '_refine_hist.number_atoms_total'        
20 2 'Structure model' '_refine_hist.pdbx_number_atoms_protein' 
21 2 'Structure model' '_refine_ls_restr.dev_ideal'             
22 2 'Structure model' '_refine_ls_restr.number'                
23 2 'Structure model' '_refine_ls_shell.R_factor_R_free'       
24 2 'Structure model' '_refine_ls_shell.R_factor_R_work'       
25 2 'Structure model' '_refine_ls_shell.d_res_high'            
26 2 'Structure model' '_refine_ls_shell.d_res_low'             
27 2 'Structure model' '_refine_ls_shell.number_reflns_R_work'  
28 2 'Structure model' '_software.version'                      
29 2 'Structure model' '_struct_keywords.pdbx_keywords'         
30 2 'Structure model' '_struct_keywords.text'                  
31 2 'Structure model' '_struct_ref_seq.pdbx_strand_id'         
32 3 'Structure model' '_citation.country'                      
33 3 'Structure model' '_citation.journal_abbrev'               
34 3 'Structure model' '_citation.journal_id_ISSN'              
35 3 'Structure model' '_citation.journal_volume'               
36 3 'Structure model' '_citation.page_first'                   
37 3 'Structure model' '_citation.page_last'                    
38 3 'Structure model' '_citation.pdbx_database_id_DOI'         
39 3 'Structure model' '_citation.pdbx_database_id_PubMed'      
40 3 'Structure model' '_citation.title'                        
41 3 'Structure model' '_citation.year'                         
42 3 'Structure model' '_diffrn.ambient_temp'                   
43 4 'Structure model' '_citation.journal_abbrev'               
44 4 'Structure model' '_citation.journal_id_ISSN'              
45 4 'Structure model' '_citation.pdbx_database_id_PubMed'      
46 4 'Structure model' '_citation.title'                        
# 
_pdbx_database_status.status_code                     REL 
_pdbx_database_status.status_code_sf                  REL 
_pdbx_database_status.status_code_mr                  ? 
_pdbx_database_status.entry_id                        8RXO 
_pdbx_database_status.recvd_initial_deposition_date   2024-02-07 
_pdbx_database_status.SG_entry                        N 
_pdbx_database_status.deposit_site                    PDBE 
_pdbx_database_status.process_site                    PDBE 
_pdbx_database_status.status_code_cs                  ? 
_pdbx_database_status.status_code_nmr_data            ? 
_pdbx_database_status.methods_development_category    ? 
_pdbx_database_status.pdb_format_compatible           Y 
# 
_pdbx_contact_author.id                 2 
_pdbx_contact_author.email              sylvie.nessler@i2bc.paris-saclay.fr 
_pdbx_contact_author.name_first         Sylvie 
_pdbx_contact_author.name_last          Nessler 
_pdbx_contact_author.name_mi            ? 
_pdbx_contact_author.role               'principal investigator/group leader' 
_pdbx_contact_author.identifier_ORCID   0000-0003-4973-9941 
# 
loop_
_audit_author.name 
_audit_author.pdbx_ordinal 
_audit_author.identifier_ORCID 
'Nessler, S.'         1 0000-0003-4973-9941 
'Le Berre, M.'        2 0009-0009-0462-0489 
'Li De La Sierra, I.' 3 0000-0003-2770-7439 
# 
_citation.abstract                  ? 
_citation.abstract_id_CAS           ? 
_citation.book_id_ISBN              ? 
_citation.book_publisher            ? 
_citation.book_publisher_city       ? 
_citation.book_title                ? 
_citation.coordinate_linkage        ? 
_citation.country                   ? 
_citation.database_id_Medline       ? 
_citation.details                   ? 
_citation.id                        primary 
_citation.journal_abbrev            'Acta Crystallogr D Struct Biol' 
_citation.journal_id_ASTM           ? 
_citation.journal_id_CSD            ? 
_citation.journal_id_ISSN           2059-7983 
_citation.journal_full              ? 
_citation.journal_issue             ? 
_citation.journal_volume            81 
_citation.language                  ? 
_citation.page_first                38 
_citation.page_last                 48 
_citation.title                     
'Structural characterization of the ACDC domain from ApiAP2 proteins, a potential molecular target against apicomplexan parasites.' 
_citation.year                      2025 
_citation.database_id_CSD           ? 
_citation.pdbx_database_id_DOI      10.1107/S2059798324012518 
_citation.pdbx_database_id_PubMed   39820027 
_citation.pdbx_database_id_patent   ? 
_citation.unpublished_flag          ? 
# 
loop_
_citation_author.citation_id 
_citation_author.name 
_citation_author.ordinal 
_citation_author.identifier_ORCID 
primary 'Le Berre, M.'               1 ? 
primary 'Tubiana, T.'                2 ? 
primary 'Reutersward Waldner, P.'    3 ? 
primary 'Lazar, N.'                  4 ? 
primary 'Li de la Sierra-Gallay, I.' 5 ? 
primary 'Santos, J.M.'               6 ? 
primary 'Llinas, M.'                 7 ? 
primary 'Nessler, S.'                8 ? 
# 
_entity.id                         1 
_entity.type                       polymer 
_entity.src_method                 man 
_entity.pdbx_description           'AP2 domain transcription factor AP2-I' 
_entity.formula_weight             17648.998 
_entity.pdbx_number_of_molecules   2 
_entity.pdbx_ec                    ? 
_entity.pdbx_mutation              ? 
_entity.pdbx_fragment              ? 
_entity.details                    ? 
# 
_entity_poly.entity_id                      1 
_entity_poly.type                           'polypeptide(L)' 
_entity_poly.nstd_linkage                   no 
_entity_poly.nstd_monomer                   no 
_entity_poly.pdbx_seq_one_letter_code       
;METLVNERDINIKNENSKDNNKEMMIGMSHMNHDDQDLIYEKKDDIESLRLHYTDQEKLDVPSLVEICKQQLIVILKDMC
SDCSTTDEKTSFLYHLNRLRSAVTVVDLHNYIAVFGPCLSYNKLPSTWNISVCDYLKQQLNILRAADSQQNA
;
_entity_poly.pdbx_seq_one_letter_code_can   
;METLVNERDINIKNENSKDNNKEMMIGMSHMNHDDQDLIYEKKDDIESLRLHYTDQEKLDVPSLVEICKQQLIVILKDMC
SDCSTTDEKTSFLYHLNRLRSAVTVVDLHNYIAVFGPCLSYNKLPSTWNISVCDYLKQQLNILRAADSQQNA
;
_entity_poly.pdbx_strand_id                 A,B 
_entity_poly.pdbx_target_identifier         ? 
# 
loop_
_entity_poly_seq.entity_id 
_entity_poly_seq.num 
_entity_poly_seq.mon_id 
_entity_poly_seq.hetero 
1 1   MET n 
1 2   GLU n 
1 3   THR n 
1 4   LEU n 
1 5   VAL n 
1 6   ASN n 
1 7   GLU n 
1 8   ARG n 
1 9   ASP n 
1 10  ILE n 
1 11  ASN n 
1 12  ILE n 
1 13  LYS n 
1 14  ASN n 
1 15  GLU n 
1 16  ASN n 
1 17  SER n 
1 18  LYS n 
1 19  ASP n 
1 20  ASN n 
1 21  ASN n 
1 22  LYS n 
1 23  GLU n 
1 24  MET n 
1 25  MET n 
1 26  ILE n 
1 27  GLY n 
1 28  MET n 
1 29  SER n 
1 30  HIS n 
1 31  MET n 
1 32  ASN n 
1 33  HIS n 
1 34  ASP n 
1 35  ASP n 
1 36  GLN n 
1 37  ASP n 
1 38  LEU n 
1 39  ILE n 
1 40  TYR n 
1 41  GLU n 
1 42  LYS n 
1 43  LYS n 
1 44  ASP n 
1 45  ASP n 
1 46  ILE n 
1 47  GLU n 
1 48  SER n 
1 49  LEU n 
1 50  ARG n 
1 51  LEU n 
1 52  HIS n 
1 53  TYR n 
1 54  THR n 
1 55  ASP n 
1 56  GLN n 
1 57  GLU n 
1 58  LYS n 
1 59  LEU n 
1 60  ASP n 
1 61  VAL n 
1 62  PRO n 
1 63  SER n 
1 64  LEU n 
1 65  VAL n 
1 66  GLU n 
1 67  ILE n 
1 68  CYS n 
1 69  LYS n 
1 70  GLN n 
1 71  GLN n 
1 72  LEU n 
1 73  ILE n 
1 74  VAL n 
1 75  ILE n 
1 76  LEU n 
1 77  LYS n 
1 78  ASP n 
1 79  MET n 
1 80  CYS n 
1 81  SER n 
1 82  ASP n 
1 83  CYS n 
1 84  SER n 
1 85  THR n 
1 86  THR n 
1 87  ASP n 
1 88  GLU n 
1 89  LYS n 
1 90  THR n 
1 91  SER n 
1 92  PHE n 
1 93  LEU n 
1 94  TYR n 
1 95  HIS n 
1 96  LEU n 
1 97  ASN n 
1 98  ARG n 
1 99  LEU n 
1 100 ARG n 
1 101 SER n 
1 102 ALA n 
1 103 VAL n 
1 104 THR n 
1 105 VAL n 
1 106 VAL n 
1 107 ASP n 
1 108 LEU n 
1 109 HIS n 
1 110 ASN n 
1 111 TYR n 
1 112 ILE n 
1 113 ALA n 
1 114 VAL n 
1 115 PHE n 
1 116 GLY n 
1 117 PRO n 
1 118 CYS n 
1 119 LEU n 
1 120 SER n 
1 121 TYR n 
1 122 ASN n 
1 123 LYS n 
1 124 LEU n 
1 125 PRO n 
1 126 SER n 
1 127 THR n 
1 128 TRP n 
1 129 ASN n 
1 130 ILE n 
1 131 SER n 
1 132 VAL n 
1 133 CYS n 
1 134 ASP n 
1 135 TYR n 
1 136 LEU n 
1 137 LYS n 
1 138 GLN n 
1 139 GLN n 
1 140 LEU n 
1 141 ASN n 
1 142 ILE n 
1 143 LEU n 
1 144 ARG n 
1 145 ALA n 
1 146 ALA n 
1 147 ASP n 
1 148 SER n 
1 149 GLN n 
1 150 GLN n 
1 151 ASN n 
1 152 ALA n 
# 
_entity_src_gen.entity_id                          1 
_entity_src_gen.pdbx_src_id                        1 
_entity_src_gen.pdbx_alt_source_flag               sample 
_entity_src_gen.pdbx_seq_type                      'Biological sequence' 
_entity_src_gen.pdbx_beg_seq_num                   1 
_entity_src_gen.pdbx_end_seq_num                   152 
_entity_src_gen.gene_src_common_name               ? 
_entity_src_gen.gene_src_genus                     ? 
_entity_src_gen.pdbx_gene_src_gene                 PF3D7_1007700 
_entity_src_gen.gene_src_species                   ? 
_entity_src_gen.gene_src_strain                    ? 
_entity_src_gen.gene_src_tissue                    ? 
_entity_src_gen.gene_src_tissue_fraction           ? 
_entity_src_gen.gene_src_details                   ? 
_entity_src_gen.pdbx_gene_src_fragment             ? 
_entity_src_gen.pdbx_gene_src_scientific_name      'Plasmodium falciparum 3D7' 
_entity_src_gen.pdbx_gene_src_ncbi_taxonomy_id     36329 
_entity_src_gen.pdbx_gene_src_variant              ? 
_entity_src_gen.pdbx_gene_src_cell_line            ? 
_entity_src_gen.pdbx_gene_src_atcc                 ? 
_entity_src_gen.pdbx_gene_src_organ                ? 
_entity_src_gen.pdbx_gene_src_organelle            ? 
_entity_src_gen.pdbx_gene_src_cell                 ? 
_entity_src_gen.pdbx_gene_src_cellular_location    ? 
_entity_src_gen.host_org_common_name               ? 
_entity_src_gen.pdbx_host_org_scientific_name      'Escherichia coli' 
_entity_src_gen.pdbx_host_org_ncbi_taxonomy_id     562 
_entity_src_gen.host_org_genus                     ? 
_entity_src_gen.pdbx_host_org_gene                 ? 
_entity_src_gen.pdbx_host_org_organ                ? 
_entity_src_gen.host_org_species                   ? 
_entity_src_gen.pdbx_host_org_tissue               ? 
_entity_src_gen.pdbx_host_org_tissue_fraction      ? 
_entity_src_gen.pdbx_host_org_strain               DE3-Gold 
_entity_src_gen.pdbx_host_org_variant              ? 
_entity_src_gen.pdbx_host_org_cell_line            ? 
_entity_src_gen.pdbx_host_org_atcc                 ? 
_entity_src_gen.pdbx_host_org_culture_collection   ? 
_entity_src_gen.pdbx_host_org_cell                 ? 
_entity_src_gen.pdbx_host_org_organelle            ? 
_entity_src_gen.pdbx_host_org_cellular_location    ? 
_entity_src_gen.pdbx_host_org_vector_type          ? 
_entity_src_gen.pdbx_host_org_vector               ? 
_entity_src_gen.host_org_details                   ? 
_entity_src_gen.expression_system_id               ? 
_entity_src_gen.plasmid_name                       ? 
_entity_src_gen.plasmid_details                    ? 
_entity_src_gen.pdbx_description                   ? 
# 
loop_
_chem_comp.id 
_chem_comp.type 
_chem_comp.mon_nstd_flag 
_chem_comp.name 
_chem_comp.pdbx_synonyms 
_chem_comp.formula 
_chem_comp.formula_weight 
ALA 'L-peptide linking' y ALANINE         ? 'C3 H7 N O2'     89.093  
ARG 'L-peptide linking' y ARGININE        ? 'C6 H15 N4 O2 1' 175.209 
ASN 'L-peptide linking' y ASPARAGINE      ? 'C4 H8 N2 O3'    132.118 
ASP 'L-peptide linking' y 'ASPARTIC ACID' ? 'C4 H7 N O4'     133.103 
CYS 'L-peptide linking' y CYSTEINE        ? 'C3 H7 N O2 S'   121.158 
GLN 'L-peptide linking' y GLUTAMINE       ? 'C5 H10 N2 O3'   146.144 
GLU 'L-peptide linking' y 'GLUTAMIC ACID' ? 'C5 H9 N O4'     147.129 
GLY 'peptide linking'   y GLYCINE         ? 'C2 H5 N O2'     75.067  
HIS 'L-peptide linking' y HISTIDINE       ? 'C6 H10 N3 O2 1' 156.162 
ILE 'L-peptide linking' y ISOLEUCINE      ? 'C6 H13 N O2'    131.173 
LEU 'L-peptide linking' y LEUCINE         ? 'C6 H13 N O2'    131.173 
LYS 'L-peptide linking' y LYSINE          ? 'C6 H15 N2 O2 1' 147.195 
MET 'L-peptide linking' y METHIONINE      ? 'C5 H11 N O2 S'  149.211 
PHE 'L-peptide linking' y PHENYLALANINE   ? 'C9 H11 N O2'    165.189 
PRO 'L-peptide linking' y PROLINE         ? 'C5 H9 N O2'     115.130 
SER 'L-peptide linking' y SERINE          ? 'C3 H7 N O3'     105.093 
THR 'L-peptide linking' y THREONINE       ? 'C4 H9 N O3'     119.119 
TRP 'L-peptide linking' y TRYPTOPHAN      ? 'C11 H12 N2 O2'  204.225 
TYR 'L-peptide linking' y TYROSINE        ? 'C9 H11 N O3'    181.189 
VAL 'L-peptide linking' y VALINE          ? 'C5 H11 N O2'    117.146 
# 
loop_
_pdbx_poly_seq_scheme.asym_id 
_pdbx_poly_seq_scheme.entity_id 
_pdbx_poly_seq_scheme.seq_id 
_pdbx_poly_seq_scheme.mon_id 
_pdbx_poly_seq_scheme.ndb_seq_num 
_pdbx_poly_seq_scheme.pdb_seq_num 
_pdbx_poly_seq_scheme.auth_seq_num 
_pdbx_poly_seq_scheme.pdb_mon_id 
_pdbx_poly_seq_scheme.auth_mon_id 
_pdbx_poly_seq_scheme.pdb_strand_id 
_pdbx_poly_seq_scheme.pdb_ins_code 
_pdbx_poly_seq_scheme.hetero 
A 1 1   MET 1   1   ?   ?   ?   A . n 
A 1 2   GLU 2   2   ?   ?   ?   A . n 
A 1 3   THR 3   3   ?   ?   ?   A . n 
A 1 4   LEU 4   4   ?   ?   ?   A . n 
A 1 5   VAL 5   5   ?   ?   ?   A . n 
A 1 6   ASN 6   6   ?   ?   ?   A . n 
A 1 7   GLU 7   7   ?   ?   ?   A . n 
A 1 8   ARG 8   8   ?   ?   ?   A . n 
A 1 9   ASP 9   9   ?   ?   ?   A . n 
A 1 10  ILE 10  10  ?   ?   ?   A . n 
A 1 11  ASN 11  11  ?   ?   ?   A . n 
A 1 12  ILE 12  12  ?   ?   ?   A . n 
A 1 13  LYS 13  13  ?   ?   ?   A . n 
A 1 14  ASN 14  14  ?   ?   ?   A . n 
A 1 15  GLU 15  15  ?   ?   ?   A . n 
A 1 16  ASN 16  16  ?   ?   ?   A . n 
A 1 17  SER 17  17  ?   ?   ?   A . n 
A 1 18  LYS 18  18  ?   ?   ?   A . n 
A 1 19  ASP 19  19  ?   ?   ?   A . n 
A 1 20  ASN 20  20  ?   ?   ?   A . n 
A 1 21  ASN 21  21  ?   ?   ?   A . n 
A 1 22  LYS 22  22  ?   ?   ?   A . n 
A 1 23  GLU 23  23  ?   ?   ?   A . n 
A 1 24  MET 24  24  ?   ?   ?   A . n 
A 1 25  MET 25  25  ?   ?   ?   A . n 
A 1 26  ILE 26  26  ?   ?   ?   A . n 
A 1 27  GLY 27  27  ?   ?   ?   A . n 
A 1 28  MET 28  28  ?   ?   ?   A . n 
A 1 29  SER 29  29  ?   ?   ?   A . n 
A 1 30  HIS 30  30  ?   ?   ?   A . n 
A 1 31  MET 31  31  ?   ?   ?   A . n 
A 1 32  ASN 32  32  ?   ?   ?   A . n 
A 1 33  HIS 33  33  ?   ?   ?   A . n 
A 1 34  ASP 34  34  ?   ?   ?   A . n 
A 1 35  ASP 35  35  ?   ?   ?   A . n 
A 1 36  GLN 36  36  ?   ?   ?   A . n 
A 1 37  ASP 37  37  ?   ?   ?   A . n 
A 1 38  LEU 38  38  ?   ?   ?   A . n 
A 1 39  ILE 39  39  ?   ?   ?   A . n 
A 1 40  TYR 40  40  ?   ?   ?   A . n 
A 1 41  GLU 41  41  ?   ?   ?   A . n 
A 1 42  LYS 42  42  ?   ?   ?   A . n 
A 1 43  LYS 43  43  ?   ?   ?   A . n 
A 1 44  ASP 44  44  ?   ?   ?   A . n 
A 1 45  ASP 45  45  ?   ?   ?   A . n 
A 1 46  ILE 46  46  ?   ?   ?   A . n 
A 1 47  GLU 47  47  ?   ?   ?   A . n 
A 1 48  SER 48  48  ?   ?   ?   A . n 
A 1 49  LEU 49  49  ?   ?   ?   A . n 
A 1 50  ARG 50  50  ?   ?   ?   A . n 
A 1 51  LEU 51  51  ?   ?   ?   A . n 
A 1 52  HIS 52  52  ?   ?   ?   A . n 
A 1 53  TYR 53  53  ?   ?   ?   A . n 
A 1 54  THR 54  54  ?   ?   ?   A . n 
A 1 55  ASP 55  55  ?   ?   ?   A . n 
A 1 56  GLN 56  56  ?   ?   ?   A . n 
A 1 57  GLU 57  57  ?   ?   ?   A . n 
A 1 58  LYS 58  58  ?   ?   ?   A . n 
A 1 59  LEU 59  59  59  LEU LEU A . n 
A 1 60  ASP 60  60  60  ASP ASP A . n 
A 1 61  VAL 61  61  61  VAL VAL A . n 
A 1 62  PRO 62  62  62  PRO PRO A . n 
A 1 63  SER 63  63  63  SER SER A . n 
A 1 64  LEU 64  64  64  LEU LEU A . n 
A 1 65  VAL 65  65  65  VAL VAL A . n 
A 1 66  GLU 66  66  66  GLU GLU A . n 
A 1 67  ILE 67  67  67  ILE ILE A . n 
A 1 68  CYS 68  68  68  CYS CYS A . n 
A 1 69  LYS 69  69  69  LYS LYS A . n 
A 1 70  GLN 70  70  70  GLN GLN A . n 
A 1 71  GLN 71  71  71  GLN GLN A . n 
A 1 72  LEU 72  72  72  LEU LEU A . n 
A 1 73  ILE 73  73  73  ILE ILE A . n 
A 1 74  VAL 74  74  74  VAL VAL A . n 
A 1 75  ILE 75  75  75  ILE ILE A . n 
A 1 76  LEU 76  76  76  LEU LEU A . n 
A 1 77  LYS 77  77  77  LYS LYS A . n 
A 1 78  ASP 78  78  78  ASP ASP A . n 
A 1 79  MET 79  79  79  MET MET A . n 
A 1 80  CYS 80  80  80  CYS CYS A . n 
A 1 81  SER 81  81  81  SER SER A . n 
A 1 82  ASP 82  82  82  ASP ASP A . n 
A 1 83  CYS 83  83  83  CYS CYS A . n 
A 1 84  SER 84  84  84  SER SER A . n 
A 1 85  THR 85  85  85  THR THR A . n 
A 1 86  THR 86  86  86  THR THR A . n 
A 1 87  ASP 87  87  87  ASP ASP A . n 
A 1 88  GLU 88  88  88  GLU GLU A . n 
A 1 89  LYS 89  89  89  LYS LYS A . n 
A 1 90  THR 90  90  90  THR THR A . n 
A 1 91  SER 91  91  91  SER SER A . n 
A 1 92  PHE 92  92  92  PHE PHE A . n 
A 1 93  LEU 93  93  93  LEU LEU A . n 
A 1 94  TYR 94  94  94  TYR TYR A . n 
A 1 95  HIS 95  95  95  HIS HIS A . n 
A 1 96  LEU 96  96  96  LEU LEU A . n 
A 1 97  ASN 97  97  97  ASN ASN A . n 
A 1 98  ARG 98  98  98  ARG ARG A . n 
A 1 99  LEU 99  99  99  LEU LEU A . n 
A 1 100 ARG 100 100 100 ARG ARG A . n 
A 1 101 SER 101 101 101 SER SER A . n 
A 1 102 ALA 102 102 102 ALA ALA A . n 
A 1 103 VAL 103 103 103 VAL VAL A . n 
A 1 104 THR 104 104 104 THR THR A . n 
A 1 105 VAL 105 105 105 VAL VAL A . n 
A 1 106 VAL 106 106 106 VAL VAL A . n 
A 1 107 ASP 107 107 107 ASP ASP A . n 
A 1 108 LEU 108 108 108 LEU LEU A . n 
A 1 109 HIS 109 109 109 HIS HIS A . n 
A 1 110 ASN 110 110 110 ASN ASN A . n 
A 1 111 TYR 111 111 111 TYR TYR A . n 
A 1 112 ILE 112 112 112 ILE ILE A . n 
A 1 113 ALA 113 113 113 ALA ALA A . n 
A 1 114 VAL 114 114 114 VAL VAL A . n 
A 1 115 PHE 115 115 115 PHE PHE A . n 
A 1 116 GLY 116 116 116 GLY GLY A . n 
A 1 117 PRO 117 117 117 PRO PRO A . n 
A 1 118 CYS 118 118 118 CYS CYS A . n 
A 1 119 LEU 119 119 119 LEU LEU A . n 
A 1 120 SER 120 120 120 SER SER A . n 
A 1 121 TYR 121 121 121 TYR TYR A . n 
A 1 122 ASN 122 122 122 ASN ASN A . n 
A 1 123 LYS 123 123 123 LYS LYS A . n 
A 1 124 LEU 124 124 124 LEU LEU A . n 
A 1 125 PRO 125 125 125 PRO PRO A . n 
A 1 126 SER 126 126 126 SER SER A . n 
A 1 127 THR 127 127 127 THR THR A . n 
A 1 128 TRP 128 128 128 TRP TRP A . n 
A 1 129 ASN 129 129 129 ASN ASN A . n 
A 1 130 ILE 130 130 130 ILE ILE A . n 
A 1 131 SER 131 131 131 SER SER A . n 
A 1 132 VAL 132 132 132 VAL VAL A . n 
A 1 133 CYS 133 133 133 CYS CYS A . n 
A 1 134 ASP 134 134 134 ASP ASP A . n 
A 1 135 TYR 135 135 135 TYR TYR A . n 
A 1 136 LEU 136 136 136 LEU LEU A . n 
A 1 137 LYS 137 137 137 LYS LYS A . n 
A 1 138 GLN 138 138 138 GLN GLN A . n 
A 1 139 GLN 139 139 139 GLN GLN A . n 
A 1 140 LEU 140 140 140 LEU LEU A . n 
A 1 141 ASN 141 141 141 ASN ASN A . n 
A 1 142 ILE 142 142 142 ILE ILE A . n 
A 1 143 LEU 143 143 143 LEU LEU A . n 
A 1 144 ARG 144 144 144 ARG ARG A . n 
A 1 145 ALA 145 145 145 ALA ALA A . n 
A 1 146 ALA 146 146 146 ALA ALA A . n 
A 1 147 ASP 147 147 147 ASP ASP A . n 
A 1 148 SER 148 148 148 SER SER A . n 
A 1 149 GLN 149 149 ?   ?   ?   A . n 
A 1 150 GLN 150 150 ?   ?   ?   A . n 
A 1 151 ASN 151 151 ?   ?   ?   A . n 
A 1 152 ALA 152 152 ?   ?   ?   A . n 
B 1 1   MET 1   1   ?   ?   ?   B . n 
B 1 2   GLU 2   2   ?   ?   ?   B . n 
B 1 3   THR 3   3   ?   ?   ?   B . n 
B 1 4   LEU 4   4   ?   ?   ?   B . n 
B 1 5   VAL 5   5   ?   ?   ?   B . n 
B 1 6   ASN 6   6   ?   ?   ?   B . n 
B 1 7   GLU 7   7   ?   ?   ?   B . n 
B 1 8   ARG 8   8   ?   ?   ?   B . n 
B 1 9   ASP 9   9   ?   ?   ?   B . n 
B 1 10  ILE 10  10  ?   ?   ?   B . n 
B 1 11  ASN 11  11  ?   ?   ?   B . n 
B 1 12  ILE 12  12  ?   ?   ?   B . n 
B 1 13  LYS 13  13  ?   ?   ?   B . n 
B 1 14  ASN 14  14  ?   ?   ?   B . n 
B 1 15  GLU 15  15  ?   ?   ?   B . n 
B 1 16  ASN 16  16  ?   ?   ?   B . n 
B 1 17  SER 17  17  ?   ?   ?   B . n 
B 1 18  LYS 18  18  ?   ?   ?   B . n 
B 1 19  ASP 19  19  ?   ?   ?   B . n 
B 1 20  ASN 20  20  ?   ?   ?   B . n 
B 1 21  ASN 21  21  ?   ?   ?   B . n 
B 1 22  LYS 22  22  ?   ?   ?   B . n 
B 1 23  GLU 23  23  ?   ?   ?   B . n 
B 1 24  MET 24  24  ?   ?   ?   B . n 
B 1 25  MET 25  25  ?   ?   ?   B . n 
B 1 26  ILE 26  26  ?   ?   ?   B . n 
B 1 27  GLY 27  27  ?   ?   ?   B . n 
B 1 28  MET 28  28  ?   ?   ?   B . n 
B 1 29  SER 29  29  ?   ?   ?   B . n 
B 1 30  HIS 30  30  ?   ?   ?   B . n 
B 1 31  MET 31  31  ?   ?   ?   B . n 
B 1 32  ASN 32  32  ?   ?   ?   B . n 
B 1 33  HIS 33  33  ?   ?   ?   B . n 
B 1 34  ASP 34  34  ?   ?   ?   B . n 
B 1 35  ASP 35  35  ?   ?   ?   B . n 
B 1 36  GLN 36  36  ?   ?   ?   B . n 
B 1 37  ASP 37  37  ?   ?   ?   B . n 
B 1 38  LEU 38  38  ?   ?   ?   B . n 
B 1 39  ILE 39  39  ?   ?   ?   B . n 
B 1 40  TYR 40  40  ?   ?   ?   B . n 
B 1 41  GLU 41  41  ?   ?   ?   B . n 
B 1 42  LYS 42  42  ?   ?   ?   B . n 
B 1 43  LYS 43  43  ?   ?   ?   B . n 
B 1 44  ASP 44  44  ?   ?   ?   B . n 
B 1 45  ASP 45  45  ?   ?   ?   B . n 
B 1 46  ILE 46  46  ?   ?   ?   B . n 
B 1 47  GLU 47  47  ?   ?   ?   B . n 
B 1 48  SER 48  48  ?   ?   ?   B . n 
B 1 49  LEU 49  49  49  LEU LEU B . n 
B 1 50  ARG 50  50  50  ARG ARG B . n 
B 1 51  LEU 51  51  51  LEU LEU B . n 
B 1 52  HIS 52  52  52  HIS HIS B . n 
B 1 53  TYR 53  53  53  TYR TYR B . n 
B 1 54  THR 54  54  54  THR THR B . n 
B 1 55  ASP 55  55  55  ASP ASP B . n 
B 1 56  GLN 56  56  56  GLN GLN B . n 
B 1 57  GLU 57  57  57  GLU GLU B . n 
B 1 58  LYS 58  58  58  LYS LYS B . n 
B 1 59  LEU 59  59  59  LEU LEU B . n 
B 1 60  ASP 60  60  60  ASP ASP B . n 
B 1 61  VAL 61  61  61  VAL VAL B . n 
B 1 62  PRO 62  62  62  PRO PRO B . n 
B 1 63  SER 63  63  63  SER SER B . n 
B 1 64  LEU 64  64  64  LEU LEU B . n 
B 1 65  VAL 65  65  65  VAL VAL B . n 
B 1 66  GLU 66  66  66  GLU GLU B . n 
B 1 67  ILE 67  67  67  ILE ILE B . n 
B 1 68  CYS 68  68  68  CYS CYS B . n 
B 1 69  LYS 69  69  69  LYS LYS B . n 
B 1 70  GLN 70  70  70  GLN GLN B . n 
B 1 71  GLN 71  71  71  GLN GLN B . n 
B 1 72  LEU 72  72  72  LEU LEU B . n 
B 1 73  ILE 73  73  73  ILE ILE B . n 
B 1 74  VAL 74  74  74  VAL VAL B . n 
B 1 75  ILE 75  75  75  ILE ILE B . n 
B 1 76  LEU 76  76  76  LEU LEU B . n 
B 1 77  LYS 77  77  77  LYS LYS B . n 
B 1 78  ASP 78  78  78  ASP ASP B . n 
B 1 79  MET 79  79  79  MET MET B . n 
B 1 80  CYS 80  80  80  CYS CYS B . n 
B 1 81  SER 81  81  81  SER SER B . n 
B 1 82  ASP 82  82  82  ASP ASP B . n 
B 1 83  CYS 83  83  83  CYS CYS B . n 
B 1 84  SER 84  84  84  SER SER B . n 
B 1 85  THR 85  85  85  THR THR B . n 
B 1 86  THR 86  86  86  THR THR B . n 
B 1 87  ASP 87  87  87  ASP ASP B . n 
B 1 88  GLU 88  88  88  GLU GLU B . n 
B 1 89  LYS 89  89  89  LYS LYS B . n 
B 1 90  THR 90  90  90  THR THR B . n 
B 1 91  SER 91  91  91  SER SER B . n 
B 1 92  PHE 92  92  92  PHE PHE B . n 
B 1 93  LEU 93  93  93  LEU LEU B . n 
B 1 94  TYR 94  94  94  TYR TYR B . n 
B 1 95  HIS 95  95  95  HIS HIS B . n 
B 1 96  LEU 96  96  96  LEU LEU B . n 
B 1 97  ASN 97  97  97  ASN ASN B . n 
B 1 98  ARG 98  98  98  ARG ARG B . n 
B 1 99  LEU 99  99  99  LEU LEU B . n 
B 1 100 ARG 100 100 100 ARG ARG B . n 
B 1 101 SER 101 101 101 SER SER B . n 
B 1 102 ALA 102 102 102 ALA ALA B . n 
B 1 103 VAL 103 103 103 VAL VAL B . n 
B 1 104 THR 104 104 104 THR THR B . n 
B 1 105 VAL 105 105 105 VAL VAL B . n 
B 1 106 VAL 106 106 106 VAL VAL B . n 
B 1 107 ASP 107 107 107 ASP ASP B . n 
B 1 108 LEU 108 108 108 LEU LEU B . n 
B 1 109 HIS 109 109 109 HIS HIS B . n 
B 1 110 ASN 110 110 110 ASN ASN B . n 
B 1 111 TYR 111 111 111 TYR TYR B . n 
B 1 112 ILE 112 112 112 ILE ILE B . n 
B 1 113 ALA 113 113 113 ALA ALA B . n 
B 1 114 VAL 114 114 114 VAL VAL B . n 
B 1 115 PHE 115 115 115 PHE PHE B . n 
B 1 116 GLY 116 116 116 GLY GLY B . n 
B 1 117 PRO 117 117 117 PRO PRO B . n 
B 1 118 CYS 118 118 118 CYS CYS B . n 
B 1 119 LEU 119 119 119 LEU LEU B . n 
B 1 120 SER 120 120 120 SER SER B . n 
B 1 121 TYR 121 121 121 TYR TYR B . n 
B 1 122 ASN 122 122 122 ASN ASN B . n 
B 1 123 LYS 123 123 123 LYS LYS B . n 
B 1 124 LEU 124 124 124 LEU LEU B . n 
B 1 125 PRO 125 125 125 PRO PRO B . n 
B 1 126 SER 126 126 126 SER SER B . n 
B 1 127 THR 127 127 127 THR THR B . n 
B 1 128 TRP 128 128 128 TRP TRP B . n 
B 1 129 ASN 129 129 129 ASN ASN B . n 
B 1 130 ILE 130 130 130 ILE ILE B . n 
B 1 131 SER 131 131 131 SER SER B . n 
B 1 132 VAL 132 132 132 VAL VAL B . n 
B 1 133 CYS 133 133 133 CYS CYS B . n 
B 1 134 ASP 134 134 134 ASP ASP B . n 
B 1 135 TYR 135 135 135 TYR TYR B . n 
B 1 136 LEU 136 136 136 LEU LEU B . n 
B 1 137 LYS 137 137 137 LYS LYS B . n 
B 1 138 GLN 138 138 138 GLN GLN B . n 
B 1 139 GLN 139 139 139 GLN GLN B . n 
B 1 140 LEU 140 140 140 LEU LEU B . n 
B 1 141 ASN 141 141 141 ASN ASN B . n 
B 1 142 ILE 142 142 142 ILE ILE B . n 
B 1 143 LEU 143 143 143 LEU LEU B . n 
B 1 144 ARG 144 144 144 ARG ARG B . n 
B 1 145 ALA 145 145 145 ALA ALA B . n 
B 1 146 ALA 146 146 146 ALA ALA B . n 
B 1 147 ASP 147 147 147 ASP ASP B . n 
B 1 148 SER 148 148 148 SER SER B . n 
B 1 149 GLN 149 149 149 GLN GLN B . n 
B 1 150 GLN 150 150 150 GLN GLN B . n 
B 1 151 ASN 151 151 151 ASN ASN B . n 
B 1 152 ALA 152 152 152 ALA ALA B . n 
# 
loop_
_software.citation_id 
_software.classification 
_software.compiler_name 
_software.compiler_version 
_software.contact_author 
_software.contact_author_email 
_software.date 
_software.description 
_software.dependencies 
_software.hardware 
_software.language 
_software.location 
_software.mods 
_software.name 
_software.os 
_software.os_version 
_software.type 
_software.version 
_software.pdbx_ordinal 
? refinement       ? ? ? ? ? ? ? ? ? ? ? PHENIX ? ? ? '(1.21.2_5419: ???)' 1 
? 'data reduction' ? ? ? ? ? ? ? ? ? ? ? XDS    ? ? ? .                    2 
? 'data scaling'   ? ? ? ? ? ? ? ? ? ? ? XDS    ? ? ? .                    3 
? phasing          ? ? ? ? ? ? ? ? ? ? ? PHASER ? ? ? .                    4 
# 
_cell.angle_alpha                  90.00 
_cell.angle_alpha_esd              ? 
_cell.angle_beta                   90.00 
_cell.angle_beta_esd               ? 
_cell.angle_gamma                  90.00 
_cell.angle_gamma_esd              ? 
_cell.entry_id                     8RXO 
_cell.details                      ? 
_cell.formula_units_Z              ? 
_cell.length_a                     78.080 
_cell.length_a_esd                 ? 
_cell.length_b                     78.080 
_cell.length_b_esd                 ? 
_cell.length_c                     127.840 
_cell.length_c_esd                 ? 
_cell.volume                       ? 
_cell.volume_esd                   ? 
_cell.Z_PDB                        16 
_cell.reciprocal_angle_alpha       ? 
_cell.reciprocal_angle_beta        ? 
_cell.reciprocal_angle_gamma       ? 
_cell.reciprocal_angle_alpha_esd   ? 
_cell.reciprocal_angle_beta_esd    ? 
_cell.reciprocal_angle_gamma_esd   ? 
_cell.reciprocal_length_a          ? 
_cell.reciprocal_length_b          ? 
_cell.reciprocal_length_c          ? 
_cell.reciprocal_length_a_esd      ? 
_cell.reciprocal_length_b_esd      ? 
_cell.reciprocal_length_c_esd      ? 
_cell.pdbx_unique_axis             ? 
_cell.pdbx_esd_method              ? 
# 
_symmetry.entry_id                         8RXO 
_symmetry.cell_setting                     ? 
_symmetry.Int_Tables_number                92 
_symmetry.space_group_name_Hall            ? 
_symmetry.space_group_name_H-M             'P 41 21 2' 
_symmetry.pdbx_full_space_group_name_H-M   ? 
# 
_exptl.absorpt_coefficient_mu     ? 
_exptl.absorpt_correction_T_max   ? 
_exptl.absorpt_correction_T_min   ? 
_exptl.absorpt_correction_type    ? 
_exptl.absorpt_process_details    ? 
_exptl.entry_id                   8RXO 
_exptl.crystals_number            1 
_exptl.details                    ? 
_exptl.method                     'X-RAY DIFFRACTION' 
_exptl.method_details             ? 
# 
_exptl_crystal.colour                       ? 
_exptl_crystal.density_diffrn               ? 
_exptl_crystal.density_Matthews             2.76 
_exptl_crystal.density_method               ? 
_exptl_crystal.density_percent_sol          55.43 
_exptl_crystal.description                  ? 
_exptl_crystal.F_000                        ? 
_exptl_crystal.id                           1 
_exptl_crystal.preparation                  ? 
_exptl_crystal.size_max                     ? 
_exptl_crystal.size_mid                     ? 
_exptl_crystal.size_min                     ? 
_exptl_crystal.size_rad                     ? 
_exptl_crystal.colour_lustre                ? 
_exptl_crystal.colour_modifier              ? 
_exptl_crystal.colour_primary               ? 
_exptl_crystal.density_meas                 ? 
_exptl_crystal.density_meas_esd             ? 
_exptl_crystal.density_meas_gt              ? 
_exptl_crystal.density_meas_lt              ? 
_exptl_crystal.density_meas_temp            ? 
_exptl_crystal.density_meas_temp_esd        ? 
_exptl_crystal.density_meas_temp_gt         ? 
_exptl_crystal.density_meas_temp_lt         ? 
_exptl_crystal.pdbx_crystal_image_url       ? 
_exptl_crystal.pdbx_crystal_image_format    ? 
_exptl_crystal.pdbx_mosaicity               ? 
_exptl_crystal.pdbx_mosaicity_esd           ? 
_exptl_crystal.pdbx_mosaic_method           ? 
_exptl_crystal.pdbx_mosaic_block_size       ? 
_exptl_crystal.pdbx_mosaic_block_size_esd   ? 
# 
_exptl_crystal_grow.apparatus       ? 
_exptl_crystal_grow.atmosphere      ? 
_exptl_crystal_grow.crystal_id      1 
_exptl_crystal_grow.details         ? 
_exptl_crystal_grow.method          'VAPOR DIFFUSION, SITTING DROP' 
_exptl_crystal_grow.method_ref      ? 
_exptl_crystal_grow.pH              7.5 
_exptl_crystal_grow.pressure        ? 
_exptl_crystal_grow.pressure_esd    ? 
_exptl_crystal_grow.seeding         ? 
_exptl_crystal_grow.seeding_ref     ? 
_exptl_crystal_grow.temp_details    ? 
_exptl_crystal_grow.temp_esd        ? 
_exptl_crystal_grow.time            ? 
_exptl_crystal_grow.pdbx_details    '1,5 M AmSO4, 0,1 M Sodium Hepes pH 7.5, 2% PEG 400' 
_exptl_crystal_grow.pdbx_pH_range   ? 
_exptl_crystal_grow.temp            291 
# 
_diffrn.ambient_environment              ? 
_diffrn.ambient_temp                     100 
_diffrn.ambient_temp_details             ? 
_diffrn.ambient_temp_esd                 ? 
_diffrn.crystal_id                       1 
_diffrn.crystal_support                  ? 
_diffrn.crystal_treatment                ? 
_diffrn.details                          ? 
_diffrn.id                               1 
_diffrn.ambient_pressure                 ? 
_diffrn.ambient_pressure_esd             ? 
_diffrn.ambient_pressure_gt              ? 
_diffrn.ambient_pressure_lt              ? 
_diffrn.ambient_temp_gt                  ? 
_diffrn.ambient_temp_lt                  ? 
_diffrn.pdbx_serial_crystal_experiment   N 
# 
_diffrn_detector.details                      ? 
_diffrn_detector.detector                     PIXEL 
_diffrn_detector.diffrn_id                    1 
_diffrn_detector.type                         'DECTRIS EIGER X 16M' 
_diffrn_detector.area_resol_mean              ? 
_diffrn_detector.dtime                        ? 
_diffrn_detector.pdbx_frames_total            ? 
_diffrn_detector.pdbx_collection_time_total   ? 
_diffrn_detector.pdbx_collection_date         2021-12-12 
_diffrn_detector.pdbx_frequency               ? 
_diffrn_detector.id                           ? 
_diffrn_detector.number_of_axes               ? 
# 
_diffrn_radiation.collimation                      ? 
_diffrn_radiation.diffrn_id                        1 
_diffrn_radiation.filter_edge                      ? 
_diffrn_radiation.inhomogeneity                    ? 
_diffrn_radiation.monochromator                    ? 
_diffrn_radiation.polarisn_norm                    ? 
_diffrn_radiation.polarisn_ratio                   ? 
_diffrn_radiation.probe                            ? 
_diffrn_radiation.type                             ? 
_diffrn_radiation.xray_symbol                      ? 
_diffrn_radiation.wavelength_id                    1 
_diffrn_radiation.pdbx_monochromatic_or_laue_m_l   M 
_diffrn_radiation.pdbx_wavelength_list             ? 
_diffrn_radiation.pdbx_wavelength                  ? 
_diffrn_radiation.pdbx_diffrn_protocol             'SINGLE WAVELENGTH' 
_diffrn_radiation.pdbx_analyzer                    ? 
_diffrn_radiation.pdbx_scattering_type             x-ray 
# 
_diffrn_radiation_wavelength.id           1 
_diffrn_radiation_wavelength.wavelength   0.978565 
_diffrn_radiation_wavelength.wt           1.0 
# 
_diffrn_source.current                     ? 
_diffrn_source.details                     ? 
_diffrn_source.diffrn_id                   1 
_diffrn_source.power                       ? 
_diffrn_source.size                        ? 
_diffrn_source.source                      SYNCHROTRON 
_diffrn_source.target                      ? 
_diffrn_source.type                        'SOLEIL BEAMLINE PROXIMA 1' 
_diffrn_source.voltage                     ? 
_diffrn_source.take-off_angle              ? 
_diffrn_source.pdbx_wavelength_list        0.978565 
_diffrn_source.pdbx_wavelength             ? 
_diffrn_source.pdbx_synchrotron_beamline   'PROXIMA 1' 
_diffrn_source.pdbx_synchrotron_site       SOLEIL 
# 
_reflns.B_iso_Wilson_estimate                          ? 
_reflns.entry_id                                       8RXO 
_reflns.data_reduction_details                         ? 
_reflns.data_reduction_method                          ? 
_reflns.d_resolution_high                              2.998 
_reflns.d_resolution_low                               50 
_reflns.details                                        ? 
_reflns.limit_h_max                                    ? 
_reflns.limit_h_min                                    ? 
_reflns.limit_k_max                                    ? 
_reflns.limit_k_min                                    ? 
_reflns.limit_l_max                                    ? 
_reflns.limit_l_min                                    ? 
_reflns.number_all                                     ? 
_reflns.number_obs                                     8421 
_reflns.observed_criterion                             ? 
_reflns.observed_criterion_F_max                       ? 
_reflns.observed_criterion_F_min                       ? 
_reflns.observed_criterion_I_max                       ? 
_reflns.observed_criterion_I_min                       ? 
_reflns.observed_criterion_sigma_F                     ? 
_reflns.observed_criterion_sigma_I                     ? 
_reflns.percent_possible_obs                           99.9 
_reflns.R_free_details                                 ? 
_reflns.Rmerge_F_all                                   ? 
_reflns.Rmerge_F_obs                                   ? 
_reflns.Friedel_coverage                               ? 
_reflns.number_gt                                      ? 
_reflns.threshold_expression                           ? 
_reflns.pdbx_redundancy                                21 
_reflns.pdbx_netI_over_av_sigmaI                       ? 
_reflns.pdbx_netI_over_sigmaI                          12.81 
_reflns.pdbx_res_netI_over_av_sigmaI_2                 ? 
_reflns.pdbx_res_netI_over_sigmaI_2                    ? 
_reflns.pdbx_chi_squared                               ? 
_reflns.pdbx_scaling_rejects                           ? 
_reflns.pdbx_d_res_high_opt                            ? 
_reflns.pdbx_d_res_low_opt                             ? 
_reflns.pdbx_d_res_opt_method                          ? 
_reflns.phase_calculation_details                      ? 
_reflns.pdbx_Rrim_I_all                                0.198 
_reflns.pdbx_Rpim_I_all                                ? 
_reflns.pdbx_d_opt                                     ? 
_reflns.pdbx_number_measured_all                       ? 
_reflns.pdbx_diffrn_id                                 1 
_reflns.pdbx_ordinal                                   1 
_reflns.pdbx_CC_half                                   0.9990000000000001 
_reflns.pdbx_CC_star                                   ? 
_reflns.pdbx_R_split                                   ? 
_reflns.pdbx_Rmerge_I_obs                              0.193 
_reflns.pdbx_Rmerge_I_all                              ? 
_reflns.pdbx_Rsym_value                                ? 
_reflns.pdbx_CC_split_method                           ? 
_reflns.pdbx_aniso_diffraction_limit_axis_1_ortho[1]   ? 
_reflns.pdbx_aniso_diffraction_limit_axis_1_ortho[2]   ? 
_reflns.pdbx_aniso_diffraction_limit_axis_1_ortho[3]   ? 
_reflns.pdbx_aniso_diffraction_limit_axis_2_ortho[1]   ? 
_reflns.pdbx_aniso_diffraction_limit_axis_2_ortho[2]   ? 
_reflns.pdbx_aniso_diffraction_limit_axis_2_ortho[3]   ? 
_reflns.pdbx_aniso_diffraction_limit_axis_3_ortho[1]   ? 
_reflns.pdbx_aniso_diffraction_limit_axis_3_ortho[2]   ? 
_reflns.pdbx_aniso_diffraction_limit_axis_3_ortho[3]   ? 
_reflns.pdbx_aniso_diffraction_limit_1                 ? 
_reflns.pdbx_aniso_diffraction_limit_2                 ? 
_reflns.pdbx_aniso_diffraction_limit_3                 ? 
_reflns.pdbx_aniso_B_tensor_eigenvector_1_ortho[1]     ? 
_reflns.pdbx_aniso_B_tensor_eigenvector_1_ortho[2]     ? 
_reflns.pdbx_aniso_B_tensor_eigenvector_1_ortho[3]     ? 
_reflns.pdbx_aniso_B_tensor_eigenvector_2_ortho[1]     ? 
_reflns.pdbx_aniso_B_tensor_eigenvector_2_ortho[2]     ? 
_reflns.pdbx_aniso_B_tensor_eigenvector_2_ortho[3]     ? 
_reflns.pdbx_aniso_B_tensor_eigenvector_3_ortho[1]     ? 
_reflns.pdbx_aniso_B_tensor_eigenvector_3_ortho[2]     ? 
_reflns.pdbx_aniso_B_tensor_eigenvector_3_ortho[3]     ? 
_reflns.pdbx_aniso_B_tensor_eigenvalue_1               ? 
_reflns.pdbx_aniso_B_tensor_eigenvalue_2               ? 
_reflns.pdbx_aniso_B_tensor_eigenvalue_3               ? 
_reflns.pdbx_orthogonalization_convention              ? 
_reflns.pdbx_percent_possible_ellipsoidal              ? 
_reflns.pdbx_percent_possible_spherical                ? 
_reflns.pdbx_percent_possible_ellipsoidal_anomalous    ? 
_reflns.pdbx_percent_possible_spherical_anomalous      ? 
_reflns.pdbx_redundancy_anomalous                      ? 
_reflns.pdbx_CC_half_anomalous                         ? 
_reflns.pdbx_absDiff_over_sigma_anomalous              ? 
_reflns.pdbx_percent_possible_anomalous                ? 
_reflns.pdbx_observed_signal_threshold                 ? 
_reflns.pdbx_signal_type                               ? 
_reflns.pdbx_signal_details                            ? 
_reflns.pdbx_signal_software_id                        ? 
# 
loop_
_reflns_shell.d_res_high 
_reflns_shell.d_res_low 
_reflns_shell.meanI_over_sigI_all 
_reflns_shell.meanI_over_sigI_obs 
_reflns_shell.number_measured_all 
_reflns_shell.number_measured_obs 
_reflns_shell.number_possible 
_reflns_shell.number_unique_all 
_reflns_shell.number_unique_obs 
_reflns_shell.percent_possible_obs 
_reflns_shell.Rmerge_F_all 
_reflns_shell.Rmerge_F_obs 
_reflns_shell.meanI_over_sigI_gt 
_reflns_shell.meanI_over_uI_all 
_reflns_shell.meanI_over_uI_gt 
_reflns_shell.number_measured_gt 
_reflns_shell.number_unique_gt 
_reflns_shell.percent_possible_gt 
_reflns_shell.Rmerge_F_gt 
_reflns_shell.Rmerge_I_gt 
_reflns_shell.pdbx_redundancy 
_reflns_shell.pdbx_chi_squared 
_reflns_shell.pdbx_netI_over_sigmaI_all 
_reflns_shell.pdbx_netI_over_sigmaI_obs 
_reflns_shell.pdbx_Rrim_I_all 
_reflns_shell.pdbx_Rpim_I_all 
_reflns_shell.pdbx_rejects 
_reflns_shell.pdbx_ordinal 
_reflns_shell.pdbx_diffrn_id 
_reflns_shell.pdbx_CC_half 
_reflns_shell.pdbx_CC_star 
_reflns_shell.pdbx_R_split 
_reflns_shell.percent_possible_all 
_reflns_shell.Rmerge_I_all 
_reflns_shell.Rmerge_I_obs 
_reflns_shell.pdbx_Rsym_value 
_reflns_shell.pdbx_percent_possible_ellipsoidal 
_reflns_shell.pdbx_percent_possible_spherical 
_reflns_shell.pdbx_percent_possible_ellipsoidal_anomalous 
_reflns_shell.pdbx_percent_possible_spherical_anomalous 
_reflns_shell.pdbx_redundancy_anomalous 
_reflns_shell.pdbx_CC_half_anomalous 
_reflns_shell.pdbx_absDiff_over_sigma_anomalous 
_reflns_shell.pdbx_percent_possible_anomalous 
3.00 3.18 ? ? ? ? ? ? 1303 ? ? ? ? ? ? ? ? ? ? ? ? ? ? ? 2.592               ? ? 1 1 0.71               ? ? ? ? 2.533 ? ? ? ? ? ? 
? ? ? 
3.18 3.4  ? ? ? ? ? ? 1258 ? ? ? ? ? ? ? ? ? ? ? ? ? ? ? 1.5590000000000002  ? ? 2 1 0.871              ? ? ? ? 1.5230000000000001 
? ? ? ? ? ? ? ? ? 
3.40 3.67 ? ? ? ? ? ? 1167 ? ? ? ? ? ? ? ? ? ? ? ? ? ? ? 0.765               ? ? 3 1 0.97               ? ? ? ? 0.747 ? ? ? ? ? ? 
? ? ? 
3.67 4.02 ? ? ? ? ? ? 1068 ? ? ? ? ? ? ? ? ? ? ? ? ? ? ? 0.39                ? ? 4 1 0.993              ? ? ? ? 0.381 ? ? ? ? ? ? 
? ? ? 
4.02 4.49 ? ? ? ? ? ? 985  ? ? ? ? ? ? ? ? ? ? ? ? ? ? ? 0.233               ? ? 5 1 0.996              ? ? ? ? 0.228 ? ? ? ? ? ? 
? ? ? 
4.49 5.17 ? ? ? ? ? ? 889  ? ? ? ? ? ? ? ? ? ? ? ? ? ? ? 0.163               ? ? 6 1 0.997              ? ? ? ? 0.159 ? ? ? ? ? ? 
? ? ? 
5.17 6.32 ? ? ? ? ? ? 757  ? ? ? ? ? ? ? ? ? ? ? ? ? ? ? 0.16899999999999998 ? ? 7 1 0.997              ? ? ? ? 0.165 ? ? ? ? ? ? 
? ? ? 
6.32 8.86 ? ? ? ? ? ? 610  ? ? ? ? ? ? ? ? ? ? ? ? ? ? ? 0.085               ? ? 8 1 0.9990000000000001 ? ? ? ? 
0.08199999999999999 ? ? ? ? ? ? ? ? ? 
# 
_refine.aniso_B[1][1]                            ? 
_refine.aniso_B[1][2]                            ? 
_refine.aniso_B[1][3]                            ? 
_refine.aniso_B[2][2]                            ? 
_refine.aniso_B[2][3]                            ? 
_refine.aniso_B[3][3]                            ? 
_refine.B_iso_max                                ? 
_refine.B_iso_mean                               ? 
_refine.B_iso_min                                ? 
_refine.correlation_coeff_Fo_to_Fc               ? 
_refine.correlation_coeff_Fo_to_Fc_free          ? 
_refine.details                                  ? 
_refine.diff_density_max                         ? 
_refine.diff_density_max_esd                     ? 
_refine.diff_density_min                         ? 
_refine.diff_density_min_esd                     ? 
_refine.diff_density_rms                         ? 
_refine.diff_density_rms_esd                     ? 
_refine.entry_id                                 8RXO 
_refine.pdbx_refine_id                           'X-RAY DIFFRACTION' 
_refine.ls_abs_structure_details                 ? 
_refine.ls_abs_structure_Flack                   ? 
_refine.ls_abs_structure_Flack_esd               ? 
_refine.ls_abs_structure_Rogers                  ? 
_refine.ls_abs_structure_Rogers_esd              ? 
_refine.ls_d_res_high                            3.00 
_refine.ls_d_res_low                             49.46 
_refine.ls_extinction_coef                       ? 
_refine.ls_extinction_coef_esd                   ? 
_refine.ls_extinction_expression                 ? 
_refine.ls_extinction_method                     ? 
_refine.ls_goodness_of_fit_all                   ? 
_refine.ls_goodness_of_fit_all_esd               ? 
_refine.ls_goodness_of_fit_obs                   ? 
_refine.ls_goodness_of_fit_obs_esd               ? 
_refine.ls_hydrogen_treatment                    ? 
_refine.ls_matrix_type                           ? 
_refine.ls_number_constraints                    ? 
_refine.ls_number_parameters                     ? 
_refine.ls_number_reflns_all                     ? 
_refine.ls_number_reflns_obs                     8401 
_refine.ls_number_reflns_R_free                  768 
_refine.ls_number_reflns_R_work                  ? 
_refine.ls_number_restraints                     ? 
_refine.ls_percent_reflns_obs                    99.64 
_refine.ls_percent_reflns_R_free                 5.09 
_refine.ls_R_factor_all                          ? 
_refine.ls_R_factor_obs                          0.2340 
_refine.ls_R_factor_R_free                       0.2369 
_refine.ls_R_factor_R_free_error                 ? 
_refine.ls_R_factor_R_free_error_details         ? 
_refine.ls_R_factor_R_work                       0.2338 
_refine.ls_R_Fsqd_factor_obs                     ? 
_refine.ls_R_I_factor_obs                        ? 
_refine.ls_redundancy_reflns_all                 ? 
_refine.ls_redundancy_reflns_obs                 ? 
_refine.ls_restrained_S_all                      ? 
_refine.ls_restrained_S_obs                      ? 
_refine.ls_shift_over_esd_max                    ? 
_refine.ls_shift_over_esd_mean                   ? 
_refine.ls_structure_factor_coef                 ? 
_refine.ls_weighting_details                     ? 
_refine.ls_weighting_scheme                      ? 
_refine.ls_wR_factor_all                         ? 
_refine.ls_wR_factor_obs                         ? 
_refine.ls_wR_factor_R_free                      ? 
_refine.ls_wR_factor_R_work                      ? 
_refine.occupancy_max                            ? 
_refine.occupancy_min                            ? 
_refine.solvent_model_details                    'FLAT BULK SOLVENT MODEL' 
_refine.solvent_model_param_bsol                 ? 
_refine.solvent_model_param_ksol                 ? 
_refine.pdbx_R_complete                          ? 
_refine.ls_R_factor_gt                           ? 
_refine.ls_goodness_of_fit_gt                    ? 
_refine.ls_goodness_of_fit_ref                   ? 
_refine.ls_shift_over_su_max                     ? 
_refine.ls_shift_over_su_max_lt                  ? 
_refine.ls_shift_over_su_mean                    ? 
_refine.ls_shift_over_su_mean_lt                 ? 
_refine.pdbx_ls_sigma_I                          ? 
_refine.pdbx_ls_sigma_F                          1.34 
_refine.pdbx_ls_sigma_Fsqd                       ? 
_refine.pdbx_data_cutoff_high_absF               ? 
_refine.pdbx_data_cutoff_high_rms_absF           ? 
_refine.pdbx_data_cutoff_low_absF                ? 
_refine.pdbx_isotropic_thermal_model             ? 
_refine.pdbx_ls_cross_valid_method               'FREE R-VALUE' 
_refine.pdbx_method_to_determine_struct          'MOLECULAR REPLACEMENT' 
_refine.pdbx_starting_model                      ? 
_refine.pdbx_stereochemistry_target_values       ML 
_refine.pdbx_R_Free_selection_details            ? 
_refine.pdbx_stereochem_target_val_spec_case     ? 
_refine.pdbx_overall_ESU_R                       ? 
_refine.pdbx_overall_ESU_R_Free                  ? 
_refine.pdbx_solvent_vdw_probe_radii             1.10 
_refine.pdbx_solvent_ion_probe_radii             ? 
_refine.pdbx_solvent_shrinkage_radii             0.90 
_refine.pdbx_real_space_R                        ? 
_refine.pdbx_density_correlation                 ? 
_refine.pdbx_pd_number_of_powder_patterns        ? 
_refine.pdbx_pd_number_of_points                 ? 
_refine.pdbx_pd_meas_number_of_points            ? 
_refine.pdbx_pd_proc_ls_prof_R_factor            ? 
_refine.pdbx_pd_proc_ls_prof_wR_factor           ? 
_refine.pdbx_pd_Marquardt_correlation_coeff      ? 
_refine.pdbx_pd_Fsqrd_R_factor                   ? 
_refine.pdbx_pd_ls_matrix_band_width             ? 
_refine.pdbx_overall_phase_error                 36.52 
_refine.pdbx_overall_SU_R_free_Cruickshank_DPI   ? 
_refine.pdbx_overall_SU_R_free_Blow_DPI          ? 
_refine.pdbx_overall_SU_R_Blow_DPI               ? 
_refine.pdbx_TLS_residual_ADP_flag               ? 
_refine.pdbx_diffrn_id                           1 
_refine.overall_SU_B                             ? 
_refine.overall_SU_ML                            0.51 
_refine.overall_SU_R_Cruickshank_DPI             ? 
_refine.overall_SU_R_free                        ? 
_refine.overall_FOM_free_R_set                   ? 
_refine.overall_FOM_work_R_set                   ? 
_refine.pdbx_average_fsc_overall                 ? 
_refine.pdbx_average_fsc_work                    ? 
_refine.pdbx_average_fsc_free                    ? 
# 
_refine_hist.pdbx_refine_id                   'X-RAY DIFFRACTION' 
_refine_hist.cycle_id                         LAST 
_refine_hist.details                          ? 
_refine_hist.d_res_high                       3.00 
_refine_hist.d_res_low                        49.46 
_refine_hist.number_atoms_solvent             0 
_refine_hist.number_atoms_total               1546 
_refine_hist.number_reflns_all                ? 
_refine_hist.number_reflns_obs                ? 
_refine_hist.number_reflns_R_free             ? 
_refine_hist.number_reflns_R_work             ? 
_refine_hist.R_factor_all                     ? 
_refine_hist.R_factor_obs                     ? 
_refine_hist.R_factor_R_free                  ? 
_refine_hist.R_factor_R_work                  ? 
_refine_hist.pdbx_number_residues_total       ? 
_refine_hist.pdbx_B_iso_mean_ligand           ? 
_refine_hist.pdbx_B_iso_mean_solvent          ? 
_refine_hist.pdbx_number_atoms_protein        1546 
_refine_hist.pdbx_number_atoms_nucleic_acid   0 
_refine_hist.pdbx_number_atoms_ligand         0 
_refine_hist.pdbx_number_atoms_lipid          ? 
_refine_hist.pdbx_number_atoms_carb           ? 
_refine_hist.pdbx_pseudo_atom_details         ? 
# 
loop_
_refine_ls_restr.pdbx_refine_id 
_refine_ls_restr.criterion 
_refine_ls_restr.dev_ideal 
_refine_ls_restr.dev_ideal_target 
_refine_ls_restr.number 
_refine_ls_restr.rejects 
_refine_ls_restr.type 
_refine_ls_restr.weight 
_refine_ls_restr.pdbx_restraint_function 
'X-RAY DIFFRACTION' ? 0.005  ? ?   ? f_bond_d           ? ? 
'X-RAY DIFFRACTION' ? 0.738  ? ?   ? f_angle_d          ? ? 
'X-RAY DIFFRACTION' ? 16.820 ? 579 ? f_dihedral_angle_d ? ? 
'X-RAY DIFFRACTION' ? 0.043  ? 259 ? f_chiral_restr     ? ? 
'X-RAY DIFFRACTION' ? 0.005  ? 267 ? f_plane_restr      ? ? 
# 
loop_
_refine_ls_shell.pdbx_refine_id 
_refine_ls_shell.d_res_high 
_refine_ls_shell.d_res_low 
_refine_ls_shell.number_reflns_all 
_refine_ls_shell.number_reflns_obs 
_refine_ls_shell.number_reflns_R_free 
_refine_ls_shell.number_reflns_R_work 
_refine_ls_shell.percent_reflns_obs 
_refine_ls_shell.percent_reflns_R_free 
_refine_ls_shell.R_factor_all 
_refine_ls_shell.R_factor_obs 
_refine_ls_shell.R_factor_R_free_error 
_refine_ls_shell.R_factor_R_work 
_refine_ls_shell.redundancy_reflns_all 
_refine_ls_shell.redundancy_reflns_obs 
_refine_ls_shell.wR_factor_all 
_refine_ls_shell.wR_factor_obs 
_refine_ls_shell.wR_factor_R_free 
_refine_ls_shell.wR_factor_R_work 
_refine_ls_shell.pdbx_R_complete 
_refine_ls_shell.pdbx_total_number_of_bins_used 
_refine_ls_shell.pdbx_phase_error 
_refine_ls_shell.pdbx_fsc_work 
_refine_ls_shell.pdbx_fsc_free 
_refine_ls_shell.R_factor_R_free 
'X-RAY DIFFRACTION' 3.00 3.23  . . 148 2846 99.00  . . . . 0.3888 . . . . . . . . . . . 0.4967 
'X-RAY DIFFRACTION' 3.23 3.55  . . 151 2881 100.00 . . . . 0.3222 . . . . . . . . . . . 0.3466 
'X-RAY DIFFRACTION' 3.55 4.07  . . 155 2852 100.00 . . . . 0.2459 . . . . . . . . . . . 0.2571 
'X-RAY DIFFRACTION' 4.07 5.12  . . 154 2874 100.00 . . . . 0.1997 . . . . . . . . . . . 0.2297 
'X-RAY DIFFRACTION' 5.13 49.46 . . 160 2869 100.00 . . . . 0.2115 . . . . . . . . . . . 0.1887 
# 
_struct.entry_id                     8RXO 
_struct.title                        'ACDC domain of Plasmodium falciparum AP2-I transcription factor' 
_struct.pdbx_model_details           ? 
_struct.pdbx_formula_weight          ? 
_struct.pdbx_formula_weight_method   ? 
_struct.pdbx_model_type_details      ? 
_struct.pdbx_CASP_flag               N 
# 
_struct_keywords.entry_id        8RXO 
_struct_keywords.text            'AP2-coincident domain mainly at the C-terminus, Orthogonal four helix bundle, UNKNOWN FUNCTION' 
_struct_keywords.pdbx_keywords   'UNKNOWN FUNCTION' 
# 
loop_
_struct_asym.id 
_struct_asym.pdbx_blank_PDB_chainid_flag 
_struct_asym.pdbx_modified 
_struct_asym.entity_id 
_struct_asym.details 
A N N 1 ? 
B N N 1 ? 
# 
_struct_ref.id                         1 
_struct_ref.db_name                    UNP 
_struct_ref.db_code                    Q8IJW6_PLAF7 
_struct_ref.pdbx_db_accession          Q8IJW6 
_struct_ref.pdbx_db_isoform            ? 
_struct_ref.entity_id                  1 
_struct_ref.pdbx_seq_one_letter_code   
;METLVNERDINIKNENSKDNNKEMMIGMSHMNHDDQDLIYEKKDDIESLRLHYTDQEKLDVPSLVEICKQQLIVILKDMC
SDCSTTDEKTSFLYHLNRLRSAVTVVDLHNYIAVFGPCLSYNKLPSTWNISVCDYLKQQLNILRAADSQQNA
;
_struct_ref.pdbx_align_begin           1 
# 
loop_
_struct_ref_seq.align_id 
_struct_ref_seq.ref_id 
_struct_ref_seq.pdbx_PDB_id_code 
_struct_ref_seq.pdbx_strand_id 
_struct_ref_seq.seq_align_beg 
_struct_ref_seq.pdbx_seq_align_beg_ins_code 
_struct_ref_seq.seq_align_end 
_struct_ref_seq.pdbx_seq_align_end_ins_code 
_struct_ref_seq.pdbx_db_accession 
_struct_ref_seq.db_align_beg 
_struct_ref_seq.pdbx_db_align_beg_ins_code 
_struct_ref_seq.db_align_end 
_struct_ref_seq.pdbx_db_align_end_ins_code 
_struct_ref_seq.pdbx_auth_seq_align_beg 
_struct_ref_seq.pdbx_auth_seq_align_end 
1 1 8RXO A 1 ? 152 ? Q8IJW6 1 ? 152 ? 1 152 
2 1 8RXO B 1 ? 152 ? Q8IJW6 1 ? 152 ? 1 152 
# 
_pdbx_struct_assembly.id                   1 
_pdbx_struct_assembly.details              author_and_software_defined_assembly 
_pdbx_struct_assembly.method_details       PISA 
_pdbx_struct_assembly.oligomeric_details   dimeric 
_pdbx_struct_assembly.oligomeric_count     2 
# 
loop_
_pdbx_struct_assembly_prop.biol_id 
_pdbx_struct_assembly_prop.type 
_pdbx_struct_assembly_prop.value 
_pdbx_struct_assembly_prop.details 
1 'ABSA (A^2)' 2770  ? 
1 MORE         -25   ? 
1 'SSA (A^2)'  11580 ? 
# 
_pdbx_struct_assembly_gen.assembly_id       1 
_pdbx_struct_assembly_gen.oper_expression   1 
_pdbx_struct_assembly_gen.asym_id_list      A,B 
# 
_pdbx_struct_assembly_auth_evidence.id                     1 
_pdbx_struct_assembly_auth_evidence.assembly_id            1 
_pdbx_struct_assembly_auth_evidence.experimental_support   'gel filtration' 
_pdbx_struct_assembly_auth_evidence.details                'Eluted as a monomer on a SEC column.' 
# 
_pdbx_struct_oper_list.id                   1 
_pdbx_struct_oper_list.type                 'identity operation' 
_pdbx_struct_oper_list.name                 1_555 
_pdbx_struct_oper_list.symmetry_operation   x,y,z 
_pdbx_struct_oper_list.matrix[1][1]         1.0000000000 
_pdbx_struct_oper_list.matrix[1][2]         0.0000000000 
_pdbx_struct_oper_list.matrix[1][3]         0.0000000000 
_pdbx_struct_oper_list.vector[1]            0.0000000000 
_pdbx_struct_oper_list.matrix[2][1]         0.0000000000 
_pdbx_struct_oper_list.matrix[2][2]         1.0000000000 
_pdbx_struct_oper_list.matrix[2][3]         0.0000000000 
_pdbx_struct_oper_list.vector[2]            0.0000000000 
_pdbx_struct_oper_list.matrix[3][1]         0.0000000000 
_pdbx_struct_oper_list.matrix[3][2]         0.0000000000 
_pdbx_struct_oper_list.matrix[3][3]         1.0000000000 
_pdbx_struct_oper_list.vector[3]            0.0000000000 
# 
loop_
_struct_conf.conf_type_id 
_struct_conf.id 
_struct_conf.pdbx_PDB_helix_id 
_struct_conf.beg_label_comp_id 
_struct_conf.beg_label_asym_id 
_struct_conf.beg_label_seq_id 
_struct_conf.pdbx_beg_PDB_ins_code 
_struct_conf.end_label_comp_id 
_struct_conf.end_label_asym_id 
_struct_conf.end_label_seq_id 
_struct_conf.pdbx_end_PDB_ins_code 
_struct_conf.beg_auth_comp_id 
_struct_conf.beg_auth_asym_id 
_struct_conf.beg_auth_seq_id 
_struct_conf.end_auth_comp_id 
_struct_conf.end_auth_asym_id 
_struct_conf.end_auth_seq_id 
_struct_conf.pdbx_PDB_helix_class 
_struct_conf.details 
_struct_conf.pdbx_PDB_helix_length 
HELX_P HELX_P1  AA1 VAL A 61  ? CYS A 80  ? VAL A 61  CYS A 80  1 ? 20 
HELX_P HELX_P2  AA2 THR A 85  ? ALA A 102 ? THR A 85  ALA A 102 1 ? 18 
HELX_P HELX_P3  AA3 THR A 104 ? PHE A 115 ? THR A 104 PHE A 115 1 ? 12 
HELX_P HELX_P4  AA4 PHE A 115 ? ASN A 122 ? PHE A 115 ASN A 122 1 ? 8  
HELX_P HELX_P5  AA5 SER A 131 ? SER A 148 ? SER A 131 SER A 148 1 ? 18 
HELX_P HELX_P6  AA6 ARG B 50  ? THR B 54  ? ARG B 50  THR B 54  1 ? 5  
HELX_P HELX_P7  AA7 LEU B 59  ? CYS B 80  ? LEU B 59  CYS B 80  1 ? 22 
HELX_P HELX_P8  AA8 THR B 85  ? ALA B 102 ? THR B 85  ALA B 102 1 ? 18 
HELX_P HELX_P9  AA9 THR B 104 ? PHE B 115 ? THR B 104 PHE B 115 1 ? 12 
HELX_P HELX_P10 AB1 PHE B 115 ? ASN B 122 ? PHE B 115 ASN B 122 1 ? 8  
HELX_P HELX_P11 AB2 SER B 131 ? ALA B 152 ? SER B 131 ALA B 152 1 ? 22 
# 
_struct_conf_type.id          HELX_P 
_struct_conf_type.criteria    ? 
_struct_conf_type.reference   ? 
# 
_pdbx_entry_details.entry_id                   8RXO 
_pdbx_entry_details.compound_details           ? 
_pdbx_entry_details.source_details             ? 
_pdbx_entry_details.nonpolymer_details         ? 
_pdbx_entry_details.sequence_details           ? 
_pdbx_entry_details.has_ligand_of_interest     ? 
_pdbx_entry_details.has_protein_modification   N 
# 
loop_
_pdbx_validate_torsion.id 
_pdbx_validate_torsion.PDB_model_num 
_pdbx_validate_torsion.auth_comp_id 
_pdbx_validate_torsion.auth_asym_id 
_pdbx_validate_torsion.auth_seq_id 
_pdbx_validate_torsion.PDB_ins_code 
_pdbx_validate_torsion.label_alt_id 
_pdbx_validate_torsion.phi 
_pdbx_validate_torsion.psi 
1 1 SER A 84  ? ? -156.29 48.29  
2 1 VAL A 103 ? ? -123.18 -51.17 
3 1 THR B 54  ? ? -92.46  38.82  
4 1 TRP B 128 ? ? -59.82  107.89 
# 
loop_
_pdbx_unobs_or_zero_occ_residues.id 
_pdbx_unobs_or_zero_occ_residues.PDB_model_num 
_pdbx_unobs_or_zero_occ_residues.polymer_flag 
_pdbx_unobs_or_zero_occ_residues.occupancy_flag 
_pdbx_unobs_or_zero_occ_residues.auth_asym_id 
_pdbx_unobs_or_zero_occ_residues.auth_comp_id 
_pdbx_unobs_or_zero_occ_residues.auth_seq_id 
_pdbx_unobs_or_zero_occ_residues.PDB_ins_code 
_pdbx_unobs_or_zero_occ_residues.label_asym_id 
_pdbx_unobs_or_zero_occ_residues.label_comp_id 
_pdbx_unobs_or_zero_occ_residues.label_seq_id 
1   1 Y 1 A MET 1   ? A MET 1   
2   1 Y 1 A GLU 2   ? A GLU 2   
3   1 Y 1 A THR 3   ? A THR 3   
4   1 Y 1 A LEU 4   ? A LEU 4   
5   1 Y 1 A VAL 5   ? A VAL 5   
6   1 Y 1 A ASN 6   ? A ASN 6   
7   1 Y 1 A GLU 7   ? A GLU 7   
8   1 Y 1 A ARG 8   ? A ARG 8   
9   1 Y 1 A ASP 9   ? A ASP 9   
10  1 Y 1 A ILE 10  ? A ILE 10  
11  1 Y 1 A ASN 11  ? A ASN 11  
12  1 Y 1 A ILE 12  ? A ILE 12  
13  1 Y 1 A LYS 13  ? A LYS 13  
14  1 Y 1 A ASN 14  ? A ASN 14  
15  1 Y 1 A GLU 15  ? A GLU 15  
16  1 Y 1 A ASN 16  ? A ASN 16  
17  1 Y 1 A SER 17  ? A SER 17  
18  1 Y 1 A LYS 18  ? A LYS 18  
19  1 Y 1 A ASP 19  ? A ASP 19  
20  1 Y 1 A ASN 20  ? A ASN 20  
21  1 Y 1 A ASN 21  ? A ASN 21  
22  1 Y 1 A LYS 22  ? A LYS 22  
23  1 Y 1 A GLU 23  ? A GLU 23  
24  1 Y 1 A MET 24  ? A MET 24  
25  1 Y 1 A MET 25  ? A MET 25  
26  1 Y 1 A ILE 26  ? A ILE 26  
27  1 Y 1 A GLY 27  ? A GLY 27  
28  1 Y 1 A MET 28  ? A MET 28  
29  1 Y 1 A SER 29  ? A SER 29  
30  1 Y 1 A HIS 30  ? A HIS 30  
31  1 Y 1 A MET 31  ? A MET 31  
32  1 Y 1 A ASN 32  ? A ASN 32  
33  1 Y 1 A HIS 33  ? A HIS 33  
34  1 Y 1 A ASP 34  ? A ASP 34  
35  1 Y 1 A ASP 35  ? A ASP 35  
36  1 Y 1 A GLN 36  ? A GLN 36  
37  1 Y 1 A ASP 37  ? A ASP 37  
38  1 Y 1 A LEU 38  ? A LEU 38  
39  1 Y 1 A ILE 39  ? A ILE 39  
40  1 Y 1 A TYR 40  ? A TYR 40  
41  1 Y 1 A GLU 41  ? A GLU 41  
42  1 Y 1 A LYS 42  ? A LYS 42  
43  1 Y 1 A LYS 43  ? A LYS 43  
44  1 Y 1 A ASP 44  ? A ASP 44  
45  1 Y 1 A ASP 45  ? A ASP 45  
46  1 Y 1 A ILE 46  ? A ILE 46  
47  1 Y 1 A GLU 47  ? A GLU 47  
48  1 Y 1 A SER 48  ? A SER 48  
49  1 Y 1 A LEU 49  ? A LEU 49  
50  1 Y 1 A ARG 50  ? A ARG 50  
51  1 Y 1 A LEU 51  ? A LEU 51  
52  1 Y 1 A HIS 52  ? A HIS 52  
53  1 Y 1 A TYR 53  ? A TYR 53  
54  1 Y 1 A THR 54  ? A THR 54  
55  1 Y 1 A ASP 55  ? A ASP 55  
56  1 Y 1 A GLN 56  ? A GLN 56  
57  1 Y 1 A GLU 57  ? A GLU 57  
58  1 Y 1 A LYS 58  ? A LYS 58  
59  1 Y 1 A GLN 149 ? A GLN 149 
60  1 Y 1 A GLN 150 ? A GLN 150 
61  1 Y 1 A ASN 151 ? A ASN 151 
62  1 Y 1 A ALA 152 ? A ALA 152 
63  1 Y 1 B MET 1   ? B MET 1   
64  1 Y 1 B GLU 2   ? B GLU 2   
65  1 Y 1 B THR 3   ? B THR 3   
66  1 Y 1 B LEU 4   ? B LEU 4   
67  1 Y 1 B VAL 5   ? B VAL 5   
68  1 Y 1 B ASN 6   ? B ASN 6   
69  1 Y 1 B GLU 7   ? B GLU 7   
70  1 Y 1 B ARG 8   ? B ARG 8   
71  1 Y 1 B ASP 9   ? B ASP 9   
72  1 Y 1 B ILE 10  ? B ILE 10  
73  1 Y 1 B ASN 11  ? B ASN 11  
74  1 Y 1 B ILE 12  ? B ILE 12  
75  1 Y 1 B LYS 13  ? B LYS 13  
76  1 Y 1 B ASN 14  ? B ASN 14  
77  1 Y 1 B GLU 15  ? B GLU 15  
78  1 Y 1 B ASN 16  ? B ASN 16  
79  1 Y 1 B SER 17  ? B SER 17  
80  1 Y 1 B LYS 18  ? B LYS 18  
81  1 Y 1 B ASP 19  ? B ASP 19  
82  1 Y 1 B ASN 20  ? B ASN 20  
83  1 Y 1 B ASN 21  ? B ASN 21  
84  1 Y 1 B LYS 22  ? B LYS 22  
85  1 Y 1 B GLU 23  ? B GLU 23  
86  1 Y 1 B MET 24  ? B MET 24  
87  1 Y 1 B MET 25  ? B MET 25  
88  1 Y 1 B ILE 26  ? B ILE 26  
89  1 Y 1 B GLY 27  ? B GLY 27  
90  1 Y 1 B MET 28  ? B MET 28  
91  1 Y 1 B SER 29  ? B SER 29  
92  1 Y 1 B HIS 30  ? B HIS 30  
93  1 Y 1 B MET 31  ? B MET 31  
94  1 Y 1 B ASN 32  ? B ASN 32  
95  1 Y 1 B HIS 33  ? B HIS 33  
96  1 Y 1 B ASP 34  ? B ASP 34  
97  1 Y 1 B ASP 35  ? B ASP 35  
98  1 Y 1 B GLN 36  ? B GLN 36  
99  1 Y 1 B ASP 37  ? B ASP 37  
100 1 Y 1 B LEU 38  ? B LEU 38  
101 1 Y 1 B ILE 39  ? B ILE 39  
102 1 Y 1 B TYR 40  ? B TYR 40  
103 1 Y 1 B GLU 41  ? B GLU 41  
104 1 Y 1 B LYS 42  ? B LYS 42  
105 1 Y 1 B LYS 43  ? B LYS 43  
106 1 Y 1 B ASP 44  ? B ASP 44  
107 1 Y 1 B ASP 45  ? B ASP 45  
108 1 Y 1 B ILE 46  ? B ILE 46  
109 1 Y 1 B GLU 47  ? B GLU 47  
110 1 Y 1 B SER 48  ? B SER 48  
# 
loop_
_chem_comp_atom.comp_id 
_chem_comp_atom.atom_id 
_chem_comp_atom.type_symbol 
_chem_comp_atom.pdbx_aromatic_flag 
_chem_comp_atom.pdbx_stereo_config 
_chem_comp_atom.pdbx_ordinal 
ALA N    N N N 1   
ALA CA   C N S 2   
ALA C    C N N 3   
ALA O    O N N 4   
ALA CB   C N N 5   
ALA OXT  O N N 6   
ALA H    H N N 7   
ALA H2   H N N 8   
ALA HA   H N N 9   
ALA HB1  H N N 10  
ALA HB2  H N N 11  
ALA HB3  H N N 12  
ALA HXT  H N N 13  
ARG N    N N N 14  
ARG CA   C N S 15  
ARG C    C N N 16  
ARG O    O N N 17  
ARG CB   C N N 18  
ARG CG   C N N 19  
ARG CD   C N N 20  
ARG NE   N N N 21  
ARG CZ   C N N 22  
ARG NH1  N N N 23  
ARG NH2  N N N 24  
ARG OXT  O N N 25  
ARG H    H N N 26  
ARG H2   H N N 27  
ARG HA   H N N 28  
ARG HB2  H N N 29  
ARG HB3  H N N 30  
ARG HG2  H N N 31  
ARG HG3  H N N 32  
ARG HD2  H N N 33  
ARG HD3  H N N 34  
ARG HE   H N N 35  
ARG HH11 H N N 36  
ARG HH12 H N N 37  
ARG HH21 H N N 38  
ARG HH22 H N N 39  
ARG HXT  H N N 40  
ASN N    N N N 41  
ASN CA   C N S 42  
ASN C    C N N 43  
ASN O    O N N 44  
ASN CB   C N N 45  
ASN CG   C N N 46  
ASN OD1  O N N 47  
ASN ND2  N N N 48  
ASN OXT  O N N 49  
ASN H    H N N 50  
ASN H2   H N N 51  
ASN HA   H N N 52  
ASN HB2  H N N 53  
ASN HB3  H N N 54  
ASN HD21 H N N 55  
ASN HD22 H N N 56  
ASN HXT  H N N 57  
ASP N    N N N 58  
ASP CA   C N S 59  
ASP C    C N N 60  
ASP O    O N N 61  
ASP CB   C N N 62  
ASP CG   C N N 63  
ASP OD1  O N N 64  
ASP OD2  O N N 65  
ASP OXT  O N N 66  
ASP H    H N N 67  
ASP H2   H N N 68  
ASP HA   H N N 69  
ASP HB2  H N N 70  
ASP HB3  H N N 71  
ASP HD2  H N N 72  
ASP HXT  H N N 73  
CYS N    N N N 74  
CYS CA   C N R 75  
CYS C    C N N 76  
CYS O    O N N 77  
CYS CB   C N N 78  
CYS SG   S N N 79  
CYS OXT  O N N 80  
CYS H    H N N 81  
CYS H2   H N N 82  
CYS HA   H N N 83  
CYS HB2  H N N 84  
CYS HB3  H N N 85  
CYS HG   H N N 86  
CYS HXT  H N N 87  
GLN N    N N N 88  
GLN CA   C N S 89  
GLN C    C N N 90  
GLN O    O N N 91  
GLN CB   C N N 92  
GLN CG   C N N 93  
GLN CD   C N N 94  
GLN OE1  O N N 95  
GLN NE2  N N N 96  
GLN OXT  O N N 97  
GLN H    H N N 98  
GLN H2   H N N 99  
GLN HA   H N N 100 
GLN HB2  H N N 101 
GLN HB3  H N N 102 
GLN HG2  H N N 103 
GLN HG3  H N N 104 
GLN HE21 H N N 105 
GLN HE22 H N N 106 
GLN HXT  H N N 107 
GLU N    N N N 108 
GLU CA   C N S 109 
GLU C    C N N 110 
GLU O    O N N 111 
GLU CB   C N N 112 
GLU CG   C N N 113 
GLU CD   C N N 114 
GLU OE1  O N N 115 
GLU OE2  O N N 116 
GLU OXT  O N N 117 
GLU H    H N N 118 
GLU H2   H N N 119 
GLU HA   H N N 120 
GLU HB2  H N N 121 
GLU HB3  H N N 122 
GLU HG2  H N N 123 
GLU HG3  H N N 124 
GLU HE2  H N N 125 
GLU HXT  H N N 126 
GLY N    N N N 127 
GLY CA   C N N 128 
GLY C    C N N 129 
GLY O    O N N 130 
GLY OXT  O N N 131 
GLY H    H N N 132 
GLY H2   H N N 133 
GLY HA2  H N N 134 
GLY HA3  H N N 135 
GLY HXT  H N N 136 
HIS N    N N N 137 
HIS CA   C N S 138 
HIS C    C N N 139 
HIS O    O N N 140 
HIS CB   C N N 141 
HIS CG   C Y N 142 
HIS ND1  N Y N 143 
HIS CD2  C Y N 144 
HIS CE1  C Y N 145 
HIS NE2  N Y N 146 
HIS OXT  O N N 147 
HIS H    H N N 148 
HIS H2   H N N 149 
HIS HA   H N N 150 
HIS HB2  H N N 151 
HIS HB3  H N N 152 
HIS HD1  H N N 153 
HIS HD2  H N N 154 
HIS HE1  H N N 155 
HIS HE2  H N N 156 
HIS HXT  H N N 157 
ILE N    N N N 158 
ILE CA   C N S 159 
ILE C    C N N 160 
ILE O    O N N 161 
ILE CB   C N S 162 
ILE CG1  C N N 163 
ILE CG2  C N N 164 
ILE CD1  C N N 165 
ILE OXT  O N N 166 
ILE H    H N N 167 
ILE H2   H N N 168 
ILE HA   H N N 169 
ILE HB   H N N 170 
ILE HG12 H N N 171 
ILE HG13 H N N 172 
ILE HG21 H N N 173 
ILE HG22 H N N 174 
ILE HG23 H N N 175 
ILE HD11 H N N 176 
ILE HD12 H N N 177 
ILE HD13 H N N 178 
ILE HXT  H N N 179 
LEU N    N N N 180 
LEU CA   C N S 181 
LEU C    C N N 182 
LEU O    O N N 183 
LEU CB   C N N 184 
LEU CG   C N N 185 
LEU CD1  C N N 186 
LEU CD2  C N N 187 
LEU OXT  O N N 188 
LEU H    H N N 189 
LEU H2   H N N 190 
LEU HA   H N N 191 
LEU HB2  H N N 192 
LEU HB3  H N N 193 
LEU HG   H N N 194 
LEU HD11 H N N 195 
LEU HD12 H N N 196 
LEU HD13 H N N 197 
LEU HD21 H N N 198 
LEU HD22 H N N 199 
LEU HD23 H N N 200 
LEU HXT  H N N 201 
LYS N    N N N 202 
LYS CA   C N S 203 
LYS C    C N N 204 
LYS O    O N N 205 
LYS CB   C N N 206 
LYS CG   C N N 207 
LYS CD   C N N 208 
LYS CE   C N N 209 
LYS NZ   N N N 210 
LYS OXT  O N N 211 
LYS H    H N N 212 
LYS H2   H N N 213 
LYS HA   H N N 214 
LYS HB2  H N N 215 
LYS HB3  H N N 216 
LYS HG2  H N N 217 
LYS HG3  H N N 218 
LYS HD2  H N N 219 
LYS HD3  H N N 220 
LYS HE2  H N N 221 
LYS HE3  H N N 222 
LYS HZ1  H N N 223 
LYS HZ2  H N N 224 
LYS HZ3  H N N 225 
LYS HXT  H N N 226 
MET N    N N N 227 
MET CA   C N S 228 
MET C    C N N 229 
MET O    O N N 230 
MET CB   C N N 231 
MET CG   C N N 232 
MET SD   S N N 233 
MET CE   C N N 234 
MET OXT  O N N 235 
MET H    H N N 236 
MET H2   H N N 237 
MET HA   H N N 238 
MET HB2  H N N 239 
MET HB3  H N N 240 
MET HG2  H N N 241 
MET HG3  H N N 242 
MET HE1  H N N 243 
MET HE2  H N N 244 
MET HE3  H N N 245 
MET HXT  H N N 246 
PHE N    N N N 247 
PHE CA   C N S 248 
PHE C    C N N 249 
PHE O    O N N 250 
PHE CB   C N N 251 
PHE CG   C Y N 252 
PHE CD1  C Y N 253 
PHE CD2  C Y N 254 
PHE CE1  C Y N 255 
PHE CE2  C Y N 256 
PHE CZ   C Y N 257 
PHE OXT  O N N 258 
PHE H    H N N 259 
PHE H2   H N N 260 
PHE HA   H N N 261 
PHE HB2  H N N 262 
PHE HB3  H N N 263 
PHE HD1  H N N 264 
PHE HD2  H N N 265 
PHE HE1  H N N 266 
PHE HE2  H N N 267 
PHE HZ   H N N 268 
PHE HXT  H N N 269 
PRO N    N N N 270 
PRO CA   C N S 271 
PRO C    C N N 272 
PRO O    O N N 273 
PRO CB   C N N 274 
PRO CG   C N N 275 
PRO CD   C N N 276 
PRO OXT  O N N 277 
PRO H    H N N 278 
PRO HA   H N N 279 
PRO HB2  H N N 280 
PRO HB3  H N N 281 
PRO HG2  H N N 282 
PRO HG3  H N N 283 
PRO HD2  H N N 284 
PRO HD3  H N N 285 
PRO HXT  H N N 286 
SER N    N N N 287 
SER CA   C N S 288 
SER C    C N N 289 
SER O    O N N 290 
SER CB   C N N 291 
SER OG   O N N 292 
SER OXT  O N N 293 
SER H    H N N 294 
SER H2   H N N 295 
SER HA   H N N 296 
SER HB2  H N N 297 
SER HB3  H N N 298 
SER HG   H N N 299 
SER HXT  H N N 300 
THR N    N N N 301 
THR CA   C N S 302 
THR C    C N N 303 
THR O    O N N 304 
THR CB   C N R 305 
THR OG1  O N N 306 
THR CG2  C N N 307 
THR OXT  O N N 308 
THR H    H N N 309 
THR H2   H N N 310 
THR HA   H N N 311 
THR HB   H N N 312 
THR HG1  H N N 313 
THR HG21 H N N 314 
THR HG22 H N N 315 
THR HG23 H N N 316 
THR HXT  H N N 317 
TRP N    N N N 318 
TRP CA   C N S 319 
TRP C    C N N 320 
TRP O    O N N 321 
TRP CB   C N N 322 
TRP CG   C Y N 323 
TRP CD1  C Y N 324 
TRP CD2  C Y N 325 
TRP NE1  N Y N 326 
TRP CE2  C Y N 327 
TRP CE3  C Y N 328 
TRP CZ2  C Y N 329 
TRP CZ3  C Y N 330 
TRP CH2  C Y N 331 
TRP OXT  O N N 332 
TRP H    H N N 333 
TRP H2   H N N 334 
TRP HA   H N N 335 
TRP HB2  H N N 336 
TRP HB3  H N N 337 
TRP HD1  H N N 338 
TRP HE1  H N N 339 
TRP HE3  H N N 340 
TRP HZ2  H N N 341 
TRP HZ3  H N N 342 
TRP HH2  H N N 343 
TRP HXT  H N N 344 
TYR N    N N N 345 
TYR CA   C N S 346 
TYR C    C N N 347 
TYR O    O N N 348 
TYR CB   C N N 349 
TYR CG   C Y N 350 
TYR CD1  C Y N 351 
TYR CD2  C Y N 352 
TYR CE1  C Y N 353 
TYR CE2  C Y N 354 
TYR CZ   C Y N 355 
TYR OH   O N N 356 
TYR OXT  O N N 357 
TYR H    H N N 358 
TYR H2   H N N 359 
TYR HA   H N N 360 
TYR HB2  H N N 361 
TYR HB3  H N N 362 
TYR HD1  H N N 363 
TYR HD2  H N N 364 
TYR HE1  H N N 365 
TYR HE2  H N N 366 
TYR HH   H N N 367 
TYR HXT  H N N 368 
VAL N    N N N 369 
VAL CA   C N S 370 
VAL C    C N N 371 
VAL O    O N N 372 
VAL CB   C N N 373 
VAL CG1  C N N 374 
VAL CG2  C N N 375 
VAL OXT  O N N 376 
VAL H    H N N 377 
VAL H2   H N N 378 
VAL HA   H N N 379 
VAL HB   H N N 380 
VAL HG11 H N N 381 
VAL HG12 H N N 382 
VAL HG13 H N N 383 
VAL HG21 H N N 384 
VAL HG22 H N N 385 
VAL HG23 H N N 386 
VAL HXT  H N N 387 
# 
loop_
_chem_comp_bond.comp_id 
_chem_comp_bond.atom_id_1 
_chem_comp_bond.atom_id_2 
_chem_comp_bond.value_order 
_chem_comp_bond.pdbx_aromatic_flag 
_chem_comp_bond.pdbx_stereo_config 
_chem_comp_bond.pdbx_ordinal 
ALA N   CA   sing N N 1   
ALA N   H    sing N N 2   
ALA N   H2   sing N N 3   
ALA CA  C    sing N N 4   
ALA CA  CB   sing N N 5   
ALA CA  HA   sing N N 6   
ALA C   O    doub N N 7   
ALA C   OXT  sing N N 8   
ALA CB  HB1  sing N N 9   
ALA CB  HB2  sing N N 10  
ALA CB  HB3  sing N N 11  
ALA OXT HXT  sing N N 12  
ARG N   CA   sing N N 13  
ARG N   H    sing N N 14  
ARG N   H2   sing N N 15  
ARG CA  C    sing N N 16  
ARG CA  CB   sing N N 17  
ARG CA  HA   sing N N 18  
ARG C   O    doub N N 19  
ARG C   OXT  sing N N 20  
ARG CB  CG   sing N N 21  
ARG CB  HB2  sing N N 22  
ARG CB  HB3  sing N N 23  
ARG CG  CD   sing N N 24  
ARG CG  HG2  sing N N 25  
ARG CG  HG3  sing N N 26  
ARG CD  NE   sing N N 27  
ARG CD  HD2  sing N N 28  
ARG CD  HD3  sing N N 29  
ARG NE  CZ   sing N N 30  
ARG NE  HE   sing N N 31  
ARG CZ  NH1  sing N N 32  
ARG CZ  NH2  doub N N 33  
ARG NH1 HH11 sing N N 34  
ARG NH1 HH12 sing N N 35  
ARG NH2 HH21 sing N N 36  
ARG NH2 HH22 sing N N 37  
ARG OXT HXT  sing N N 38  
ASN N   CA   sing N N 39  
ASN N   H    sing N N 40  
ASN N   H2   sing N N 41  
ASN CA  C    sing N N 42  
ASN CA  CB   sing N N 43  
ASN CA  HA   sing N N 44  
ASN C   O    doub N N 45  
ASN C   OXT  sing N N 46  
ASN CB  CG   sing N N 47  
ASN CB  HB2  sing N N 48  
ASN CB  HB3  sing N N 49  
ASN CG  OD1  doub N N 50  
ASN CG  ND2  sing N N 51  
ASN ND2 HD21 sing N N 52  
ASN ND2 HD22 sing N N 53  
ASN OXT HXT  sing N N 54  
ASP N   CA   sing N N 55  
ASP N   H    sing N N 56  
ASP N   H2   sing N N 57  
ASP CA  C    sing N N 58  
ASP CA  CB   sing N N 59  
ASP CA  HA   sing N N 60  
ASP C   O    doub N N 61  
ASP C   OXT  sing N N 62  
ASP CB  CG   sing N N 63  
ASP CB  HB2  sing N N 64  
ASP CB  HB3  sing N N 65  
ASP CG  OD1  doub N N 66  
ASP CG  OD2  sing N N 67  
ASP OD2 HD2  sing N N 68  
ASP OXT HXT  sing N N 69  
CYS N   CA   sing N N 70  
CYS N   H    sing N N 71  
CYS N   H2   sing N N 72  
CYS CA  C    sing N N 73  
CYS CA  CB   sing N N 74  
CYS CA  HA   sing N N 75  
CYS C   O    doub N N 76  
CYS C   OXT  sing N N 77  
CYS CB  SG   sing N N 78  
CYS CB  HB2  sing N N 79  
CYS CB  HB3  sing N N 80  
CYS SG  HG   sing N N 81  
CYS OXT HXT  sing N N 82  
GLN N   CA   sing N N 83  
GLN N   H    sing N N 84  
GLN N   H2   sing N N 85  
GLN CA  C    sing N N 86  
GLN CA  CB   sing N N 87  
GLN CA  HA   sing N N 88  
GLN C   O    doub N N 89  
GLN C   OXT  sing N N 90  
GLN CB  CG   sing N N 91  
GLN CB  HB2  sing N N 92  
GLN CB  HB3  sing N N 93  
GLN CG  CD   sing N N 94  
GLN CG  HG2  sing N N 95  
GLN CG  HG3  sing N N 96  
GLN CD  OE1  doub N N 97  
GLN CD  NE2  sing N N 98  
GLN NE2 HE21 sing N N 99  
GLN NE2 HE22 sing N N 100 
GLN OXT HXT  sing N N 101 
GLU N   CA   sing N N 102 
GLU N   H    sing N N 103 
GLU N   H2   sing N N 104 
GLU CA  C    sing N N 105 
GLU CA  CB   sing N N 106 
GLU CA  HA   sing N N 107 
GLU C   O    doub N N 108 
GLU C   OXT  sing N N 109 
GLU CB  CG   sing N N 110 
GLU CB  HB2  sing N N 111 
GLU CB  HB3  sing N N 112 
GLU CG  CD   sing N N 113 
GLU CG  HG2  sing N N 114 
GLU CG  HG3  sing N N 115 
GLU CD  OE1  doub N N 116 
GLU CD  OE2  sing N N 117 
GLU OE2 HE2  sing N N 118 
GLU OXT HXT  sing N N 119 
GLY N   CA   sing N N 120 
GLY N   H    sing N N 121 
GLY N   H2   sing N N 122 
GLY CA  C    sing N N 123 
GLY CA  HA2  sing N N 124 
GLY CA  HA3  sing N N 125 
GLY C   O    doub N N 126 
GLY C   OXT  sing N N 127 
GLY OXT HXT  sing N N 128 
HIS N   CA   sing N N 129 
HIS N   H    sing N N 130 
HIS N   H2   sing N N 131 
HIS CA  C    sing N N 132 
HIS CA  CB   sing N N 133 
HIS CA  HA   sing N N 134 
HIS C   O    doub N N 135 
HIS C   OXT  sing N N 136 
HIS CB  CG   sing N N 137 
HIS CB  HB2  sing N N 138 
HIS CB  HB3  sing N N 139 
HIS CG  ND1  sing Y N 140 
HIS CG  CD2  doub Y N 141 
HIS ND1 CE1  doub Y N 142 
HIS ND1 HD1  sing N N 143 
HIS CD2 NE2  sing Y N 144 
HIS CD2 HD2  sing N N 145 
HIS CE1 NE2  sing Y N 146 
HIS CE1 HE1  sing N N 147 
HIS NE2 HE2  sing N N 148 
HIS OXT HXT  sing N N 149 
ILE N   CA   sing N N 150 
ILE N   H    sing N N 151 
ILE N   H2   sing N N 152 
ILE CA  C    sing N N 153 
ILE CA  CB   sing N N 154 
ILE CA  HA   sing N N 155 
ILE C   O    doub N N 156 
ILE C   OXT  sing N N 157 
ILE CB  CG1  sing N N 158 
ILE CB  CG2  sing N N 159 
ILE CB  HB   sing N N 160 
ILE CG1 CD1  sing N N 161 
ILE CG1 HG12 sing N N 162 
ILE CG1 HG13 sing N N 163 
ILE CG2 HG21 sing N N 164 
ILE CG2 HG22 sing N N 165 
ILE CG2 HG23 sing N N 166 
ILE CD1 HD11 sing N N 167 
ILE CD1 HD12 sing N N 168 
ILE CD1 HD13 sing N N 169 
ILE OXT HXT  sing N N 170 
LEU N   CA   sing N N 171 
LEU N   H    sing N N 172 
LEU N   H2   sing N N 173 
LEU CA  C    sing N N 174 
LEU CA  CB   sing N N 175 
LEU CA  HA   sing N N 176 
LEU C   O    doub N N 177 
LEU C   OXT  sing N N 178 
LEU CB  CG   sing N N 179 
LEU CB  HB2  sing N N 180 
LEU CB  HB3  sing N N 181 
LEU CG  CD1  sing N N 182 
LEU CG  CD2  sing N N 183 
LEU CG  HG   sing N N 184 
LEU CD1 HD11 sing N N 185 
LEU CD1 HD12 sing N N 186 
LEU CD1 HD13 sing N N 187 
LEU CD2 HD21 sing N N 188 
LEU CD2 HD22 sing N N 189 
LEU CD2 HD23 sing N N 190 
LEU OXT HXT  sing N N 191 
LYS N   CA   sing N N 192 
LYS N   H    sing N N 193 
LYS N   H2   sing N N 194 
LYS CA  C    sing N N 195 
LYS CA  CB   sing N N 196 
LYS CA  HA   sing N N 197 
LYS C   O    doub N N 198 
LYS C   OXT  sing N N 199 
LYS CB  CG   sing N N 200 
LYS CB  HB2  sing N N 201 
LYS CB  HB3  sing N N 202 
LYS CG  CD   sing N N 203 
LYS CG  HG2  sing N N 204 
LYS CG  HG3  sing N N 205 
LYS CD  CE   sing N N 206 
LYS CD  HD2  sing N N 207 
LYS CD  HD3  sing N N 208 
LYS CE  NZ   sing N N 209 
LYS CE  HE2  sing N N 210 
LYS CE  HE3  sing N N 211 
LYS NZ  HZ1  sing N N 212 
LYS NZ  HZ2  sing N N 213 
LYS NZ  HZ3  sing N N 214 
LYS OXT HXT  sing N N 215 
MET N   CA   sing N N 216 
MET N   H    sing N N 217 
MET N   H2   sing N N 218 
MET CA  C    sing N N 219 
MET CA  CB   sing N N 220 
MET CA  HA   sing N N 221 
MET C   O    doub N N 222 
MET C   OXT  sing N N 223 
MET CB  CG   sing N N 224 
MET CB  HB2  sing N N 225 
MET CB  HB3  sing N N 226 
MET CG  SD   sing N N 227 
MET CG  HG2  sing N N 228 
MET CG  HG3  sing N N 229 
MET SD  CE   sing N N 230 
MET CE  HE1  sing N N 231 
MET CE  HE2  sing N N 232 
MET CE  HE3  sing N N 233 
MET OXT HXT  sing N N 234 
PHE N   CA   sing N N 235 
PHE N   H    sing N N 236 
PHE N   H2   sing N N 237 
PHE CA  C    sing N N 238 
PHE CA  CB   sing N N 239 
PHE CA  HA   sing N N 240 
PHE C   O    doub N N 241 
PHE C   OXT  sing N N 242 
PHE CB  CG   sing N N 243 
PHE CB  HB2  sing N N 244 
PHE CB  HB3  sing N N 245 
PHE CG  CD1  doub Y N 246 
PHE CG  CD2  sing Y N 247 
PHE CD1 CE1  sing Y N 248 
PHE CD1 HD1  sing N N 249 
PHE CD2 CE2  doub Y N 250 
PHE CD2 HD2  sing N N 251 
PHE CE1 CZ   doub Y N 252 
PHE CE1 HE1  sing N N 253 
PHE CE2 CZ   sing Y N 254 
PHE CE2 HE2  sing N N 255 
PHE CZ  HZ   sing N N 256 
PHE OXT HXT  sing N N 257 
PRO N   CA   sing N N 258 
PRO N   CD   sing N N 259 
PRO N   H    sing N N 260 
PRO CA  C    sing N N 261 
PRO CA  CB   sing N N 262 
PRO CA  HA   sing N N 263 
PRO C   O    doub N N 264 
PRO C   OXT  sing N N 265 
PRO CB  CG   sing N N 266 
PRO CB  HB2  sing N N 267 
PRO CB  HB3  sing N N 268 
PRO CG  CD   sing N N 269 
PRO CG  HG2  sing N N 270 
PRO CG  HG3  sing N N 271 
PRO CD  HD2  sing N N 272 
PRO CD  HD3  sing N N 273 
PRO OXT HXT  sing N N 274 
SER N   CA   sing N N 275 
SER N   H    sing N N 276 
SER N   H2   sing N N 277 
SER CA  C    sing N N 278 
SER CA  CB   sing N N 279 
SER CA  HA   sing N N 280 
SER C   O    doub N N 281 
SER C   OXT  sing N N 282 
SER CB  OG   sing N N 283 
SER CB  HB2  sing N N 284 
SER CB  HB3  sing N N 285 
SER OG  HG   sing N N 286 
SER OXT HXT  sing N N 287 
THR N   CA   sing N N 288 
THR N   H    sing N N 289 
THR N   H2   sing N N 290 
THR CA  C    sing N N 291 
THR CA  CB   sing N N 292 
THR CA  HA   sing N N 293 
THR C   O    doub N N 294 
THR C   OXT  sing N N 295 
THR CB  OG1  sing N N 296 
THR CB  CG2  sing N N 297 
THR CB  HB   sing N N 298 
THR OG1 HG1  sing N N 299 
THR CG2 HG21 sing N N 300 
THR CG2 HG22 sing N N 301 
THR CG2 HG23 sing N N 302 
THR OXT HXT  sing N N 303 
TRP N   CA   sing N N 304 
TRP N   H    sing N N 305 
TRP N   H2   sing N N 306 
TRP CA  C    sing N N 307 
TRP CA  CB   sing N N 308 
TRP CA  HA   sing N N 309 
TRP C   O    doub N N 310 
TRP C   OXT  sing N N 311 
TRP CB  CG   sing N N 312 
TRP CB  HB2  sing N N 313 
TRP CB  HB3  sing N N 314 
TRP CG  CD1  doub Y N 315 
TRP CG  CD2  sing Y N 316 
TRP CD1 NE1  sing Y N 317 
TRP CD1 HD1  sing N N 318 
TRP CD2 CE2  doub Y N 319 
TRP CD2 CE3  sing Y N 320 
TRP NE1 CE2  sing Y N 321 
TRP NE1 HE1  sing N N 322 
TRP CE2 CZ2  sing Y N 323 
TRP CE3 CZ3  doub Y N 324 
TRP CE3 HE3  sing N N 325 
TRP CZ2 CH2  doub Y N 326 
TRP CZ2 HZ2  sing N N 327 
TRP CZ3 CH2  sing Y N 328 
TRP CZ3 HZ3  sing N N 329 
TRP CH2 HH2  sing N N 330 
TRP OXT HXT  sing N N 331 
TYR N   CA   sing N N 332 
TYR N   H    sing N N 333 
TYR N   H2   sing N N 334 
TYR CA  C    sing N N 335 
TYR CA  CB   sing N N 336 
TYR CA  HA   sing N N 337 
TYR C   O    doub N N 338 
TYR C   OXT  sing N N 339 
TYR CB  CG   sing N N 340 
TYR CB  HB2  sing N N 341 
TYR CB  HB3  sing N N 342 
TYR CG  CD1  doub Y N 343 
TYR CG  CD2  sing Y N 344 
TYR CD1 CE1  sing Y N 345 
TYR CD1 HD1  sing N N 346 
TYR CD2 CE2  doub Y N 347 
TYR CD2 HD2  sing N N 348 
TYR CE1 CZ   doub Y N 349 
TYR CE1 HE1  sing N N 350 
TYR CE2 CZ   sing Y N 351 
TYR CE2 HE2  sing N N 352 
TYR CZ  OH   sing N N 353 
TYR OH  HH   sing N N 354 
TYR OXT HXT  sing N N 355 
VAL N   CA   sing N N 356 
VAL N   H    sing N N 357 
VAL N   H2   sing N N 358 
VAL CA  C    sing N N 359 
VAL CA  CB   sing N N 360 
VAL CA  HA   sing N N 361 
VAL C   O    doub N N 362 
VAL C   OXT  sing N N 363 
VAL CB  CG1  sing N N 364 
VAL CB  CG2  sing N N 365 
VAL CB  HB   sing N N 366 
VAL CG1 HG11 sing N N 367 
VAL CG1 HG12 sing N N 368 
VAL CG1 HG13 sing N N 369 
VAL CG2 HG21 sing N N 370 
VAL CG2 HG22 sing N N 371 
VAL CG2 HG23 sing N N 372 
VAL OXT HXT  sing N N 373 
# 
_pdbx_audit_support.funding_organization   'Not funded' 
_pdbx_audit_support.country                ? 
_pdbx_audit_support.grant_number           ? 
_pdbx_audit_support.ordinal                1 
# 
_pdbx_initial_refinement_model.id               1 
_pdbx_initial_refinement_model.entity_id_list   ? 
_pdbx_initial_refinement_model.type             'in silico model' 
_pdbx_initial_refinement_model.source_name      AlphaFold 
_pdbx_initial_refinement_model.accession_code   ? 
_pdbx_initial_refinement_model.details          ? 
# 
_atom_sites.entry_id                    8RXO 
_atom_sites.Cartn_transf_matrix[1][1]   ? 
_atom_sites.Cartn_transf_matrix[1][2]   ? 
_atom_sites.Cartn_transf_matrix[1][3]   ? 
_atom_sites.Cartn_transf_matrix[2][1]   ? 
_atom_sites.Cartn_transf_matrix[2][2]   ? 
_atom_sites.Cartn_transf_matrix[2][3]   ? 
_atom_sites.Cartn_transf_matrix[3][1]   ? 
_atom_sites.Cartn_transf_matrix[3][2]   ? 
_atom_sites.Cartn_transf_matrix[3][3]   ? 
_atom_sites.Cartn_transf_vector[1]      ? 
_atom_sites.Cartn_transf_vector[2]      ? 
_atom_sites.Cartn_transf_vector[3]      ? 
_atom_sites.Cartn_transform_axes        ? 
_atom_sites.fract_transf_matrix[1][1]   -0.00090317 
_atom_sites.fract_transf_matrix[1][2]   0.00502492 
_atom_sites.fract_transf_matrix[1][3]   -0.01174537 
_atom_sites.fract_transf_matrix[2][1]   0.01004867 
_atom_sites.fract_transf_matrix[2][2]   -0.00699128 
_atom_sites.fract_transf_matrix[2][3]   -0.00376372 
_atom_sites.fract_transf_matrix[3][1]   -0.00481796 
_atom_sites.fract_transf_matrix[3][2]   -0.00579068 
_atom_sites.fract_transf_matrix[3][3]   -0.00210690 
_atom_sites.fract_transf_vector[1]      -0.337293 
_atom_sites.fract_transf_vector[2]      0.184157 
_atom_sites.fract_transf_vector[3]      0.139734 
_atom_sites.solution_primary            ? 
_atom_sites.solution_secondary          ? 
_atom_sites.solution_hydrogens          ? 
_atom_sites.special_details             ? 
# 
loop_
_atom_type.symbol 
C 
N 
O 
S 
# 
loop_
_atom_site.group_PDB 
_atom_site.id 
_atom_site.type_symbol 
_atom_site.label_atom_id 
_atom_site.label_alt_id 
_atom_site.label_comp_id 
_atom_site.label_asym_id 
_atom_site.label_entity_id 
_atom_site.label_seq_id 
_atom_site.pdbx_PDB_ins_code 
_atom_site.Cartn_x 
_atom_site.Cartn_y 
_atom_site.Cartn_z 
_atom_site.occupancy 
_atom_site.B_iso_or_equiv 
_atom_site.pdbx_formal_charge 
_atom_site.auth_seq_id 
_atom_site.auth_comp_id 
_atom_site.auth_asym_id 
_atom_site.auth_atom_id 
_atom_site.pdbx_PDB_model_num 
ATOM 1    N N   . LEU A 1 59  ? -19.227 15.890  -2.454  1.00 142.19 ? 59  LEU A N   1 
ATOM 2    C CA  . LEU A 1 59  ? -18.051 16.526  -3.031  1.00 121.84 ? 59  LEU A CA  1 
ATOM 3    C C   . LEU A 1 59  ? -16.996 16.734  -1.957  1.00 122.39 ? 59  LEU A C   1 
ATOM 4    O O   . LEU A 1 59  ? -17.301 17.189  -0.854  1.00 129.89 ? 59  LEU A O   1 
ATOM 5    C CB  . LEU A 1 59  ? -18.426 17.854  -3.689  1.00 112.81 ? 59  LEU A CB  1 
ATOM 6    C CG  . LEU A 1 59  ? -17.607 18.323  -4.891  1.00 111.14 ? 59  LEU A CG  1 
ATOM 7    C CD1 . LEU A 1 59  ? -16.782 17.188  -5.482  1.00 115.12 ? 59  LEU A CD1 1 
ATOM 8    C CD2 . LEU A 1 59  ? -18.550 18.890  -5.937  1.00 98.18  ? 59  LEU A CD2 1 
ATOM 9    N N   . ASP A 1 60  ? -15.753 16.389  -2.270  1.00 124.87 ? 60  ASP A N   1 
ATOM 10   C CA  . ASP A 1 60  ? -14.686 16.507  -1.286  1.00 119.47 ? 60  ASP A CA  1 
ATOM 11   C C   . ASP A 1 60  ? -14.264 17.960  -1.108  1.00 112.98 ? 60  ASP A C   1 
ATOM 12   O O   . ASP A 1 60  ? -14.216 18.738  -2.065  1.00 106.43 ? 60  ASP A O   1 
ATOM 13   C CB  . ASP A 1 60  ? -13.487 15.642  -1.677  1.00 116.03 ? 60  ASP A CB  1 
ATOM 14   C CG  . ASP A 1 60  ? -13.193 15.668  -3.163  1.00 119.98 ? 60  ASP A CG  1 
ATOM 15   O OD1 . ASP A 1 60  ? -13.748 16.508  -3.900  1.00 122.64 ? 60  ASP A OD1 1 
ATOM 16   O OD2 . ASP A 1 60  ? -12.395 14.825  -3.598  1.00 122.97 ? 60  ASP A OD2 1 
ATOM 17   N N   . VAL A 1 61  ? -13.947 18.311  0.130   1.00 120.99 ? 61  VAL A N   1 
ATOM 18   C CA  . VAL A 1 61  ? -13.752 19.712  0.508   1.00 100.70 ? 61  VAL A CA  1 
ATOM 19   C C   . VAL A 1 61  ? -12.377 20.174  0.030   1.00 99.95  ? 61  VAL A C   1 
ATOM 20   O O   . VAL A 1 61  ? -11.392 19.432  0.192   1.00 98.48  ? 61  VAL A O   1 
ATOM 21   C CB  . VAL A 1 61  ? -13.908 19.865  2.018   1.00 94.41  ? 61  VAL A CB  1 
ATOM 22   C CG1 . VAL A 1 61  ? -14.209 21.299  2.384   1.00 87.91  ? 61  VAL A CG1 1 
ATOM 23   C CG2 . VAL A 1 61  ? -15.018 18.939  2.519   1.00 122.52 ? 61  VAL A CG2 1 
ATOM 24   N N   . PRO A 1 62  ? -12.259 21.367  -0.570  1.00 94.31  ? 62  PRO A N   1 
ATOM 25   C CA  . PRO A 1 62  ? -10.950 21.788  -1.105  1.00 90.52  ? 62  PRO A CA  1 
ATOM 26   C C   . PRO A 1 62  ? -9.854  21.860  -0.056  1.00 94.37  ? 62  PRO A C   1 
ATOM 27   O O   . PRO A 1 62  ? -8.727  21.407  -0.310  1.00 93.41  ? 62  PRO A O   1 
ATOM 28   C CB  . PRO A 1 62  ? -11.246 23.170  -1.707  1.00 90.19  ? 62  PRO A CB  1 
ATOM 29   C CG  . PRO A 1 62  ? -12.717 23.177  -1.960  1.00 85.92  ? 62  PRO A CG  1 
ATOM 30   C CD  . PRO A 1 62  ? -13.322 22.340  -0.877  1.00 89.80  ? 62  PRO A CD  1 
ATOM 31   N N   . SER A 1 63  ? -10.153 22.420  1.119   1.00 91.78  ? 63  SER A N   1 
ATOM 32   C CA  . SER A 1 63  ? -9.141  22.547  2.163   1.00 93.76  ? 63  SER A CA  1 
ATOM 33   C C   . SER A 1 63  ? -8.640  21.184  2.616   1.00 96.44  ? 63  SER A C   1 
ATOM 34   O O   . SER A 1 63  ? -7.452  21.016  2.907   1.00 96.80  ? 63  SER A O   1 
ATOM 35   C CB  . SER A 1 63  ? -9.703  23.324  3.351   1.00 89.48  ? 63  SER A CB  1 
ATOM 36   O OG  . SER A 1 63  ? -10.758 22.608  3.968   1.00 87.96  ? 63  SER A OG  1 
ATOM 37   N N   . LEU A 1 64  ? -9.529  20.192  2.681   1.00 98.12  ? 64  LEU A N   1 
ATOM 38   C CA  . LEU A 1 64  ? -9.122  18.871  3.147   1.00 98.32  ? 64  LEU A CA  1 
ATOM 39   C C   . LEU A 1 64  ? -8.205  18.196  2.133   1.00 95.06  ? 64  LEU A C   1 
ATOM 40   O O   . LEU A 1 64  ? -7.157  17.640  2.493   1.00 92.41  ? 64  LEU A O   1 
ATOM 41   C CB  . LEU A 1 64  ? -10.358 18.015  3.429   1.00 99.72  ? 64  LEU A CB  1 
ATOM 42   C CG  . LEU A 1 64  ? -10.792 17.896  4.894   1.00 105.03 ? 64  LEU A CG  1 
ATOM 43   C CD1 . LEU A 1 64  ? -9.893  16.921  5.640   1.00 108.83 ? 64  LEU A CD1 1 
ATOM 44   C CD2 . LEU A 1 64  ? -10.787 19.256  5.585   1.00 108.27 ? 64  LEU A CD2 1 
ATOM 45   N N   . VAL A 1 65  ? -8.593  18.231  0.855   1.00 90.22  ? 65  VAL A N   1 
ATOM 46   C CA  . VAL A 1 65  ? -7.739  17.711  -0.210  1.00 90.75  ? 65  VAL A CA  1 
ATOM 47   C C   . VAL A 1 65  ? -6.370  18.375  -0.162  1.00 91.79  ? 65  VAL A C   1 
ATOM 48   O O   . VAL A 1 65  ? -5.332  17.703  -0.243  1.00 87.39  ? 65  VAL A O   1 
ATOM 49   C CB  . VAL A 1 65  ? -8.423  17.907  -1.578  1.00 92.71  ? 65  VAL A CB  1 
ATOM 50   C CG1 . VAL A 1 65  ? -7.524  17.429  -2.703  1.00 92.31  ? 65  VAL A CG1 1 
ATOM 51   C CG2 . VAL A 1 65  ? -9.760  17.174  -1.612  1.00 101.76 ? 65  VAL A CG2 1 
ATOM 52   N N   . GLU A 1 66  ? -6.341  19.703  0.000   1.00 98.44  ? 66  GLU A N   1 
ATOM 53   C CA  . GLU A 1 66  ? -5.065  20.411  -0.016  1.00 96.55  ? 66  GLU A CA  1 
ATOM 54   C C   . GLU A 1 66  ? -4.201  20.056  1.191   1.00 95.23  ? 66  GLU A C   1 
ATOM 55   O O   . GLU A 1 66  ? -2.991  19.827  1.045   1.00 96.87  ? 66  GLU A O   1 
ATOM 56   C CB  . GLU A 1 66  ? -5.296  21.919  -0.096  1.00 94.90  ? 66  GLU A CB  1 
ATOM 57   C CG  . GLU A 1 66  ? -5.005  22.503  -1.472  1.00 107.81 ? 66  GLU A CG  1 
ATOM 58   C CD  . GLU A 1 66  ? -3.546  22.349  -1.872  1.00 104.29 ? 66  GLU A CD  1 
ATOM 59   O OE1 . GLU A 1 66  ? -2.699  22.142  -0.977  1.00 102.55 ? 66  GLU A OE1 1 
ATOM 60   O OE2 . GLU A 1 66  ? -3.242  22.438  -3.080  1.00 108.16 ? 66  GLU A OE2 1 
ATOM 61   N N   . ILE A 1 67  ? -4.794  20.007  2.387   1.00 93.08  ? 67  ILE A N   1 
ATOM 62   C CA  . ILE A 1 67  ? -4.028  19.610  3.567   1.00 91.49  ? 67  ILE A CA  1 
ATOM 63   C C   . ILE A 1 67  ? -3.425  18.232  3.356   1.00 96.54  ? 67  ILE A C   1 
ATOM 64   O O   . ILE A 1 67  ? -2.210  18.050  3.481   1.00 97.09  ? 67  ILE A O   1 
ATOM 65   C CB  . ILE A 1 67  ? -4.898  19.650  4.838   1.00 90.52  ? 67  ILE A CB  1 
ATOM 66   C CG1 . ILE A 1 67  ? -5.398  21.069  5.092   1.00 93.94  ? 67  ILE A CG1 1 
ATOM 67   C CG2 . ILE A 1 67  ? -4.097  19.148  6.039   1.00 90.95  ? 67  ILE A CG2 1 
ATOM 68   C CD1 . ILE A 1 67  ? -5.664  21.389  6.533   1.00 92.72  ? 67  ILE A CD1 1 
ATOM 69   N N   . CYS A 1 68  ? -4.268  17.247  3.021   1.00 98.90  ? 68  CYS A N   1 
ATOM 70   C CA  . CYS A 1 68  ? -3.789  15.880  2.836   1.00 98.64  ? 68  CYS A CA  1 
ATOM 71   C C   . CYS A 1 68  ? -2.664  15.816  1.811   1.00 94.54  ? 68  CYS A C   1 
ATOM 72   O O   . CYS A 1 68  ? -1.662  15.120  2.023   1.00 92.56  ? 68  CYS A O   1 
ATOM 73   C CB  . CYS A 1 68  ? -4.949  14.979  2.419   1.00 95.88  ? 68  CYS A CB  1 
ATOM 74   S SG  . CYS A 1 68  ? -4.467  13.279  2.067   1.00 106.55 ? 68  CYS A SG  1 
ATOM 75   N N   . LYS A 1 69  ? -2.809  16.538  0.695   1.00 91.17  ? 69  LYS A N   1 
ATOM 76   C CA  . LYS A 1 69  ? -1.738  16.581  -0.296  1.00 92.11  ? 69  LYS A CA  1 
ATOM 77   C C   . LYS A 1 69  ? -0.446  17.117  0.310   1.00 93.89  ? 69  LYS A C   1 
ATOM 78   O O   . LYS A 1 69  ? 0.634   16.560  0.078   1.00 97.74  ? 69  LYS A O   1 
ATOM 79   C CB  . LYS A 1 69  ? -2.173  17.427  -1.495  1.00 91.25  ? 69  LYS A CB  1 
ATOM 80   C CG  . LYS A 1 69  ? -1.029  18.064  -2.262  1.00 93.97  ? 69  LYS A CG  1 
ATOM 81   C CD  . LYS A 1 69  ? -1.424  18.401  -3.690  1.00 99.96  ? 69  LYS A CD  1 
ATOM 82   C CE  . LYS A 1 69  ? -2.721  19.181  -3.763  1.00 100.36 ? 69  LYS A CE  1 
ATOM 83   N NZ  . LYS A 1 69  ? -2.928  19.756  -5.121  1.00 103.28 ? 69  LYS A NZ  1 
ATOM 84   N N   . GLN A 1 70  ? -0.537  18.189  1.102   1.00 96.16  ? 70  GLN A N   1 
ATOM 85   C CA  . GLN A 1 70  ? 0.670   18.768  1.687   1.00 96.82  ? 70  GLN A CA  1 
ATOM 86   C C   . GLN A 1 70  ? 1.333   17.813  2.673   1.00 96.12  ? 70  GLN A C   1 
ATOM 87   O O   . GLN A 1 70  ? 2.567   17.713  2.714   1.00 94.81  ? 70  GLN A O   1 
ATOM 88   C CB  . GLN A 1 70  ? 0.343   20.096  2.366   1.00 96.93  ? 70  GLN A CB  1 
ATOM 89   C CG  . GLN A 1 70  ? 0.130   21.237  1.394   1.00 91.75  ? 70  GLN A CG  1 
ATOM 90   C CD  . GLN A 1 70  ? 1.287   21.393  0.424   1.00 95.15  ? 70  GLN A CD  1 
ATOM 91   O OE1 . GLN A 1 70  ? 2.448   21.183  0.778   1.00 96.33  ? 70  GLN A OE1 1 
ATOM 92   N NE2 . GLN A 1 70  ? 0.973   21.761  -0.812  1.00 96.48  ? 70  GLN A NE2 1 
ATOM 93   N N   . GLN A 1 71  ? 0.534   17.109  3.478   1.00 92.92  ? 71  GLN A N   1 
ATOM 94   C CA  . GLN A 1 71  ? 1.109   16.126  4.392   1.00 92.62  ? 71  GLN A CA  1 
ATOM 95   C C   . GLN A 1 71  ? 1.794   15.013  3.617   1.00 101.36 ? 71  GLN A C   1 
ATOM 96   O O   . GLN A 1 71  ? 2.873   14.544  4.004   1.00 100.71 ? 71  GLN A O   1 
ATOM 97   C CB  . GLN A 1 71  ? 0.042   15.537  5.318   1.00 91.29  ? 71  GLN A CB  1 
ATOM 98   C CG  . GLN A 1 71  ? -1.134  16.442  5.604   1.00 92.15  ? 71  GLN A CG  1 
ATOM 99   C CD  . GLN A 1 71  ? -2.024  15.934  6.719   1.00 100.44 ? 71  GLN A CD  1 
ATOM 100  O OE1 . GLN A 1 71  ? -1.595  15.838  7.867   1.00 114.57 ? 71  GLN A OE1 1 
ATOM 101  N NE2 . GLN A 1 71  ? -3.273  15.616  6.389   1.00 104.89 ? 71  GLN A NE2 1 
ATOM 102  N N   . LEU A 1 72  ? 1.180   14.575  2.515   1.00 99.77  ? 72  LEU A N   1 
ATOM 103  C CA  . LEU A 1 72  ? 1.801   13.541  1.695   1.00 93.65  ? 72  LEU A CA  1 
ATOM 104  C C   . LEU A 1 72  ? 3.128   14.018  1.125   1.00 91.40  ? 72  LEU A C   1 
ATOM 105  O O   . LEU A 1 72  ? 4.098   13.253  1.069   1.00 91.33  ? 72  LEU A O   1 
ATOM 106  C CB  . LEU A 1 72  ? 0.853   13.116  0.575   1.00 94.89  ? 72  LEU A CB  1 
ATOM 107  C CG  . LEU A 1 72  ? -0.356  12.287  1.008   1.00 89.81  ? 72  LEU A CG  1 
ATOM 108  C CD1 . LEU A 1 72  ? -1.247  12.008  -0.187  1.00 87.68  ? 72  LEU A CD1 1 
ATOM 109  C CD2 . LEU A 1 72  ? 0.084   10.984  1.669   1.00 88.52  ? 72  LEU A CD2 1 
ATOM 110  N N   . ILE A 1 73  ? 3.199   15.284  0.710   1.00 97.99  ? 73  ILE A N   1 
ATOM 111  C CA  . ILE A 1 73  ? 4.460   15.770  0.160   1.00 94.80  ? 73  ILE A CA  1 
ATOM 112  C C   . ILE A 1 73  ? 5.514   15.897  1.256   1.00 93.56  ? 73  ILE A C   1 
ATOM 113  O O   . ILE A 1 73  ? 6.700   15.650  1.009   1.00 89.67  ? 73  ILE A O   1 
ATOM 114  C CB  . ILE A 1 73  ? 4.260   17.094  -0.601  1.00 84.38  ? 73  ILE A CB  1 
ATOM 115  C CG1 . ILE A 1 73  ? 3.130   16.948  -1.618  1.00 89.93  ? 73  ILE A CG1 1 
ATOM 116  C CG2 . ILE A 1 73  ? 5.527   17.469  -1.348  1.00 82.19  ? 73  ILE A CG2 1 
ATOM 117  C CD1 . ILE A 1 73  ? 3.070   18.068  -2.630  1.00 93.98  ? 73  ILE A CD1 1 
ATOM 118  N N   . VAL A 1 74  ? 5.113   16.260  2.478   1.00 94.47  ? 74  VAL A N   1 
ATOM 119  C CA  . VAL A 1 74  ? 6.066   16.285  3.591   1.00 94.15  ? 74  VAL A CA  1 
ATOM 120  C C   . VAL A 1 74  ? 6.621   14.887  3.844   1.00 101.72 ? 74  VAL A C   1 
ATOM 121  O O   . VAL A 1 74  ? 7.838   14.694  3.996   1.00 102.99 ? 74  VAL A O   1 
ATOM 122  C CB  . VAL A 1 74  ? 5.408   16.862  4.857   1.00 96.15  ? 74  VAL A CB  1 
ATOM 123  C CG1 . VAL A 1 74  ? 6.312   16.662  6.067   1.00 92.49  ? 74  VAL A CG1 1 
ATOM 124  C CG2 . VAL A 1 74  ? 5.094   18.335  4.668   1.00 93.37  ? 74  VAL A CG2 1 
ATOM 125  N N   . ILE A 1 75  ? 5.732   13.891  3.898   1.00 96.77  ? 75  ILE A N   1 
ATOM 126  C CA  . ILE A 1 75  ? 6.160   12.509  4.103   1.00 95.72  ? 75  ILE A CA  1 
ATOM 127  C C   . ILE A 1 75  ? 7.124   12.085  3.000   1.00 95.38  ? 75  ILE A C   1 
ATOM 128  O O   . ILE A 1 75  ? 8.172   11.479  3.262   1.00 100.78 ? 75  ILE A O   1 
ATOM 129  C CB  . ILE A 1 75  ? 4.939   11.574  4.170   1.00 104.02 ? 75  ILE A CB  1 
ATOM 130  C CG1 . ILE A 1 75  ? 3.986   11.991  5.294   1.00 100.59 ? 75  ILE A CG1 1 
ATOM 131  C CG2 . ILE A 1 75  ? 5.387   10.142  4.368   1.00 109.48 ? 75  ILE A CG2 1 
ATOM 132  C CD1 . ILE A 1 75  ? 4.374   11.484  6.659   1.00 103.99 ? 75  ILE A CD1 1 
ATOM 133  N N   . LEU A 1 76  ? 6.785   12.409  1.751   1.00 94.15  ? 76  LEU A N   1 
ATOM 134  C CA  . LEU A 1 76  ? 7.625   12.021  0.622   1.00 97.36  ? 76  LEU A CA  1 
ATOM 135  C C   . LEU A 1 76  ? 9.000   12.673  0.704   1.00 107.60 ? 76  LEU A C   1 
ATOM 136  O O   . LEU A 1 76  ? 10.026  12.000  0.549   1.00 111.62 ? 76  LEU A O   1 
ATOM 137  C CB  . LEU A 1 76  ? 6.929   12.388  -0.688  1.00 98.54  ? 76  LEU A CB  1 
ATOM 138  C CG  . LEU A 1 76  ? 7.736   12.189  -1.970  1.00 101.82 ? 76  LEU A CG  1 
ATOM 139  C CD1 . LEU A 1 76  ? 7.981   10.717  -2.239  1.00 97.40  ? 76  LEU A CD1 1 
ATOM 140  C CD2 . LEU A 1 76  ? 7.021   12.837  -3.139  1.00 102.85 ? 76  LEU A CD2 1 
ATOM 141  N N   . LYS A 1 77  ? 9.040   13.989  0.945   1.00 113.46 ? 77  LYS A N   1 
ATOM 142  C CA  . LYS A 1 77  ? 10.317  14.682  1.089   1.00 106.40 ? 77  LYS A CA  1 
ATOM 143  C C   . LYS A 1 77  ? 11.169  14.052  2.179   1.00 106.26 ? 77  LYS A C   1 
ATOM 144  O O   . LYS A 1 77  ? 12.380  13.870  2.002   1.00 115.06 ? 77  LYS A O   1 
ATOM 145  C CB  . LYS A 1 77  ? 10.097  16.162  1.396   1.00 102.17 ? 77  LYS A CB  1 
ATOM 146  C CG  . LYS A 1 77  ? 9.677   17.003  0.215   1.00 102.80 ? 77  LYS A CG  1 
ATOM 147  C CD  . LYS A 1 77  ? 10.101  18.449  0.415   1.00 111.94 ? 77  LYS A CD  1 
ATOM 148  C CE  . LYS A 1 77  ? 9.000   19.399  -0.016  1.00 100.19 ? 77  LYS A CE  1 
ATOM 149  N NZ  . LYS A 1 77  ? 9.515   20.509  -0.862  1.00 116.19 ? 77  LYS A NZ  1 
ATOM 150  N N   . ASP A 1 78  ? 10.559  13.718  3.319   1.00 102.96 ? 78  ASP A N   1 
ATOM 151  C CA  . ASP A 1 78  ? 11.327  13.111  4.400   1.00 108.57 ? 78  ASP A CA  1 
ATOM 152  C C   . ASP A 1 78  ? 11.883  11.754  3.987   1.00 113.03 ? 78  ASP A C   1 
ATOM 153  O O   . ASP A 1 78  ? 13.078  11.480  4.154   1.00 120.50 ? 78  ASP A O   1 
ATOM 154  C CB  . ASP A 1 78  ? 10.467  12.964  5.651   1.00 107.73 ? 78  ASP A CB  1 
ATOM 155  C CG  . ASP A 1 78  ? 11.137  12.117  6.709   1.00 110.35 ? 78  ASP A CG  1 
ATOM 156  O OD1 . ASP A 1 78  ? 12.140  12.583  7.287   1.00 116.70 ? 78  ASP A OD1 1 
ATOM 157  O OD2 . ASP A 1 78  ? 10.674  10.983  6.950   1.00 110.46 ? 78  ASP A OD2 1 
ATOM 158  N N   . MET A 1 79  ? 11.023  10.890  3.441   1.00 113.53 ? 79  MET A N   1 
ATOM 159  C CA  . MET A 1 79  ? 11.428  9.531   3.094   1.00 115.09 ? 79  MET A CA  1 
ATOM 160  C C   . MET A 1 79  ? 12.528  9.514   2.039   1.00 118.48 ? 79  MET A C   1 
ATOM 161  O O   . MET A 1 79  ? 13.334  8.577   1.999   1.00 127.05 ? 79  MET A O   1 
ATOM 162  C CB  . MET A 1 79  ? 10.205  8.748   2.614   1.00 114.57 ? 79  MET A CB  1 
ATOM 163  C CG  . MET A 1 79  ? 10.456  7.307   2.204   1.00 110.49 ? 79  MET A CG  1 
ATOM 164  S SD  . MET A 1 79  ? 9.153   6.792   1.078   1.00 108.52 ? 79  MET A SD  1 
ATOM 165  C CE  . MET A 1 79  ? 9.259   8.139   -0.091  1.00 102.69 ? 79  MET A CE  1 
ATOM 166  N N   . CYS A 1 80  ? 12.585  10.536  1.184   1.00 114.43 ? 80  CYS A N   1 
ATOM 167  C CA  . CYS A 1 80  ? 13.625  10.651  0.170   1.00 127.70 ? 80  CYS A CA  1 
ATOM 168  C C   . CYS A 1 80  ? 14.680  11.693  0.529   1.00 137.91 ? 80  CYS A C   1 
ATOM 169  O O   . CYS A 1 80  ? 15.297  12.285  -0.363  1.00 143.21 ? 80  CYS A O   1 
ATOM 170  C CB  . CYS A 1 80  ? 13.016  10.971  -1.194  1.00 125.87 ? 80  CYS A CB  1 
ATOM 171  S SG  . CYS A 1 80  ? 11.983  9.662   -1.905  1.00 128.96 ? 80  CYS A SG  1 
ATOM 172  N N   . SER A 1 81  ? 14.888  11.942  1.824   1.00 138.80 ? 81  SER A N   1 
ATOM 173  C CA  . SER A 1 81  ? 16.065  12.698  2.238   1.00 141.50 ? 81  SER A CA  1 
ATOM 174  C C   . SER A 1 81  ? 17.324  11.858  2.096   1.00 152.28 ? 81  SER A C   1 
ATOM 175  O O   . SER A 1 81  ? 18.410  12.406  1.858   1.00 152.53 ? 81  SER A O   1 
ATOM 176  C CB  . SER A 1 81  ? 15.913  13.176  3.681   1.00 135.15 ? 81  SER A CB  1 
ATOM 177  O OG  . SER A 1 81  ? 15.867  12.077  4.577   1.00 133.89 ? 81  SER A OG  1 
ATOM 178  N N   . ASP A 1 82  ? 17.197  10.533  2.237   1.00 156.44 ? 82  ASP A N   1 
ATOM 179  C CA  . ASP A 1 82  ? 18.353  9.655   2.095   1.00 161.64 ? 82  ASP A CA  1 
ATOM 180  C C   . ASP A 1 82  ? 19.007  9.834   0.734   1.00 162.40 ? 82  ASP A C   1 
ATOM 181  O O   . ASP A 1 82  ? 20.232  9.718   0.598   1.00 169.60 ? 82  ASP A O   1 
ATOM 182  C CB  . ASP A 1 82  ? 17.952  8.185   2.247   1.00 160.36 ? 82  ASP A CB  1 
ATOM 183  C CG  . ASP A 1 82  ? 17.001  7.928   3.403   1.00 161.22 ? 82  ASP A CG  1 
ATOM 184  O OD1 . ASP A 1 82  ? 16.722  8.846   4.199   1.00 161.39 ? 82  ASP A OD1 1 
ATOM 185  O OD2 . ASP A 1 82  ? 16.531  6.774   3.509   1.00 154.65 ? 82  ASP A OD2 1 
ATOM 186  N N   . CYS A 1 83  ? 18.206  10.140  -0.279  1.00 160.92 ? 83  CYS A N   1 
ATOM 187  C CA  . CYS A 1 83  ? 18.530  9.801   -1.656  1.00 158.98 ? 83  CYS A CA  1 
ATOM 188  C C   . CYS A 1 83  ? 19.332  10.894  -2.345  1.00 157.01 ? 83  CYS A C   1 
ATOM 189  O O   . CYS A 1 83  ? 19.012  12.083  -2.234  1.00 153.46 ? 83  CYS A O   1 
ATOM 190  C CB  . CYS A 1 83  ? 17.240  9.531   -2.437  1.00 153.29 ? 83  CYS A CB  1 
ATOM 191  S SG  . CYS A 1 83  ? 16.074  8.426   -1.604  1.00 158.01 ? 83  CYS A SG  1 
ATOM 192  N N   . SER A 1 84  ? 20.382  10.474  -3.049  1.00 155.39 ? 84  SER A N   1 
ATOM 193  C CA  . SER A 1 84  ? 21.060  11.288  -4.051  1.00 156.94 ? 84  SER A CA  1 
ATOM 194  C C   . SER A 1 84  ? 21.785  10.395  -5.050  1.00 155.08 ? 84  SER A C   1 
ATOM 195  O O   . SER A 1 84  ? 22.972  10.598  -5.336  1.00 156.95 ? 84  SER A O   1 
ATOM 196  C CB  . SER A 1 84  ? 22.034  12.276  -3.410  1.00 158.62 ? 84  SER A CB  1 
ATOM 197  O OG  . SER A 1 84  ? 22.207  13.399  -4.255  1.00 157.87 ? 84  SER A OG  1 
ATOM 198  N N   . THR A 1 85  ? 21.086  9.386   -5.559  1.00 152.17 ? 85  THR A N   1 
ATOM 199  C CA  . THR A 1 85  ? 21.499  8.656   -6.747  1.00 153.17 ? 85  THR A CA  1 
ATOM 200  C C   . THR A 1 85  ? 20.545  9.065   -7.858  1.00 153.08 ? 85  THR A C   1 
ATOM 201  O O   . THR A 1 85  ? 19.335  9.153   -7.629  1.00 152.77 ? 85  THR A O   1 
ATOM 202  C CB  . THR A 1 85  ? 21.464  7.143   -6.511  1.00 151.90 ? 85  THR A CB  1 
ATOM 203  O OG1 . THR A 1 85  ? 20.108  6.677   -6.555  1.00 156.11 ? 85  THR A OG1 1 
ATOM 204  C CG2 . THR A 1 85  ? 22.046  6.814   -5.140  1.00 151.41 ? 85  THR A CG2 1 
ATOM 205  N N   . THR A 1 86  ? 21.092  9.318   -9.048  1.00 152.61 ? 86  THR A N   1 
ATOM 206  C CA  . THR A 1 86  ? 20.353  10.030  -10.090 1.00 153.08 ? 86  THR A CA  1 
ATOM 207  C C   . THR A 1 86  ? 18.971  9.428   -10.345 1.00 151.63 ? 86  THR A C   1 
ATOM 208  O O   . THR A 1 86  ? 17.976  10.159  -10.468 1.00 146.26 ? 86  THR A O   1 
ATOM 209  C CB  . THR A 1 86  ? 21.194  10.060  -11.370 1.00 152.16 ? 86  THR A CB  1 
ATOM 210  O OG1 . THR A 1 86  ? 20.382  10.435  -12.487 1.00 152.73 ? 86  THR A OG1 1 
ATOM 211  C CG2 . THR A 1 86  ? 21.830  8.702   -11.625 1.00 144.61 ? 86  THR A CG2 1 
ATOM 212  N N   . ASP A 1 87  ? 18.883  8.097   -10.404 1.00 153.36 ? 87  ASP A N   1 
ATOM 213  C CA  . ASP A 1 87  ? 17.593  7.458   -10.649 1.00 150.96 ? 87  ASP A CA  1 
ATOM 214  C C   . ASP A 1 87  ? 16.623  7.720   -9.501  1.00 148.48 ? 87  ASP A C   1 
ATOM 215  O O   . ASP A 1 87  ? 15.442  8.021   -9.729  1.00 143.76 ? 87  ASP A O   1 
ATOM 216  C CB  . ASP A 1 87  ? 17.786  5.955   -10.862 1.00 152.44 ? 87  ASP A CB  1 
ATOM 217  C CG  . ASP A 1 87  ? 19.095  5.632   -11.561 1.00 152.45 ? 87  ASP A CG  1 
ATOM 218  O OD1 . ASP A 1 87  ? 19.987  5.049   -10.907 1.00 149.60 ? 87  ASP A OD1 1 
ATOM 219  O OD2 . ASP A 1 87  ? 19.242  5.990   -12.749 1.00 152.07 ? 87  ASP A OD2 1 
ATOM 220  N N   . GLU A 1 88  ? 17.104  7.605   -8.260  1.00 147.47 ? 88  GLU A N   1 
ATOM 221  C CA  . GLU A 1 88  ? 16.270  7.918   -7.102  1.00 143.47 ? 88  GLU A CA  1 
ATOM 222  C C   . GLU A 1 88  ? 15.771  9.359   -7.149  1.00 138.67 ? 88  GLU A C   1 
ATOM 223  O O   . GLU A 1 88  ? 14.607  9.629   -6.827  1.00 136.52 ? 88  GLU A O   1 
ATOM 224  C CB  . GLU A 1 88  ? 17.050  7.667   -5.812  1.00 142.77 ? 88  GLU A CB  1 
ATOM 225  C CG  . GLU A 1 88  ? 17.152  6.210   -5.388  1.00 148.14 ? 88  GLU A CG  1 
ATOM 226  C CD  . GLU A 1 88  ? 17.844  6.054   -4.047  1.00 151.49 ? 88  GLU A CD  1 
ATOM 227  O OE1 . GLU A 1 88  ? 18.945  6.616   -3.877  1.00 151.22 ? 88  GLU A OE1 1 
ATOM 228  O OE2 . GLU A 1 88  ? 17.281  5.383   -3.157  1.00 148.30 ? 88  GLU A OE2 1 
ATOM 229  N N   . LYS A 1 89  ? 16.643  10.300  -7.536  1.00 140.17 ? 89  LYS A N   1 
ATOM 230  C CA  . LYS A 1 89  ? 16.237  11.699  -7.632  1.00 137.43 ? 89  LYS A CA  1 
ATOM 231  C C   . LYS A 1 89  ? 15.121  11.879  -8.649  1.00 131.97 ? 89  LYS A C   1 
ATOM 232  O O   . LYS A 1 89  ? 14.138  12.582  -8.389  1.00 126.14 ? 89  LYS A O   1 
ATOM 233  C CB  . LYS A 1 89  ? 17.418  12.584  -8.027  1.00 142.22 ? 89  LYS A CB  1 
ATOM 234  C CG  . LYS A 1 89  ? 18.745  12.265  -7.391  1.00 147.54 ? 89  LYS A CG  1 
ATOM 235  C CD  . LYS A 1 89  ? 19.776  13.249  -7.918  1.00 152.37 ? 89  LYS A CD  1 
ATOM 236  C CE  . LYS A 1 89  ? 21.096  13.118  -7.204  1.00 156.55 ? 89  LYS A CE  1 
ATOM 237  N NZ  . LYS A 1 89  ? 21.959  12.071  -7.853  1.00 156.23 ? 89  LYS A NZ  1 
ATOM 238  N N   . THR A 1 90  ? 15.279  11.285  -9.836  1.00 132.12 ? 90  THR A N   1 
ATOM 239  C CA  . THR A 1 90  ? 14.247  11.446  -10.855 1.00 130.62 ? 90  THR A CA  1 
ATOM 240  C C   . THR A 1 90  ? 12.932  10.822  -10.404 1.00 128.24 ? 90  THR A C   1 
ATOM 241  O O   . THR A 1 90  ? 11.851  11.355  -10.691 1.00 122.47 ? 90  THR A O   1 
ATOM 242  C CB  . THR A 1 90  ? 14.711  10.852  -12.186 1.00 135.46 ? 90  THR A CB  1 
ATOM 243  O OG1 . THR A 1 90  ? 15.014  9.462   -12.021 1.00 138.91 ? 90  THR A OG1 1 
ATOM 244  C CG2 . THR A 1 90  ? 15.949  11.582  -12.693 1.00 130.10 ? 90  THR A CG2 1 
ATOM 245  N N   . SER A 1 91  ? 13.001  9.714   -9.661  1.00 130.63 ? 91  SER A N   1 
ATOM 246  C CA  . SER A 1 91  ? 11.771  9.107   -9.159  1.00 123.25 ? 91  SER A CA  1 
ATOM 247  C C   . SER A 1 91  ? 11.095  9.998   -8.119  1.00 119.31 ? 91  SER A C   1 
ATOM 248  O O   . SER A 1 91  ? 9.863   10.154  -8.130  1.00 114.95 ? 91  SER A O   1 
ATOM 249  C CB  . SER A 1 91  ? 12.064  7.723   -8.580  1.00 125.01 ? 91  SER A CB  1 
ATOM 250  O OG  . SER A 1 91  ? 12.178  7.770   -7.169  1.00 125.27 ? 91  SER A OG  1 
ATOM 251  N N   . PHE A 1 92  ? 11.879  10.587  -7.210  1.00 125.44 ? 92  PHE A N   1 
ATOM 252  C CA  . PHE A 1 92  ? 11.303  11.522  -6.246  1.00 120.40 ? 92  PHE A CA  1 
ATOM 253  C C   . PHE A 1 92  ? 10.658  12.703  -6.953  1.00 115.07 ? 92  PHE A C   1 
ATOM 254  O O   . PHE A 1 92  ? 9.590   13.172  -6.544  1.00 110.30 ? 92  PHE A O   1 
ATOM 255  C CB  . PHE A 1 92  ? 12.366  12.019  -5.263  1.00 117.81 ? 92  PHE A CB  1 
ATOM 256  C CG  . PHE A 1 92  ? 11.911  13.193  -4.424  1.00 118.15 ? 92  PHE A CG  1 
ATOM 257  C CD1 . PHE A 1 92  ? 11.258  12.990  -3.220  1.00 116.23 ? 92  PHE A CD1 1 
ATOM 258  C CD2 . PHE A 1 92  ? 12.127  14.498  -4.848  1.00 128.37 ? 92  PHE A CD2 1 
ATOM 259  C CE1 . PHE A 1 92  ? 10.838  14.060  -2.450  1.00 120.44 ? 92  PHE A CE1 1 
ATOM 260  C CE2 . PHE A 1 92  ? 11.702  15.571  -4.086  1.00 119.21 ? 92  PHE A CE2 1 
ATOM 261  C CZ  . PHE A 1 92  ? 11.059  15.352  -2.885  1.00 117.87 ? 92  PHE A CZ  1 
ATOM 262  N N   . LEU A 1 93  ? 11.319  13.223  -7.989  1.00 115.47 ? 93  LEU A N   1 
ATOM 263  C CA  . LEU A 1 93  ? 10.758  14.331  -8.757  1.00 114.69 ? 93  LEU A CA  1 
ATOM 264  C C   . LEU A 1 93  ? 9.420   13.941  -9.369  1.00 116.04 ? 93  LEU A C   1 
ATOM 265  O O   . LEU A 1 93  ? 8.449   14.708  -9.316  1.00 115.05 ? 93  LEU A O   1 
ATOM 266  C CB  . LEU A 1 93  ? 11.744  14.760  -9.847  1.00 118.35 ? 93  LEU A CB  1 
ATOM 267  C CG  . LEU A 1 93  ? 12.803  15.825  -9.547  1.00 118.82 ? 93  LEU A CG  1 
ATOM 268  C CD1 . LEU A 1 93  ? 12.207  17.216  -9.670  1.00 118.74 ? 93  LEU A CD1 1 
ATOM 269  C CD2 . LEU A 1 93  ? 13.430  15.637  -8.174  1.00 113.83 ? 93  LEU A CD2 1 
ATOM 270  N N   . TYR A 1 94  ? 9.358   12.743  -9.957  1.00 117.66 ? 94  TYR A N   1 
ATOM 271  C CA  . TYR A 1 94  ? 8.103   12.232  -10.497 1.00 110.76 ? 94  TYR A CA  1 
ATOM 272  C C   . TYR A 1 94  ? 7.004   12.237  -9.443  1.00 106.53 ? 94  TYR A C   1 
ATOM 273  O O   . TYR A 1 94  ? 5.897   12.733  -9.682  1.00 107.23 ? 94  TYR A O   1 
ATOM 274  C CB  . TYR A 1 94  ? 8.300   10.817  -11.041 1.00 116.74 ? 94  TYR A CB  1 
ATOM 275  C CG  . TYR A 1 94  ? 7.001   10.126  -11.397 1.00 115.17 ? 94  TYR A CG  1 
ATOM 276  C CD1 . TYR A 1 94  ? 6.445   10.268  -12.659 1.00 114.93 ? 94  TYR A CD1 1 
ATOM 277  C CD2 . TYR A 1 94  ? 6.327   9.336   -10.468 1.00 114.65 ? 94  TYR A CD2 1 
ATOM 278  C CE1 . TYR A 1 94  ? 5.261   9.646   -12.991 1.00 121.79 ? 94  TYR A CE1 1 
ATOM 279  C CE2 . TYR A 1 94  ? 5.137   8.714   -10.793 1.00 116.05 ? 94  TYR A CE2 1 
ATOM 280  C CZ  . TYR A 1 94  ? 4.613   8.872   -12.055 1.00 122.99 ? 94  TYR A CZ  1 
ATOM 281  O OH  . TYR A 1 94  ? 3.435   8.256   -12.387 1.00 120.70 ? 94  TYR A OH  1 
ATOM 282  N N   . HIS A 1 95  ? 7.290   11.666  -8.270  1.00 104.04 ? 95  HIS A N   1 
ATOM 283  C CA  . HIS A 1 95  ? 6.234   11.508  -7.273  1.00 105.11 ? 95  HIS A CA  1 
ATOM 284  C C   . HIS A 1 95  ? 5.821   12.849  -6.672  1.00 105.65 ? 95  HIS A C   1 
ATOM 285  O O   . HIS A 1 95  ? 4.631   13.077  -6.412  1.00 101.11 ? 95  HIS A O   1 
ATOM 286  C CB  . HIS A 1 95  ? 6.676   10.527  -6.190  1.00 103.72 ? 95  HIS A CB  1 
ATOM 287  C CG  . HIS A 1 95  ? 6.592   9.092   -6.617  1.00 107.23 ? 95  HIS A CG  1 
ATOM 288  N ND1 . HIS A 1 95  ? 5.614   8.630   -7.474  1.00 107.61 ? 95  HIS A ND1 1 
ATOM 289  C CD2 . HIS A 1 95  ? 7.370   8.024   -6.322  1.00 104.70 ? 95  HIS A CD2 1 
ATOM 290  C CE1 . HIS A 1 95  ? 5.788   7.338   -7.682  1.00 112.42 ? 95  HIS A CE1 1 
ATOM 291  N NE2 . HIS A 1 95  ? 6.848   6.946   -6.994  1.00 108.20 ? 95  HIS A NE2 1 
ATOM 292  N N   . LEU A 1 96  ? 6.780   13.754  -6.452  1.00 110.25 ? 96  LEU A N   1 
ATOM 293  C CA  . LEU A 1 96  ? 6.443   15.096  -5.985  1.00 107.74 ? 96  LEU A CA  1 
ATOM 294  C C   . LEU A 1 96  ? 5.556   15.812  -6.989  1.00 109.11 ? 96  LEU A C   1 
ATOM 295  O O   . LEU A 1 96  ? 4.564   16.444  -6.609  1.00 108.61 ? 96  LEU A O   1 
ATOM 296  C CB  . LEU A 1 96  ? 7.720   15.905  -5.722  1.00 106.76 ? 96  LEU A CB  1 
ATOM 297  C CG  . LEU A 1 96  ? 7.659   17.396  -5.351  1.00 106.80 ? 96  LEU A CG  1 
ATOM 298  C CD1 . LEU A 1 96  ? 8.854   17.759  -4.482  1.00 100.29 ? 96  LEU A CD1 1 
ATOM 299  C CD2 . LEU A 1 96  ? 7.622   18.313  -6.578  1.00 114.36 ? 96  LEU A CD2 1 
ATOM 300  N N   . ASN A 1 97  ? 5.901   15.732  -8.277  1.00 109.06 ? 97  ASN A N   1 
ATOM 301  C CA  . ASN A 1 97  ? 5.088   16.377  -9.299  1.00 112.32 ? 97  ASN A CA  1 
ATOM 302  C C   . ASN A 1 97  ? 3.687   15.770  -9.359  1.00 110.72 ? 97  ASN A C   1 
ATOM 303  O O   . ASN A 1 97  ? 2.693   16.501  -9.457  1.00 111.18 ? 97  ASN A O   1 
ATOM 304  C CB  . ASN A 1 97  ? 5.794   16.282  -10.655 1.00 119.58 ? 97  ASN A CB  1 
ATOM 305  C CG  . ASN A 1 97  ? 6.418   17.604  -11.089 1.00 139.59 ? 97  ASN A CG  1 
ATOM 306  O OD1 . ASN A 1 97  ? 5.785   18.400  -11.781 1.00 141.70 ? 97  ASN A OD1 1 
ATOM 307  N ND2 . ASN A 1 97  ? 7.661   17.840  -10.686 1.00 131.31 ? 97  ASN A ND2 1 
ATOM 308  N N   . ARG A 1 98  ? 3.588   14.440  -9.279  1.00 108.84 ? 98  ARG A N   1 
ATOM 309  C CA  . ARG A 1 98  ? 2.283   13.784  -9.298  1.00 109.01 ? 98  ARG A CA  1 
ATOM 310  C C   . ARG A 1 98  ? 1.423   14.232  -8.123  1.00 105.77 ? 98  ARG A C   1 
ATOM 311  O O   . ARG A 1 98  ? 0.236   14.536  -8.288  1.00 103.28 ? 98  ARG A O   1 
ATOM 312  C CB  . ARG A 1 98  ? 2.460   12.267  -9.289  1.00 108.00 ? 98  ARG A CB  1 
ATOM 313  C CG  . ARG A 1 98  ? 2.129   11.611  -10.614 1.00 111.93 ? 98  ARG A CG  1 
ATOM 314  C CD  . ARG A 1 98  ? 0.637   11.407  -10.741 1.00 122.02 ? 98  ARG A CD  1 
ATOM 315  N NE  . ARG A 1 98  ? 0.241   11.128  -12.114 1.00 130.36 ? 98  ARG A NE  1 
ATOM 316  C CZ  . ARG A 1 98  ? -0.921  10.590  -12.456 1.00 133.11 ? 98  ARG A CZ  1 
ATOM 317  N NH1 . ARG A 1 98  ? -1.810  10.227  -11.545 1.00 137.44 ? 98  ARG A NH1 1 
ATOM 318  N NH2 . ARG A 1 98  ? -1.195  10.401  -13.744 1.00 130.72 ? 98  ARG A NH2 1 
ATOM 319  N N   . LEU A 1 99  ? 2.006   14.267  -6.922  1.00 106.18 ? 99  LEU A N   1 
ATOM 320  C CA  . LEU A 1 99  ? 1.275   14.774  -5.766  1.00 107.18 ? 99  LEU A CA  1 
ATOM 321  C C   . LEU A 1 99  ? 0.831   16.215  -5.990  1.00 107.64 ? 99  LEU A C   1 
ATOM 322  O O   . LEU A 1 99  ? -0.349  16.542  -5.824  1.00 105.98 ? 99  LEU A O   1 
ATOM 323  C CB  . LEU A 1 99  ? 2.133   14.659  -4.506  1.00 98.39  ? 99  LEU A CB  1 
ATOM 324  C CG  . LEU A 1 99  ? 2.099   13.315  -3.779  1.00 96.10  ? 99  LEU A CG  1 
ATOM 325  C CD1 . LEU A 1 99  ? 3.084   13.318  -2.624  1.00 91.53  ? 99  LEU A CD1 1 
ATOM 326  C CD2 . LEU A 1 99  ? 0.695   13.012  -3.281  1.00 94.02  ? 99  LEU A CD2 1 
ATOM 327  N N   . ARG A 1 100 ? 1.761   17.083  -6.398  1.00 105.92 ? 100 ARG A N   1 
ATOM 328  C CA  . ARG A 1 100 ? 1.449   18.496  -6.587  1.00 108.17 ? 100 ARG A CA  1 
ATOM 329  C C   . ARG A 1 100 ? 0.310   18.694  -7.581  1.00 111.12 ? 100 ARG A C   1 
ATOM 330  O O   . ARG A 1 100 ? -0.530  19.585  -7.406  1.00 111.76 ? 100 ARG A O   1 
ATOM 331  C CB  . ARG A 1 100 ? 2.698   19.246  -7.057  1.00 112.35 ? 100 ARG A CB  1 
ATOM 332  C CG  . ARG A 1 100 ? 2.552   20.760  -7.091  1.00 134.75 ? 100 ARG A CG  1 
ATOM 333  C CD  . ARG A 1 100 ? 3.143   21.403  -5.842  1.00 120.50 ? 100 ARG A CD  1 
ATOM 334  N NE  . ARG A 1 100 ? 3.131   22.860  -5.920  1.00 128.58 ? 100 ARG A NE  1 
ATOM 335  C CZ  . ARG A 1 100 ? 2.419   23.651  -5.130  1.00 116.90 ? 100 ARG A CZ  1 
ATOM 336  N NH1 . ARG A 1 100 ? 1.666   23.162  -4.158  1.00 105.45 ? 100 ARG A NH1 1 
ATOM 337  N NH2 . ARG A 1 100 ? 2.467   24.967  -5.316  1.00 114.48 ? 100 ARG A NH2 1 
ATOM 338  N N   . SER A 1 101 ? 0.253   17.863  -8.624  1.00 111.99 ? 101 SER A N   1 
ATOM 339  C CA  . SER A 1 101 ? -0.728  18.057  -9.684  1.00 110.67 ? 101 SER A CA  1 
ATOM 340  C C   . SER A 1 101 ? -2.136  17.627  -9.294  1.00 107.16 ? 101 SER A C   1 
ATOM 341  O O   . SER A 1 101 ? -3.083  17.946  -10.026 1.00 108.14 ? 101 SER A O   1 
ATOM 342  C CB  . SER A 1 101 ? -0.311  17.285  -10.938 1.00 109.05 ? 101 SER A CB  1 
ATOM 343  O OG  . SER A 1 101 ? -0.941  16.013  -10.981 1.00 131.51 ? 101 SER A OG  1 
ATOM 344  N N   . ALA A 1 102 ? -2.301  16.926  -8.176  1.00 102.55 ? 102 ALA A N   1 
ATOM 345  C CA  . ALA A 1 102 ? -3.556  16.243  -7.907  1.00 115.07 ? 102 ALA A CA  1 
ATOM 346  C C   . ALA A 1 102 ? -4.655  17.227  -7.531  1.00 109.72 ? 102 ALA A C   1 
ATOM 347  O O   . ALA A 1 102 ? -4.396  18.333  -7.046  1.00 108.79 ? 102 ALA A O   1 
ATOM 348  C CB  . ALA A 1 102 ? -3.360  15.224  -6.792  1.00 110.77 ? 102 ALA A CB  1 
ATOM 349  N N   . VAL A 1 103 ? -5.901  16.812  -7.770  1.00 111.66 ? 103 VAL A N   1 
ATOM 350  C CA  . VAL A 1 103 ? -7.060  17.688  -7.692  1.00 109.62 ? 103 VAL A CA  1 
ATOM 351  C C   . VAL A 1 103 ? -8.102  17.162  -6.705  1.00 111.03 ? 103 VAL A C   1 
ATOM 352  O O   . VAL A 1 103 ? -8.558  17.896  -5.824  1.00 109.18 ? 103 VAL A O   1 
ATOM 353  C CB  . VAL A 1 103 ? -7.690  17.922  -9.084  1.00 110.41 ? 103 VAL A CB  1 
ATOM 354  C CG1 . VAL A 1 103 ? -9.041  18.601  -8.958  1.00 106.05 ? 103 VAL A CG1 1 
ATOM 355  C CG2 . VAL A 1 103 ? -6.749  18.757  -9.940  1.00 109.26 ? 103 VAL A CG2 1 
ATOM 356  N N   . THR A 1 104 ? -8.486  15.897  -6.845  1.00 111.13 ? 104 THR A N   1 
ATOM 357  C CA  . THR A 1 104 ? -9.424  15.284  -5.911  1.00 110.79 ? 104 THR A CA  1 
ATOM 358  C C   . THR A 1 104 ? -8.735  14.164  -5.135  1.00 108.08 ? 104 THR A C   1 
ATOM 359  O O   . THR A 1 104 ? -7.622  13.742  -5.460  1.00 107.09 ? 104 THR A O   1 
ATOM 360  C CB  . THR A 1 104 ? -10.687 14.781  -6.642  1.00 116.66 ? 104 THR A CB  1 
ATOM 361  O OG1 . THR A 1 104 ? -11.437 13.894  -5.803  1.00 123.38 ? 104 THR A OG1 1 
ATOM 362  C CG2 . THR A 1 104 ? -10.359 14.059  -7.929  1.00 116.12 ? 104 THR A CG2 1 
ATOM 363  N N   . VAL A 1 105 ? -9.412  13.709  -4.073  1.00 106.16 ? 105 VAL A N   1 
ATOM 364  C CA  . VAL A 1 105 ? -8.904  12.631  -3.225  1.00 103.77 ? 105 VAL A CA  1 
ATOM 365  C C   . VAL A 1 105 ? -8.519  11.411  -4.052  1.00 102.36 ? 105 VAL A C   1 
ATOM 366  O O   . VAL A 1 105 ? -7.606  10.657  -3.682  1.00 100.34 ? 105 VAL A O   1 
ATOM 367  C CB  . VAL A 1 105 ? -9.958  12.270  -2.153  1.00 103.29 ? 105 VAL A CB  1 
ATOM 368  C CG1 . VAL A 1 105 ? -9.392  11.272  -1.153  1.00 98.37  ? 105 VAL A CG1 1 
ATOM 369  C CG2 . VAL A 1 105 ? -10.460 13.518  -1.439  1.00 104.26 ? 105 VAL A CG2 1 
ATOM 370  N N   . VAL A 1 106 ? -9.199  11.200  -5.183  1.00 106.54 ? 106 VAL A N   1 
ATOM 371  C CA  . VAL A 1 106 ? -8.956  10.021  -6.012  1.00 109.12 ? 106 VAL A CA  1 
ATOM 372  C C   . VAL A 1 106 ? -7.542  10.047  -6.587  1.00 111.09 ? 106 VAL A C   1 
ATOM 373  O O   . VAL A 1 106 ? -6.866  9.017   -6.652  1.00 125.32 ? 106 VAL A O   1 
ATOM 374  C CB  . VAL A 1 106 ? -10.018 9.932   -7.124  1.00 105.02 ? 106 VAL A CB  1 
ATOM 375  C CG1 . VAL A 1 106 ? -9.526  9.066   -8.276  1.00 96.55  ? 106 VAL A CG1 1 
ATOM 376  C CG2 . VAL A 1 106 ? -11.320 9.387   -6.560  1.00 100.34 ? 106 VAL A CG2 1 
ATOM 377  N N   . ASP A 1 107 ? -7.074  11.223  -7.010  1.00 106.95 ? 107 ASP A N   1 
ATOM 378  C CA  . ASP A 1 107 ? -5.703  11.365  -7.490  1.00 109.42 ? 107 ASP A CA  1 
ATOM 379  C C   . ASP A 1 107 ? -4.681  10.979  -6.423  1.00 106.24 ? 107 ASP A C   1 
ATOM 380  O O   . ASP A 1 107 ? -3.598  10.491  -6.764  1.00 108.69 ? 107 ASP A O   1 
ATOM 381  C CB  . ASP A 1 107 ? -5.441  12.805  -7.932  1.00 112.60 ? 107 ASP A CB  1 
ATOM 382  C CG  . ASP A 1 107 ? -6.494  13.350  -8.864  1.00 123.75 ? 107 ASP A CG  1 
ATOM 383  O OD1 . ASP A 1 107 ? -6.196  13.640  -10.042 1.00 133.26 ? 107 ASP A OD1 1 
ATOM 384  O OD2 . ASP A 1 107 ? -7.630  13.523  -8.406  1.00 119.79 ? 107 ASP A OD2 1 
ATOM 385  N N   . LEU A 1 108 ? -5.000  11.206  -5.141  1.00 102.80 ? 108 LEU A N   1 
ATOM 386  C CA  . LEU A 1 108 ? -4.115  10.899  -4.023  1.00 107.65 ? 108 LEU A CA  1 
ATOM 387  C C   . LEU A 1 108 ? -4.250  9.476   -3.502  1.00 99.06  ? 108 LEU A C   1 
ATOM 388  O O   . LEU A 1 108 ? -3.375  9.031   -2.737  1.00 97.03  ? 108 LEU A O   1 
ATOM 389  C CB  . LEU A 1 108 ? -4.397  11.822  -2.827  1.00 101.99 ? 108 LEU A CB  1 
ATOM 390  C CG  . LEU A 1 108 ? -4.504  13.316  -2.998  1.00 102.45 ? 108 LEU A CG  1 
ATOM 391  C CD1 . LEU A 1 108 ? -4.692  14.014  -1.651  1.00 93.93  ? 108 LEU A CD1 1 
ATOM 392  C CD2 . LEU A 1 108 ? -3.276  13.811  -3.691  1.00 97.98  ? 108 LEU A CD2 1 
ATOM 393  N N   . HIS A 1 109 ? -5.340  8.780   -3.844  1.00 95.56  ? 109 HIS A N   1 
ATOM 394  C CA  . HIS A 1 109 ? -5.746  7.631   -3.039  1.00 96.81  ? 109 HIS A CA  1 
ATOM 395  C C   . HIS A 1 109 ? -4.659  6.563   -2.933  1.00 90.51  ? 109 HIS A C   1 
ATOM 396  O O   . HIS A 1 109 ? -4.507  5.948   -1.868  1.00 89.30  ? 109 HIS A O   1 
ATOM 397  C CB  . HIS A 1 109 ? -7.043  7.065   -3.598  1.00 103.97 ? 109 HIS A CB  1 
ATOM 398  C CG  . HIS A 1 109 ? -6.862  6.042   -4.671  1.00 106.08 ? 109 HIS A CG  1 
ATOM 399  N ND1 . HIS A 1 109 ? -6.487  6.366   -5.957  1.00 113.84 ? 109 HIS A ND1 1 
ATOM 400  C CD2 . HIS A 1 109 ? -7.035  4.702   -4.655  1.00 104.23 ? 109 HIS A CD2 1 
ATOM 401  C CE1 . HIS A 1 109 ? -6.433  5.269   -6.688  1.00 106.79 ? 109 HIS A CE1 1 
ATOM 402  N NE2 . HIS A 1 109 ? -6.759  4.246   -5.920  1.00 108.83 ? 109 HIS A NE2 1 
ATOM 403  N N   . ASN A 1 110 ? -3.850  6.373   -3.982  1.00 88.69  ? 110 ASN A N   1 
ATOM 404  C CA  . ASN A 1 110 ? -2.733  5.431   -3.883  1.00 88.97  ? 110 ASN A CA  1 
ATOM 405  C C   . ASN A 1 110 ? -1.733  5.871   -2.820  1.00 92.60  ? 110 ASN A C   1 
ATOM 406  O O   . ASN A 1 110 ? -1.308  5.072   -1.974  1.00 91.22  ? 110 ASN A O   1 
ATOM 407  C CB  . ASN A 1 110 ? -2.034  5.287   -5.234  1.00 96.42  ? 110 ASN A CB  1 
ATOM 408  C CG  . ASN A 1 110 ? -2.878  4.564   -6.258  1.00 98.23  ? 110 ASN A CG  1 
ATOM 409  O OD1 . ASN A 1 110 ? -3.603  3.627   -5.930  1.00 95.89  ? 110 ASN A OD1 1 
ATOM 410  N ND2 . ASN A 1 110 ? -2.784  4.994   -7.510  1.00 99.09  ? 110 ASN A ND2 1 
ATOM 411  N N   . TYR A 1 111 ? -1.351  7.151   -2.845  1.00 97.50  ? 111 TYR A N   1 
ATOM 412  C CA  . TYR A 1 111 ? -0.392  7.662   -1.873  1.00 85.27  ? 111 TYR A CA  1 
ATOM 413  C C   . TYR A 1 111 ? -0.935  7.586   -0.452  1.00 84.07  ? 111 TYR A C   1 
ATOM 414  O O   . TYR A 1 111 ? -0.180  7.325   0.492   1.00 86.60  ? 111 TYR A O   1 
ATOM 415  C CB  . TYR A 1 111 ? -0.005  9.098   -2.220  1.00 87.63  ? 111 TYR A CB  1 
ATOM 416  C CG  . TYR A 1 111 ? 0.740   9.216   -3.524  1.00 86.55  ? 111 TYR A CG  1 
ATOM 417  C CD1 . TYR A 1 111 ? 2.114   9.009   -3.586  1.00 91.90  ? 111 TYR A CD1 1 
ATOM 418  C CD2 . TYR A 1 111 ? 0.071   9.526   -4.696  1.00 85.16  ? 111 TYR A CD2 1 
ATOM 419  C CE1 . TYR A 1 111 ? 2.796   9.114   -4.783  1.00 90.50  ? 111 TYR A CE1 1 
ATOM 420  C CE2 . TYR A 1 111 ? 0.742   9.631   -5.895  1.00 89.24  ? 111 TYR A CE2 1 
ATOM 421  C CZ  . TYR A 1 111 ? 2.103   9.426   -5.934  1.00 87.88  ? 111 TYR A CZ  1 
ATOM 422  O OH  . TYR A 1 111 ? 2.778   9.529   -7.129  1.00 90.47  ? 111 TYR A OH  1 
ATOM 423  N N   . ILE A 1 112 ? -2.232  7.829   -0.267  1.00 79.62  ? 112 ILE A N   1 
ATOM 424  C CA  . ILE A 1 112 ? -2.781  7.683   1.083   1.00 82.57  ? 112 ILE A CA  1 
ATOM 425  C C   . ILE A 1 112 ? -2.739  6.211   1.505   1.00 88.42  ? 112 ILE A C   1 
ATOM 426  O O   . ILE A 1 112 ? -2.466  5.883   2.669   1.00 89.21  ? 112 ILE A O   1 
ATOM 427  C CB  . ILE A 1 112 ? -4.215  8.253   1.181   1.00 74.37  ? 112 ILE A CB  1 
ATOM 428  C CG1 . ILE A 1 112 ? -4.343  9.727   0.697   1.00 82.78  ? 112 ILE A CG1 1 
ATOM 429  C CG2 . ILE A 1 112 ? -4.742  8.055   2.618   1.00 77.40  ? 112 ILE A CG2 1 
ATOM 430  C CD1 . ILE A 1 112 ? -5.556  10.042  -0.160  1.00 71.58  ? 112 ILE A CD1 1 
ATOM 431  N N   . ALA A 1 113 ? -3.004  5.299   0.566   1.00 89.30  ? 113 ALA A N   1 
ATOM 432  C CA  . ALA A 1 113 ? -2.923  3.878   0.888   1.00 84.54  ? 113 ALA A CA  1 
ATOM 433  C C   . ALA A 1 113 ? -1.521  3.506   1.350   1.00 89.61  ? 113 ALA A C   1 
ATOM 434  O O   . ALA A 1 113 ? -1.352  2.812   2.358   1.00 88.68  ? 113 ALA A O   1 
ATOM 435  C CB  . ALA A 1 113 ? -3.338  3.039   -0.321  1.00 86.86  ? 113 ALA A CB  1 
ATOM 436  N N   . VAL A 1 114 ? -0.499  3.989   0.640   1.00 87.84  ? 114 VAL A N   1 
ATOM 437  C CA  . VAL A 1 114 ? 0.873   3.632   0.990   1.00 87.98  ? 114 VAL A CA  1 
ATOM 438  C C   . VAL A 1 114 ? 1.275   4.265   2.320   1.00 95.09  ? 114 VAL A C   1 
ATOM 439  O O   . VAL A 1 114 ? 1.788   3.585   3.216   1.00 96.21  ? 114 VAL A O   1 
ATOM 440  C CB  . VAL A 1 114 ? 1.837   4.027   -0.144  1.00 90.26  ? 114 VAL A CB  1 
ATOM 441  C CG1 . VAL A 1 114 ? 3.278   3.740   0.258   1.00 95.35  ? 114 VAL A CG1 1 
ATOM 442  C CG2 . VAL A 1 114 ? 1.484   3.276   -1.422  1.00 90.63  ? 114 VAL A CG2 1 
ATOM 443  N N   . PHE A 1 115 ? 1.042   5.570   2.474   1.00 99.04  ? 115 PHE A N   1 
ATOM 444  C CA  . PHE A 1 115 ? 1.455   6.312   3.660   1.00 96.26  ? 115 PHE A CA  1 
ATOM 445  C C   . PHE A 1 115 ? 0.374   6.371   4.737   1.00 99.81  ? 115 PHE A C   1 
ATOM 446  O O   . PHE A 1 115 ? 0.380   7.302   5.552   1.00 99.42  ? 115 PHE A O   1 
ATOM 447  C CB  . PHE A 1 115 ? 1.877   7.732   3.272   1.00 93.89  ? 115 PHE A CB  1 
ATOM 448  C CG  . PHE A 1 115 ? 3.045   7.782   2.330   1.00 100.63 ? 115 PHE A CG  1 
ATOM 449  C CD1 . PHE A 1 115 ? 4.299   7.422   2.753   1.00 103.76 ? 115 PHE A CD1 1 
ATOM 450  C CD2 . PHE A 1 115 ? 2.891   8.200   1.023   1.00 102.92 ? 115 PHE A CD2 1 
ATOM 451  C CE1 . PHE A 1 115 ? 5.386   7.472   1.893   1.00 103.44 ? 115 PHE A CE1 1 
ATOM 452  C CE2 . PHE A 1 115 ? 3.978   8.245   0.162   1.00 105.76 ? 115 PHE A CE2 1 
ATOM 453  C CZ  . PHE A 1 115 ? 5.224   7.875   0.605   1.00 102.93 ? 115 PHE A CZ  1 
ATOM 454  N N   . GLY A 1 116 ? -0.534  5.397   4.763   1.00 95.18  ? 116 GLY A N   1 
ATOM 455  C CA  . GLY A 1 116 ? -1.639  5.368   5.696   1.00 97.81  ? 116 GLY A CA  1 
ATOM 456  C C   . GLY A 1 116 ? -1.262  5.573   7.152   1.00 99.55  ? 116 GLY A C   1 
ATOM 457  O O   . GLY A 1 116 ? -1.720  6.521   7.797   1.00 100.67 ? 116 GLY A O   1 
ATOM 458  N N   . PRO A 1 117 ? -0.441  4.674   7.707   1.00 99.73  ? 117 PRO A N   1 
ATOM 459  C CA  . PRO A 1 117 ? -0.061  4.823   9.123   1.00 103.45 ? 117 PRO A CA  1 
ATOM 460  C C   . PRO A 1 117 ? 0.670   6.121   9.416   1.00 103.67 ? 117 PRO A C   1 
ATOM 461  O O   . PRO A 1 117 ? 0.478   6.703   10.492  1.00 107.21 ? 117 PRO A O   1 
ATOM 462  C CB  . PRO A 1 117 ? 0.831   3.597   9.374   1.00 100.82 ? 117 PRO A CB  1 
ATOM 463  C CG  . PRO A 1 117 ? 0.437   2.615   8.321   1.00 93.45  ? 117 PRO A CG  1 
ATOM 464  C CD  . PRO A 1 117 ? 0.099   3.436   7.119   1.00 95.03  ? 117 PRO A CD  1 
ATOM 465  N N   . CYS A 1 118 ? 1.504   6.590   8.484   1.00 105.75 ? 118 CYS A N   1 
ATOM 466  C CA  . CYS A 1 118 ? 2.213   7.849   8.689   1.00 102.44 ? 118 CYS A CA  1 
ATOM 467  C C   . CYS A 1 118 ? 1.233   9.000   8.873   1.00 105.69 ? 118 CYS A C   1 
ATOM 468  O O   . CYS A 1 118 ? 1.363   9.794   9.810   1.00 106.59 ? 118 CYS A O   1 
ATOM 469  C CB  . CYS A 1 118 ? 3.158   8.125   7.518   1.00 96.00  ? 118 CYS A CB  1 
ATOM 470  S SG  . CYS A 1 118 ? 4.418   6.856   7.224   1.00 107.41 ? 118 CYS A SG  1 
ATOM 471  N N   . LEU A 1 119 ? 0.235   9.101   7.992   1.00 106.94 ? 119 LEU A N   1 
ATOM 472  C CA  . LEU A 1 119 ? -0.780  10.139  8.144   1.00 102.27 ? 119 LEU A CA  1 
ATOM 473  C C   . LEU A 1 119 ? -1.589  9.934   9.419   1.00 105.78 ? 119 LEU A C   1 
ATOM 474  O O   . LEU A 1 119 ? -1.840  10.882  10.171  1.00 111.29 ? 119 LEU A O   1 
ATOM 475  C CB  . LEU A 1 119 ? -1.706  10.152  6.930   1.00 101.89 ? 119 LEU A CB  1 
ATOM 476  C CG  . LEU A 1 119 ? -1.092  10.397  5.554   1.00 103.51 ? 119 LEU A CG  1 
ATOM 477  C CD1 . LEU A 1 119 ? -2.149  10.161  4.493   1.00 91.18  ? 119 LEU A CD1 1 
ATOM 478  C CD2 . LEU A 1 119 ? -0.525  11.804  5.451   1.00 110.70 ? 119 LEU A CD2 1 
ATOM 479  N N   . SER A 1 120 ? -2.002  8.690   9.675   1.00 109.88 ? 120 SER A N   1 
ATOM 480  C CA  . SER A 1 120 ? -2.898  8.401   10.792  1.00 111.68 ? 120 SER A CA  1 
ATOM 481  C C   . SER A 1 120 ? -2.271  8.789   12.126  1.00 113.95 ? 120 SER A C   1 
ATOM 482  O O   . SER A 1 120 ? -2.912  9.437   12.962  1.00 116.23 ? 120 SER A O   1 
ATOM 483  C CB  . SER A 1 120 ? -3.274  6.920   10.783  1.00 108.13 ? 120 SER A CB  1 
ATOM 484  O OG  . SER A 1 120 ? -3.852  6.532   12.016  1.00 111.54 ? 120 SER A OG  1 
ATOM 485  N N   . TYR A 1 121 ? -1.017  8.398   12.347  1.00 112.90 ? 121 TYR A N   1 
ATOM 486  C CA  . TYR A 1 121 ? -0.327  8.747   13.580  1.00 118.33 ? 121 TYR A CA  1 
ATOM 487  C C   . TYR A 1 121 ? 0.409   10.078  13.499  1.00 117.94 ? 121 TYR A C   1 
ATOM 488  O O   . TYR A 1 121 ? 0.903   10.553  14.526  1.00 115.60 ? 121 TYR A O   1 
ATOM 489  C CB  . TYR A 1 121 ? 0.663   7.642   13.961  1.00 122.79 ? 121 TYR A CB  1 
ATOM 490  C CG  . TYR A 1 121 ? 0.020   6.417   14.569  1.00 129.51 ? 121 TYR A CG  1 
ATOM 491  C CD1 . TYR A 1 121 ? -0.767  5.568   13.803  1.00 128.11 ? 121 TYR A CD1 1 
ATOM 492  C CD2 . TYR A 1 121 ? 0.206   6.107   15.910  1.00 137.98 ? 121 TYR A CD2 1 
ATOM 493  C CE1 . TYR A 1 121 ? -1.354  4.446   14.356  1.00 132.90 ? 121 TYR A CE1 1 
ATOM 494  C CE2 . TYR A 1 121 ? -0.375  4.988   16.471  1.00 144.71 ? 121 TYR A CE2 1 
ATOM 495  C CZ  . TYR A 1 121 ? -1.153  4.162   15.691  1.00 142.00 ? 121 TYR A CZ  1 
ATOM 496  O OH  . TYR A 1 121 ? -1.733  3.046   16.247  1.00 141.49 ? 121 TYR A OH  1 
ATOM 497  N N   . ASN A 1 122 ? 0.474   10.688  12.314  1.00 115.97 ? 122 ASN A N   1 
ATOM 498  C CA  . ASN A 1 122 ? 1.275   11.889  12.069  1.00 111.84 ? 122 ASN A CA  1 
ATOM 499  C C   . ASN A 1 122 ? 2.748   11.652  12.407  1.00 112.14 ? 122 ASN A C   1 
ATOM 500  O O   . ASN A 1 122 ? 3.382   12.435  13.119  1.00 115.75 ? 122 ASN A O   1 
ATOM 501  C CB  . ASN A 1 122 ? 0.722   13.099  12.828  1.00 113.08 ? 122 ASN A CB  1 
ATOM 502  C CG  . ASN A 1 122 ? 0.551   14.317  11.939  1.00 115.21 ? 122 ASN A CG  1 
ATOM 503  O OD1 . ASN A 1 122 ? 1.530   14.888  11.452  1.00 117.03 ? 122 ASN A OD1 1 
ATOM 504  N ND2 . ASN A 1 122 ? -0.695  14.724  11.724  1.00 119.81 ? 122 ASN A ND2 1 
ATOM 505  N N   . LYS A 1 123 ? 3.297   10.557  11.881  1.00 114.99 ? 123 LYS A N   1 
ATOM 506  C CA  . LYS A 1 123 ? 4.704   10.218  12.048  1.00 108.74 ? 123 LYS A CA  1 
ATOM 507  C C   . LYS A 1 123 ? 5.473   10.487  10.760  1.00 105.79 ? 123 LYS A C   1 
ATOM 508  O O   . LYS A 1 123 ? 4.893   10.669  9.687   1.00 107.38 ? 123 LYS A O   1 
ATOM 509  C CB  . LYS A 1 123 ? 4.889   8.747   12.458  1.00 108.91 ? 123 LYS A CB  1 
ATOM 510  C CG  . LYS A 1 123 ? 4.192   8.275   13.744  1.00 113.78 ? 123 LYS A CG  1 
ATOM 511  C CD  . LYS A 1 123 ? 3.744   9.387   14.694  1.00 116.25 ? 123 LYS A CD  1 
ATOM 512  C CE  . LYS A 1 123 ? 4.882   10.243  15.239  1.00 122.12 ? 123 LYS A CE  1 
ATOM 513  N NZ  . LYS A 1 123 ? 5.782   9.482   16.148  1.00 121.23 ? 123 LYS A NZ  1 
ATOM 514  N N   . LEU A 1 124 ? 6.805   10.511  10.882  1.00 108.01 ? 124 LEU A N   1 
ATOM 515  C CA  . LEU A 1 124 ? 7.720   10.613  9.749   1.00 109.13 ? 124 LEU A CA  1 
ATOM 516  C C   . LEU A 1 124 ? 8.389   9.271   9.503   1.00 110.31 ? 124 LEU A C   1 
ATOM 517  O O   . LEU A 1 124 ? 8.938   8.683   10.446  1.00 110.54 ? 124 LEU A O   1 
ATOM 518  C CB  . LEU A 1 124 ? 8.791   11.683  10.004  1.00 119.87 ? 124 LEU A CB  1 
ATOM 519  C CG  . LEU A 1 124 ? 8.696   12.980  9.198   1.00 114.44 ? 124 LEU A CG  1 
ATOM 520  C CD1 . LEU A 1 124 ? 7.409   13.701  9.521   1.00 108.49 ? 124 LEU A CD1 1 
ATOM 521  C CD2 . LEU A 1 124 ? 9.897   13.874  9.470   1.00 114.76 ? 124 LEU A CD2 1 
ATOM 522  N N   . PRO A 1 125 ? 8.387   8.762   8.267   1.00 112.86 ? 125 PRO A N   1 
ATOM 523  C CA  . PRO A 1 125 ? 8.952   7.421   8.028   1.00 117.67 ? 125 PRO A CA  1 
ATOM 524  C C   . PRO A 1 125 ? 10.431  7.298   8.360   1.00 118.51 ? 125 PRO A C   1 
ATOM 525  O O   . PRO A 1 125 ? 10.889  6.196   8.684   1.00 116.35 ? 125 PRO A O   1 
ATOM 526  C CB  . PRO A 1 125 ? 8.688   7.192   6.532   1.00 110.67 ? 125 PRO A CB  1 
ATOM 527  C CG  . PRO A 1 125 ? 8.524   8.558   5.956   1.00 109.85 ? 125 PRO A CG  1 
ATOM 528  C CD  . PRO A 1 125 ? 7.867   9.371   7.031   1.00 109.23 ? 125 PRO A CD  1 
ATOM 529  N N   . SER A 1 126 ? 11.196  8.391   8.294   1.00 113.54 ? 126 SER A N   1 
ATOM 530  C CA  . SER A 1 126 ? 12.620  8.307   8.599   1.00 110.17 ? 126 SER A CA  1 
ATOM 531  C C   . SER A 1 126 ? 12.873  8.162   10.095  1.00 110.82 ? 126 SER A C   1 
ATOM 532  O O   . SER A 1 126 ? 13.844  7.511   10.497  1.00 106.87 ? 126 SER A O   1 
ATOM 533  C CB  . SER A 1 126 ? 13.348  9.541   8.075   1.00 108.59 ? 126 SER A CB  1 
ATOM 534  O OG  . SER A 1 126 ? 13.074  10.656  8.904   1.00 111.52 ? 126 SER A OG  1 
ATOM 535  N N   . THR A 1 127 ? 12.026  8.766   10.928  1.00 111.24 ? 127 THR A N   1 
ATOM 536  C CA  . THR A 1 127 ? 12.213  8.756   12.373  1.00 111.29 ? 127 THR A CA  1 
ATOM 537  C C   . THR A 1 127 ? 11.359  7.717   13.089  1.00 112.02 ? 127 THR A C   1 
ATOM 538  O O   . THR A 1 127 ? 11.590  7.464   14.276  1.00 108.45 ? 127 THR A O   1 
ATOM 539  C CB  . THR A 1 127 ? 11.906  10.139  12.961  1.00 116.71 ? 127 THR A CB  1 
ATOM 540  O OG1 . THR A 1 127 ? 10.501  10.401  12.859  1.00 123.05 ? 127 THR A OG1 1 
ATOM 541  C CG2 . THR A 1 127 ? 12.673  11.220  12.215  1.00 110.90 ? 127 THR A CG2 1 
ATOM 542  N N   . TRP A 1 128 ? 10.386  7.118   12.409  1.00 116.45 ? 128 TRP A N   1 
ATOM 543  C CA  . TRP A 1 128 ? 9.538   6.108   13.029  1.00 111.63 ? 128 TRP A CA  1 
ATOM 544  C C   . TRP A 1 128 ? 10.344  4.831   13.270  1.00 106.66 ? 128 TRP A C   1 
ATOM 545  O O   . TRP A 1 128 ? 10.842  4.214   12.321  1.00 99.01  ? 128 TRP A O   1 
ATOM 546  C CB  . TRP A 1 128 ? 8.327   5.836   12.139  1.00 109.38 ? 128 TRP A CB  1 
ATOM 547  C CG  . TRP A 1 128 ? 7.115   5.361   12.882  1.00 112.93 ? 128 TRP A CG  1 
ATOM 548  C CD1 . TRP A 1 128 ? 7.058   4.975   14.188  1.00 113.50 ? 128 TRP A CD1 1 
ATOM 549  C CD2 . TRP A 1 128 ? 5.783   5.226   12.365  1.00 111.92 ? 128 TRP A CD2 1 
ATOM 550  N NE1 . TRP A 1 128 ? 5.778   4.601   14.517  1.00 110.67 ? 128 TRP A NE1 1 
ATOM 551  C CE2 . TRP A 1 128 ? 4.975   4.747   13.416  1.00 113.10 ? 128 TRP A CE2 1 
ATOM 552  C CE3 . TRP A 1 128 ? 5.196   5.461   11.116  1.00 108.82 ? 128 TRP A CE3 1 
ATOM 553  C CZ2 . TRP A 1 128 ? 3.612   4.498   13.259  1.00 124.16 ? 128 TRP A CZ2 1 
ATOM 554  C CZ3 . TRP A 1 128 ? 3.842   5.214   10.963  1.00 110.55 ? 128 TRP A CZ3 1 
ATOM 555  C CH2 . TRP A 1 128 ? 3.066   4.737   12.028  1.00 125.04 ? 128 TRP A CH2 1 
ATOM 556  N N   . ASN A 1 129 ? 10.484  4.452   14.546  1.00 109.33 ? 129 ASN A N   1 
ATOM 557  C CA  . ASN A 1 129 ? 11.226  3.261   14.973  1.00 111.41 ? 129 ASN A CA  1 
ATOM 558  C C   . ASN A 1 129 ? 10.228  2.107   15.061  1.00 118.40 ? 129 ASN A C   1 
ATOM 559  O O   . ASN A 1 129 ? 9.695   1.787   16.123  1.00 123.20 ? 129 ASN A O   1 
ATOM 560  C CB  . ASN A 1 129 ? 11.928  3.526   16.317  1.00 117.92 ? 129 ASN A CB  1 
ATOM 561  C CG  . ASN A 1 129 ? 12.730  2.322   16.854  1.00 130.68 ? 129 ASN A CG  1 
ATOM 562  O OD1 . ASN A 1 129 ? 12.602  1.194   16.391  1.00 146.29 ? 129 ASN A OD1 1 
ATOM 563  N ND2 . ASN A 1 129 ? 13.557  2.582   17.860  1.00 132.68 ? 129 ASN A ND2 1 
ATOM 564  N N   . ILE A 1 130 ? 9.968   1.476   13.916  1.00 118.99 ? 130 ILE A N   1 
ATOM 565  C CA  . ILE A 1 130 ? 9.088   0.317   13.851  1.00 113.96 ? 130 ILE A CA  1 
ATOM 566  C C   . ILE A 1 130 ? 9.664   -0.662  12.839  1.00 114.28 ? 130 ILE A C   1 
ATOM 567  O O   . ILE A 1 130 ? 10.513  -0.314  12.018  1.00 110.85 ? 130 ILE A O   1 
ATOM 568  C CB  . ILE A 1 130 ? 7.626   0.704   13.502  1.00 107.58 ? 130 ILE A CB  1 
ATOM 569  C CG1 . ILE A 1 130 ? 7.557   1.837   12.473  1.00 102.57 ? 130 ILE A CG1 1 
ATOM 570  C CG2 . ILE A 1 130 ? 6.898   1.149   14.752  1.00 114.55 ? 130 ILE A CG2 1 
ATOM 571  C CD1 . ILE A 1 130 ? 7.828   1.418   11.051  1.00 102.55 ? 130 ILE A CD1 1 
ATOM 572  N N   . SER A 1 131 ? 9.230   -1.912  12.933  1.00 112.97 ? 131 SER A N   1 
ATOM 573  C CA  . SER A 1 131 ? 9.631   -2.865  11.916  1.00 105.78 ? 131 SER A CA  1 
ATOM 574  C C   . SER A 1 131 ? 8.686   -2.760  10.727  1.00 103.27 ? 131 SER A C   1 
ATOM 575  O O   . SER A 1 131 ? 7.575   -2.234  10.832  1.00 103.69 ? 131 SER A O   1 
ATOM 576  C CB  . SER A 1 131 ? 9.640   -4.292  12.466  1.00 106.98 ? 131 SER A CB  1 
ATOM 577  O OG  . SER A 1 131 ? 8.442   -4.971  12.144  1.00 110.32 ? 131 SER A OG  1 
ATOM 578  N N   . VAL A 1 132 ? 9.153   -3.246  9.575   1.00 101.05 ? 132 VAL A N   1 
ATOM 579  C CA  . VAL A 1 132 ? 8.289   -3.306  8.399   1.00 98.74  ? 132 VAL A CA  1 
ATOM 580  C C   . VAL A 1 132 ? 7.056   -4.149  8.699   1.00 98.67  ? 132 VAL A C   1 
ATOM 581  O O   . VAL A 1 132 ? 5.943   -3.837  8.257   1.00 101.18 ? 132 VAL A O   1 
ATOM 582  C CB  . VAL A 1 132 ? 9.078   -3.839  7.186   1.00 92.12  ? 132 VAL A CB  1 
ATOM 583  C CG1 . VAL A 1 132 ? 9.829   -5.116  7.549   1.00 96.71  ? 132 VAL A CG1 1 
ATOM 584  C CG2 . VAL A 1 132 ? 8.157   -4.074  5.996   1.00 95.76  ? 132 VAL A CG2 1 
ATOM 585  N N   . CYS A 1 133 ? 7.228   -5.210  9.493   1.00 99.15  ? 133 CYS A N   1 
ATOM 586  C CA  . CYS A 1 133 ? 6.103   -6.064  9.858   1.00 99.52  ? 133 CYS A CA  1 
ATOM 587  C C   . CYS A 1 133 ? 5.095   -5.318  10.726  1.00 97.07  ? 133 CYS A C   1 
ATOM 588  O O   . CYS A 1 133 ? 3.881   -5.464  10.540  1.00 99.63  ? 133 CYS A O   1 
ATOM 589  C CB  . CYS A 1 133 ? 6.614   -7.315  10.576  1.00 103.35 ? 133 CYS A CB  1 
ATOM 590  S SG  . CYS A 1 133 ? 5.420   -8.668  10.680  1.00 149.21 ? 133 CYS A SG  1 
ATOM 591  N N   . ASP A 1 134 ? 5.574   -4.511  11.677  1.00 101.97 ? 134 ASP A N   1 
ATOM 592  C CA  . ASP A 1 134 ? 4.660   -3.732  12.508  1.00 100.38 ? 134 ASP A CA  1 
ATOM 593  C C   . ASP A 1 134 ? 3.929   -2.679  11.685  1.00 96.98  ? 134 ASP A C   1 
ATOM 594  O O   . ASP A 1 134 ? 2.740   -2.418  11.910  1.00 95.87  ? 134 ASP A O   1 
ATOM 595  C CB  . ASP A 1 134 ? 5.421   -3.082  13.664  1.00 108.16 ? 134 ASP A CB  1 
ATOM 596  C CG  . ASP A 1 134 ? 5.959   -4.098  14.659  1.00 124.08 ? 134 ASP A CG  1 
ATOM 597  O OD1 . ASP A 1 134 ? 5.337   -5.169  14.814  1.00 115.99 ? 134 ASP A OD1 1 
ATOM 598  O OD2 . ASP A 1 134 ? 7.001   -3.821  15.290  1.00 120.71 ? 134 ASP A OD2 1 
ATOM 599  N N   . TYR A 1 135 ? 4.625   -2.064  10.724  1.00 96.72  ? 135 TYR A N   1 
ATOM 600  C CA  . TYR A 1 135 ? 3.978   -1.116  9.824   1.00 94.87  ? 135 TYR A CA  1 
ATOM 601  C C   . TYR A 1 135 ? 2.871   -1.788  9.021   1.00 96.13  ? 135 TYR A C   1 
ATOM 602  O O   . TYR A 1 135 ? 1.777   -1.230  8.861   1.00 97.55  ? 135 TYR A O   1 
ATOM 603  C CB  . TYR A 1 135 ? 5.020   -0.497  8.894   1.00 91.25  ? 135 TYR A CB  1 
ATOM 604  C CG  . TYR A 1 135 ? 4.488   0.611   8.021   1.00 95.84  ? 135 TYR A CG  1 
ATOM 605  C CD1 . TYR A 1 135 ? 4.395   1.909   8.500   1.00 98.43  ? 135 TYR A CD1 1 
ATOM 606  C CD2 . TYR A 1 135 ? 4.087   0.364   6.713   1.00 93.04  ? 135 TYR A CD2 1 
ATOM 607  C CE1 . TYR A 1 135 ? 3.914   2.929   7.710   1.00 96.51  ? 135 TYR A CE1 1 
ATOM 608  C CE2 . TYR A 1 135 ? 3.601   1.379   5.912   1.00 91.12  ? 135 TYR A CE2 1 
ATOM 609  C CZ  . TYR A 1 135 ? 3.518   2.661   6.418   1.00 93.63  ? 135 TYR A CZ  1 
ATOM 610  O OH  . TYR A 1 135 ? 3.038   3.684   5.636   1.00 93.80  ? 135 TYR A OH  1 
ATOM 611  N N   . LEU A 1 136 ? 3.132   -2.996  8.514   1.00 100.50 ? 136 LEU A N   1 
ATOM 612  C CA  . LEU A 1 136 ? 2.101   -3.709  7.764   1.00 96.74  ? 136 LEU A CA  1 
ATOM 613  C C   . LEU A 1 136 ? 0.954   -4.157  8.664   1.00 95.87  ? 136 LEU A C   1 
ATOM 614  O O   . LEU A 1 136 ? -0.196  -4.215  8.217   1.00 93.24  ? 136 LEU A O   1 
ATOM 615  C CB  . LEU A 1 136 ? 2.718   -4.901  7.035   1.00 89.71  ? 136 LEU A CB  1 
ATOM 616  C CG  . LEU A 1 136 ? 3.828   -4.508  6.058   1.00 90.40  ? 136 LEU A CG  1 
ATOM 617  C CD1 . LEU A 1 136 ? 4.456   -5.733  5.422   1.00 88.83  ? 136 LEU A CD1 1 
ATOM 618  C CD2 . LEU A 1 136 ? 3.312   -3.548  4.993   1.00 87.61  ? 136 LEU A CD2 1 
ATOM 619  N N   . LYS A 1 137 ? 1.239   -4.462  9.932   1.00 94.58  ? 137 LYS A N   1 
ATOM 620  C CA  . LYS A 1 137 ? 0.167   -4.755  10.880  1.00 88.59  ? 137 LYS A CA  1 
ATOM 621  C C   . LYS A 1 137 ? -0.711  -3.531  11.111  1.00 91.55  ? 137 LYS A C   1 
ATOM 622  O O   . LYS A 1 137 ? -1.942  -3.640  11.198  1.00 100.39 ? 137 LYS A O   1 
ATOM 623  C CB  . LYS A 1 137 ? 0.752   -5.244  12.203  1.00 93.61  ? 137 LYS A CB  1 
ATOM 624  C CG  . LYS A 1 137 ? 0.593   -6.729  12.450  1.00 103.14 ? 137 LYS A CG  1 
ATOM 625  C CD  . LYS A 1 137 ? 1.104   -7.088  13.829  1.00 105.69 ? 137 LYS A CD  1 
ATOM 626  C CE  . LYS A 1 137 ? 1.910   -8.371  13.792  1.00 105.76 ? 137 LYS A CE  1 
ATOM 627  N NZ  . LYS A 1 137 ? 2.709   -8.552  15.034  1.00 107.62 ? 137 LYS A NZ  1 
ATOM 628  N N   . GLN A 1 138 ? -0.090  -2.357  11.235  1.00 102.10 ? 138 GLN A N   1 
ATOM 629  C CA  . GLN A 1 138 ? -0.864  -1.126  11.331  1.00 100.71 ? 138 GLN A CA  1 
ATOM 630  C C   . GLN A 1 138 ? -1.717  -0.917  10.085  1.00 95.82  ? 138 GLN A C   1 
ATOM 631  O O   . GLN A 1 138 ? -2.877  -0.499  10.179  1.00 96.48  ? 138 GLN A O   1 
ATOM 632  C CB  . GLN A 1 138 ? 0.065   0.065   11.562  1.00 103.65 ? 138 GLN A CB  1 
ATOM 633  C CG  . GLN A 1 138 ? 0.502   0.229   13.012  1.00 112.69 ? 138 GLN A CG  1 
ATOM 634  C CD  . GLN A 1 138 ? -0.673  0.466   13.948  1.00 133.23 ? 138 GLN A CD  1 
ATOM 635  O OE1 . GLN A 1 138 ? -1.655  1.110   13.577  1.00 135.50 ? 138 GLN A OE1 1 
ATOM 636  N NE2 . GLN A 1 138 ? -0.581  -0.064  15.163  1.00 132.81 ? 138 GLN A NE2 1 
ATOM 637  N N   . GLN A 1 139 ? -1.155  -1.197  8.906   1.00 94.28  ? 139 GLN A N   1 
ATOM 638  C CA  . GLN A 1 139 ? -1.942  -1.171  7.673   1.00 95.72  ? 139 GLN A CA  1 
ATOM 639  C C   . GLN A 1 139 ? -3.164  -2.074  7.786   1.00 102.92 ? 139 GLN A C   1 
ATOM 640  O O   . GLN A 1 139 ? -4.289  -1.686  7.427   1.00 104.92 ? 139 GLN A O   1 
ATOM 641  C CB  . GLN A 1 139 ? -1.075  -1.615  6.493   1.00 92.93  ? 139 GLN A CB  1 
ATOM 642  C CG  . GLN A 1 139 ? 0.070   -0.689  6.145   1.00 85.76  ? 139 GLN A CG  1 
ATOM 643  C CD  . GLN A 1 139 ? -0.330  0.376   5.150   1.00 89.89  ? 139 GLN A CD  1 
ATOM 644  O OE1 . GLN A 1 139 ? -1.380  1.003   5.282   1.00 90.35  ? 139 GLN A OE1 1 
ATOM 645  N NE2 . GLN A 1 139 ? 0.504   0.581   4.139   1.00 83.63  ? 139 GLN A NE2 1 
ATOM 646  N N   . LEU A 1 140 ? -2.940  -3.304  8.256   1.00 98.42  ? 140 LEU A N   1 
ATOM 647  C CA  . LEU A 1 140 ? -4.033  -4.251  8.429   1.00 96.85  ? 140 LEU A CA  1 
ATOM 648  C C   . LEU A 1 140 ? -5.104  -3.682  9.345   1.00 100.75 ? 140 LEU A C   1 
ATOM 649  O O   . LEU A 1 140 ? -6.303  -3.818  9.078   1.00 107.63 ? 140 LEU A O   1 
ATOM 650  C CB  . LEU A 1 140 ? -3.513  -5.576  8.973   1.00 99.01  ? 140 LEU A CB  1 
ATOM 651  C CG  . LEU A 1 140 ? -2.956  -6.565  7.956   1.00 96.18  ? 140 LEU A CG  1 
ATOM 652  C CD1 . LEU A 1 140 ? -2.907  -7.931  8.598   1.00 95.39  ? 140 LEU A CD1 1 
ATOM 653  C CD2 . LEU A 1 140 ? -3.795  -6.592  6.682   1.00 92.97  ? 140 LEU A CD2 1 
ATOM 654  N N   . ASN A 1 141 ? -4.689  -3.014  10.417  1.00 103.63 ? 141 ASN A N   1 
ATOM 655  C CA  . ASN A 1 141 ? -5.667  -2.497  11.365  1.00 104.18 ? 141 ASN A CA  1 
ATOM 656  C C   . ASN A 1 141 ? -6.456  -1.326  10.777  1.00 103.34 ? 141 ASN A C   1 
ATOM 657  O O   . ASN A 1 141 ? -7.666  -1.215  11.011  1.00 103.34 ? 141 ASN A O   1 
ATOM 658  C CB  . ASN A 1 141 ? -4.976  -2.107  12.672  1.00 105.98 ? 141 ASN A CB  1 
ATOM 659  C CG  . ASN A 1 141 ? -4.496  -3.319  13.468  1.00 113.64 ? 141 ASN A CG  1 
ATOM 660  O OD1 . ASN A 1 141 ? -4.009  -3.184  14.590  1.00 118.70 ? 141 ASN A OD1 1 
ATOM 661  N ND2 . ASN A 1 141 ? -4.628  -4.506  12.884  1.00 117.67 ? 141 ASN A ND2 1 
ATOM 662  N N   . ILE A 1 142 ? -5.810  -0.456  9.990   1.00 104.29 ? 142 ILE A N   1 
ATOM 663  C CA  . ILE A 1 142 ? -6.563  0.672   9.437   1.00 108.57 ? 142 ILE A CA  1 
ATOM 664  C C   . ILE A 1 142 ? -7.556  0.188   8.385   1.00 113.71 ? 142 ILE A C   1 
ATOM 665  O O   . ILE A 1 142 ? -8.698  0.662   8.332   1.00 124.12 ? 142 ILE A O   1 
ATOM 666  C CB  . ILE A 1 142 ? -5.648  1.789   8.880   1.00 111.00 ? 142 ILE A CB  1 
ATOM 667  C CG1 . ILE A 1 142 ? -5.178  1.505   7.445   1.00 113.72 ? 142 ILE A CG1 1 
ATOM 668  C CG2 . ILE A 1 142 ? -4.491  2.085   9.816   1.00 107.19 ? 142 ILE A CG2 1 
ATOM 669  C CD1 . ILE A 1 142 ? -4.654  2.735   6.717   1.00 128.61 ? 142 ILE A CD1 1 
ATOM 670  N N   . LEU A 1 143 ? -7.165  -0.780  7.549   1.00 113.12 ? 143 LEU A N   1 
ATOM 671  C CA  . LEU A 1 143 ? -8.117  -1.230  6.539   1.00 112.63 ? 143 LEU A CA  1 
ATOM 672  C C   . LEU A 1 143 ? -9.156  -2.183  7.117   1.00 109.36 ? 143 LEU A C   1 
ATOM 673  O O   . LEU A 1 143 ? -10.202 -2.390  6.491   1.00 114.86 ? 143 LEU A O   1 
ATOM 674  C CB  . LEU A 1 143 ? -7.395  -1.857  5.343   1.00 111.02 ? 143 LEU A CB  1 
ATOM 675  C CG  . LEU A 1 143 ? -7.163  -3.364  5.240   1.00 109.07 ? 143 LEU A CG  1 
ATOM 676  C CD1 . LEU A 1 143 ? -6.613  -3.720  3.896   1.00 98.93  ? 143 LEU A CD1 1 
ATOM 677  C CD2 . LEU A 1 143 ? -6.168  -3.770  6.244   1.00 109.36 ? 143 LEU A CD2 1 
ATOM 678  N N   . ARG A 1 144 ? -8.906  -2.749  8.301   1.00 107.63 ? 144 ARG A N   1 
ATOM 679  C CA  . ARG A 1 144 ? -9.971  -3.425  9.033   1.00 107.33 ? 144 ARG A CA  1 
ATOM 680  C C   . ARG A 1 144 ? -10.973 -2.419  9.584   1.00 114.93 ? 144 ARG A C   1 
ATOM 681  O O   . ARG A 1 144 ? -12.185 -2.568  9.398   1.00 117.58 ? 144 ARG A O   1 
ATOM 682  C CB  . ARG A 1 144 ? -9.379  -4.267  10.162  1.00 105.78 ? 144 ARG A CB  1 
ATOM 683  C CG  . ARG A 1 144 ? -10.412 -4.872  11.102  1.00 108.56 ? 144 ARG A CG  1 
ATOM 684  C CD  . ARG A 1 144 ? -9.847  -4.981  12.507  1.00 127.89 ? 144 ARG A CD  1 
ATOM 685  N NE  . ARG A 1 144 ? -10.455 -6.059  13.278  1.00 116.88 ? 144 ARG A NE  1 
ATOM 686  C CZ  . ARG A 1 144 ? -9.954  -6.538  14.408  1.00 116.30 ? 144 ARG A CZ  1 
ATOM 687  N NH1 . ARG A 1 144 ? -8.840  -6.055  14.930  1.00 118.35 ? 144 ARG A NH1 1 
ATOM 688  N NH2 . ARG A 1 144 ? -10.582 -7.537  15.024  1.00 113.29 ? 144 ARG A NH2 1 
ATOM 689  N N   . ALA A 1 145 ? -10.483 -1.377  10.260  1.00 122.92 ? 145 ALA A N   1 
ATOM 690  C CA  . ALA A 1 145 ? -11.379 -0.384  10.839  1.00 117.42 ? 145 ALA A CA  1 
ATOM 691  C C   . ALA A 1 145 ? -12.086 0.455   9.780   1.00 120.10 ? 145 ALA A C   1 
ATOM 692  O O   . ALA A 1 145 ? -13.084 1.112   10.096  1.00 122.44 ? 145 ALA A O   1 
ATOM 693  C CB  . ALA A 1 145 ? -10.609 0.525   11.799  1.00 110.24 ? 145 ALA A CB  1 
ATOM 694  N N   . ALA A 1 146 ? -11.591 0.452   8.538   1.00 119.81 ? 146 ALA A N   1 
ATOM 695  C CA  . ALA A 1 146 ? -12.187 1.274   7.487   1.00 126.59 ? 146 ALA A CA  1 
ATOM 696  C C   . ALA A 1 146 ? -13.653 0.915   7.253   1.00 137.05 ? 146 ALA A C   1 
ATOM 697  O O   . ALA A 1 146 ? -14.540 1.767   7.374   1.00 145.92 ? 146 ALA A O   1 
ATOM 698  C CB  . ALA A 1 146 ? -11.378 1.133   6.197   1.00 128.78 ? 146 ALA A CB  1 
ATOM 699  N N   . ASP A 1 147 ? -13.929 -0.348  6.912   1.00 139.88 ? 147 ASP A N   1 
ATOM 700  C CA  . ASP A 1 147 ? -15.303 -0.740  6.613   1.00 140.51 ? 147 ASP A CA  1 
ATOM 701  C C   . ASP A 1 147 ? -16.200 -0.698  7.845   1.00 141.18 ? 147 ASP A C   1 
ATOM 702  O O   . ASP A 1 147 ? -17.429 -0.685  7.706   1.00 146.15 ? 147 ASP A O   1 
ATOM 703  C CB  . ASP A 1 147 ? -15.328 -2.138  5.961   1.00 150.77 ? 147 ASP A CB  1 
ATOM 704  C CG  . ASP A 1 147 ? -15.119 -3.309  6.962   1.00 158.65 ? 147 ASP A CG  1 
ATOM 705  O OD1 . ASP A 1 147 ? -14.491 -3.103  8.036   1.00 165.02 ? 147 ASP A OD1 1 
ATOM 706  O OD2 . ASP A 1 147 ? -15.576 -4.437  6.633   1.00 136.48 ? 147 ASP A OD2 1 
ATOM 707  N N   . SER A 1 148 ? -15.617 -0.659  9.038   1.00 144.21 ? 148 SER A N   1 
ATOM 708  C CA  . SER A 1 148 ? -16.386 -0.668  10.270  1.00 142.17 ? 148 SER A CA  1 
ATOM 709  C C   . SER A 1 148 ? -16.324 0.692   10.958  1.00 142.16 ? 148 SER A C   1 
ATOM 710  O O   . SER A 1 148 ? -16.497 1.731   10.317  1.00 137.99 ? 148 SER A O   1 
ATOM 711  C CB  . SER A 1 148 ? -15.871 -1.764  11.208  1.00 136.04 ? 148 SER A CB  1 
ATOM 712  O OG  . SER A 1 148 ? -16.063 -3.051  10.642  1.00 146.85 ? 148 SER A OG  1 
ATOM 713  N N   . LEU B 1 49  ? -6.888  3.480   -23.236 1.00 141.09 ? 49  LEU B N   1 
ATOM 714  C CA  . LEU B 1 49  ? -5.797  4.132   -22.548 1.00 142.57 ? 49  LEU B CA  1 
ATOM 715  C C   . LEU B 1 49  ? -5.693  3.575   -21.138 1.00 143.10 ? 49  LEU B C   1 
ATOM 716  O O   . LEU B 1 49  ? -5.166  2.477   -20.920 1.00 145.34 ? 49  LEU B O   1 
ATOM 717  C CB  . LEU B 1 49  ? -5.970  5.661   -22.512 1.00 143.72 ? 49  LEU B CB  1 
ATOM 718  C CG  . LEU B 1 49  ? -5.910  6.481   -23.804 1.00 140.85 ? 49  LEU B CG  1 
ATOM 719  C CD1 . LEU B 1 49  ? -4.715  6.064   -24.665 1.00 133.15 ? 49  LEU B CD1 1 
ATOM 720  C CD2 . LEU B 1 49  ? -7.217  6.419   -24.607 1.00 141.07 ? 49  LEU B CD2 1 
ATOM 721  N N   . ARG B 1 50  ? -6.211  4.328   -20.169 1.00 140.04 ? 50  ARG B N   1 
ATOM 722  C CA  . ARG B 1 50  ? -6.350  3.808   -18.815 1.00 140.79 ? 50  ARG B CA  1 
ATOM 723  C C   . ARG B 1 50  ? -7.127  2.501   -18.820 1.00 140.11 ? 50  ARG B C   1 
ATOM 724  O O   . ARG B 1 50  ? -6.657  1.491   -18.292 1.00 137.35 ? 50  ARG B O   1 
ATOM 725  C CB  . ARG B 1 50  ? -7.024  4.852   -17.918 1.00 157.38 ? 50  ARG B CB  1 
ATOM 726  C CG  . ARG B 1 50  ? -6.209  6.113   -17.727 1.00 148.15 ? 50  ARG B CG  1 
ATOM 727  C CD  . ARG B 1 50  ? -6.873  7.050   -16.741 1.00 154.03 ? 50  ARG B CD  1 
ATOM 728  N NE  . ARG B 1 50  ? -6.012  8.194   -16.456 1.00 165.67 ? 50  ARG B NE  1 
ATOM 729  C CZ  . ARG B 1 50  ? -6.412  9.294   -15.827 1.00 165.98 ? 50  ARG B CZ  1 
ATOM 730  N NH1 . ARG B 1 50  ? -7.639  9.409   -15.335 1.00 168.07 ? 50  ARG B NH1 1 
ATOM 731  N NH2 . ARG B 1 50  ? -5.564  10.309  -15.697 1.00 162.39 ? 50  ARG B NH2 1 
ATOM 732  N N   . LEU B 1 51  ? -8.306  2.499   -19.445 1.00 142.91 ? 51  LEU B N   1 
ATOM 733  C CA  . LEU B 1 51  ? -9.113  1.291   -19.600 1.00 144.20 ? 51  LEU B CA  1 
ATOM 734  C C   . LEU B 1 51  ? -8.292  0.123   -20.131 1.00 140.04 ? 51  LEU B C   1 
ATOM 735  O O   . LEU B 1 51  ? -8.310  -0.975  -19.566 1.00 144.95 ? 51  LEU B O   1 
ATOM 736  C CB  . LEU B 1 51  ? -10.289 1.571   -20.540 1.00 146.72 ? 51  LEU B CB  1 
ATOM 737  C CG  . LEU B 1 51  ? -11.294 2.631   -20.097 1.00 146.93 ? 51  LEU B CG  1 
ATOM 738  C CD1 . LEU B 1 51  ? -12.295 2.928   -21.204 1.00 143.53 ? 51  LEU B CD1 1 
ATOM 739  C CD2 . LEU B 1 51  ? -12.003 2.152   -18.845 1.00 140.73 ? 51  LEU B CD2 1 
ATOM 740  N N   . HIS B 1 52  ? -7.575  0.355   -21.233 1.00 135.64 ? 52  HIS B N   1 
ATOM 741  C CA  . HIS B 1 52  ? -6.779  -0.695  -21.863 1.00 137.15 ? 52  HIS B CA  1 
ATOM 742  C C   . HIS B 1 52  ? -5.775  -1.303  -20.886 1.00 132.05 ? 52  HIS B C   1 
ATOM 743  O O   . HIS B 1 52  ? -5.528  -2.516  -20.903 1.00 133.18 ? 52  HIS B O   1 
ATOM 744  C CB  . HIS B 1 52  ? -6.056  -0.144  -23.099 1.00 153.20 ? 52  HIS B CB  1 
ATOM 745  C CG  . HIS B 1 52  ? -6.964  0.201   -24.240 1.00 166.05 ? 52  HIS B CG  1 
ATOM 746  N ND1 . HIS B 1 52  ? -8.214  -0.354  -24.403 1.00 163.17 ? 52  HIS B ND1 1 
ATOM 747  C CD2 . HIS B 1 52  ? -6.791  1.044   -25.285 1.00 163.85 ? 52  HIS B CD2 1 
ATOM 748  C CE1 . HIS B 1 52  ? -8.771  0.135   -25.499 1.00 164.10 ? 52  HIS B CE1 1 
ATOM 749  N NE2 . HIS B 1 52  ? -7.928  0.988   -26.053 1.00 161.01 ? 52  HIS B NE2 1 
ATOM 750  N N   . TYR B 1 53  ? -5.177  -0.475  -20.034 1.00 127.62 ? 53  TYR B N   1 
ATOM 751  C CA  . TYR B 1 53  ? -4.258  -0.993  -19.030 1.00 117.85 ? 53  TYR B CA  1 
ATOM 752  C C   . TYR B 1 53  ? -4.989  -1.861  -18.010 1.00 115.29 ? 53  TYR B C   1 
ATOM 753  O O   . TYR B 1 53  ? -4.568  -2.985  -17.724 1.00 111.55 ? 53  TYR B O   1 
ATOM 754  C CB  . TYR B 1 53  ? -3.520  0.160   -18.348 1.00 111.43 ? 53  TYR B CB  1 
ATOM 755  C CG  . TYR B 1 53  ? -2.423  -0.294  -17.416 1.00 103.21 ? 53  TYR B CG  1 
ATOM 756  C CD1 . TYR B 1 53  ? -1.368  -1.068  -17.882 1.00 99.77  ? 53  TYR B CD1 1 
ATOM 757  C CD2 . TYR B 1 53  ? -2.439  0.052   -16.072 1.00 102.88 ? 53  TYR B CD2 1 
ATOM 758  C CE1 . TYR B 1 53  ? -0.365  -1.494  -17.035 1.00 95.96  ? 53  TYR B CE1 1 
ATOM 759  C CE2 . TYR B 1 53  ? -1.443  -0.366  -15.220 1.00 98.29  ? 53  TYR B CE2 1 
ATOM 760  C CZ  . TYR B 1 53  ? -0.412  -1.137  -15.710 1.00 95.60  ? 53  TYR B CZ  1 
ATOM 761  O OH  . TYR B 1 53  ? 0.584   -1.554  -14.855 1.00 95.65  ? 53  TYR B OH  1 
ATOM 762  N N   . THR B 1 54  ? -6.095  -1.365  -17.464 1.00 117.23 ? 54  THR B N   1 
ATOM 763  C CA  . THR B 1 54  ? -6.873  -2.086  -16.462 1.00 116.10 ? 54  THR B CA  1 
ATOM 764  C C   . THR B 1 54  ? -8.000  -2.923  -17.088 1.00 121.20 ? 54  THR B C   1 
ATOM 765  O O   . THR B 1 54  ? -9.110  -3.022  -16.554 1.00 119.64 ? 54  THR B O   1 
ATOM 766  C CB  . THR B 1 54  ? -7.413  -1.086  -15.439 1.00 110.52 ? 54  THR B CB  1 
ATOM 767  O OG1 . THR B 1 54  ? -8.317  -1.723  -14.515 1.00 139.18 ? 54  THR B OG1 1 
ATOM 768  C CG2 . THR B 1 54  ? -8.137  0.066   -16.102 1.00 117.87 ? 54  THR B CG2 1 
ATOM 769  N N   . ASP B 1 55  ? -7.732  -3.547  -18.230 1.00 121.85 ? 55  ASP B N   1 
ATOM 770  C CA  . ASP B 1 55  ? -8.696  -4.396  -18.902 1.00 122.95 ? 55  ASP B CA  1 
ATOM 771  C C   . ASP B 1 55  ? -8.449  -5.862  -18.578 1.00 124.57 ? 55  ASP B C   1 
ATOM 772  O O   . ASP B 1 55  ? -7.315  -6.312  -18.415 1.00 116.03 ? 55  ASP B O   1 
ATOM 773  C CB  . ASP B 1 55  ? -8.637  -4.195  -20.416 1.00 121.28 ? 55  ASP B CB  1 
ATOM 774  C CG  . ASP B 1 55  ? -9.747  -3.307  -20.916 1.00 134.95 ? 55  ASP B CG  1 
ATOM 775  O OD1 . ASP B 1 55  ? -10.806 -3.258  -20.252 1.00 142.06 ? 55  ASP B OD1 1 
ATOM 776  O OD2 . ASP B 1 55  ? -9.568  -2.642  -21.960 1.00 141.08 ? 55  ASP B OD2 1 
ATOM 777  N N   . GLN B 1 56  ? -9.539  -6.604  -18.486 1.00 118.96 ? 56  GLN B N   1 
ATOM 778  C CA  . GLN B 1 56  ? -9.496  -8.037  -18.289 1.00 107.94 ? 56  GLN B CA  1 
ATOM 779  C C   . GLN B 1 56  ? -10.839 -8.598  -18.720 1.00 112.86 ? 56  GLN B C   1 
ATOM 780  O O   . GLN B 1 56  ? -11.815 -7.866  -18.899 1.00 115.91 ? 56  GLN B O   1 
ATOM 781  C CB  . GLN B 1 56  ? -9.177  -8.406  -16.835 1.00 100.81 ? 56  GLN B CB  1 
ATOM 782  C CG  . GLN B 1 56  ? -10.080 -7.794  -15.781 1.00 110.67 ? 56  GLN B CG  1 
ATOM 783  C CD  . GLN B 1 56  ? -9.888  -8.396  -14.403 1.00 103.58 ? 56  GLN B CD  1 
ATOM 784  O OE1 . GLN B 1 56  ? -9.007  -9.226  -14.196 1.00 93.34  ? 56  GLN B OE1 1 
ATOM 785  N NE2 . GLN B 1 56  ? -10.721 -7.978  -13.451 1.00 104.86 ? 56  GLN B NE2 1 
ATOM 786  N N   . GLU B 1 57  ? -10.865 -9.902  -18.920 1.00 112.85 ? 57  GLU B N   1 
ATOM 787  C CA  . GLU B 1 57  ? -12.087 -10.615 -19.259 1.00 105.87 ? 57  GLU B CA  1 
ATOM 788  C C   . GLU B 1 57  ? -12.541 -11.441 -18.063 1.00 102.83 ? 57  GLU B C   1 
ATOM 789  O O   . GLU B 1 57  ? -11.762 -11.736 -17.153 1.00 106.91 ? 57  GLU B O   1 
ATOM 790  C CB  . GLU B 1 57  ? -11.885 -11.513 -20.490 1.00 108.12 ? 57  GLU B CB  1 
ATOM 791  C CG  . GLU B 1 57  ? -11.398 -10.761 -21.727 1.00 119.33 ? 57  GLU B CG  1 
ATOM 792  C CD  . GLU B 1 57  ? -11.410 -11.624 -22.972 1.00 134.00 ? 57  GLU B CD  1 
ATOM 793  O OE1 . GLU B 1 57  ? -12.054 -12.688 -22.933 1.00 122.26 ? 57  GLU B OE1 1 
ATOM 794  O OE2 . GLU B 1 57  ? -10.782 -11.243 -23.981 1.00 154.47 ? 57  GLU B OE2 1 
ATOM 795  N N   . LYS B 1 58  ? -13.829 -11.791 -18.066 1.00 99.09  ? 58  LYS B N   1 
ATOM 796  C CA  . LYS B 1 58  ? -14.407 -12.483 -16.919 1.00 97.30  ? 58  LYS B CA  1 
ATOM 797  C C   . LYS B 1 58  ? -13.730 -13.824 -16.667 1.00 99.04  ? 58  LYS B C   1 
ATOM 798  O O   . LYS B 1 58  ? -13.656 -14.276 -15.518 1.00 97.79  ? 58  LYS B O   1 
ATOM 799  C CB  . LYS B 1 58  ? -15.907 -12.677 -17.127 1.00 105.44 ? 58  LYS B CB  1 
ATOM 800  C CG  . LYS B 1 58  ? -16.252 -13.687 -18.207 1.00 103.53 ? 58  LYS B CG  1 
ATOM 801  C CD  . LYS B 1 58  ? -17.749 -13.857 -18.324 1.00 105.11 ? 58  LYS B CD  1 
ATOM 802  C CE  . LYS B 1 58  ? -18.109 -15.226 -18.850 1.00 121.18 ? 58  LYS B CE  1 
ATOM 803  N NZ  . LYS B 1 58  ? -19.448 -15.614 -18.354 1.00 119.96 ? 58  LYS B NZ  1 
ATOM 804  N N   . LEU B 1 59  ? -13.219 -14.469 -17.719 1.00 96.53  ? 59  LEU B N   1 
ATOM 805  C CA  . LEU B 1 59  ? -12.583 -15.769 -17.547 1.00 94.72  ? 59  LEU B CA  1 
ATOM 806  C C   . LEU B 1 59  ? -11.257 -15.651 -16.807 1.00 98.66  ? 59  LEU B C   1 
ATOM 807  O O   . LEU B 1 59  ? -10.815 -16.615 -16.171 1.00 95.27  ? 59  LEU B O   1 
ATOM 808  C CB  . LEU B 1 59  ? -12.387 -16.438 -18.908 1.00 92.96  ? 59  LEU B CB  1 
ATOM 809  C CG  . LEU B 1 59  ? -12.126 -17.943 -18.887 1.00 95.98  ? 59  LEU B CG  1 
ATOM 810  C CD1 . LEU B 1 59  ? -13.189 -18.643 -18.061 1.00 96.29  ? 59  LEU B CD1 1 
ATOM 811  C CD2 . LEU B 1 59  ? -12.093 -18.505 -20.298 1.00 98.15  ? 59  LEU B CD2 1 
ATOM 812  N N   . ASP B 1 60  ? -10.614 -14.482 -16.864 1.00 98.11  ? 60  ASP B N   1 
ATOM 813  C CA  . ASP B 1 60  ? -9.374  -14.281 -16.121 1.00 92.71  ? 60  ASP B CA  1 
ATOM 814  C C   . ASP B 1 60  ? -9.632  -14.106 -14.631 1.00 92.43  ? 60  ASP B C   1 
ATOM 815  O O   . ASP B 1 60  ? -8.783  -14.469 -13.810 1.00 86.50  ? 60  ASP B O   1 
ATOM 816  C CB  . ASP B 1 60  ? -8.629  -13.058 -16.652 1.00 95.24  ? 60  ASP B CB  1 
ATOM 817  C CG  . ASP B 1 60  ? -8.479  -13.076 -18.153 1.00 99.42  ? 60  ASP B CG  1 
ATOM 818  O OD1 . ASP B 1 60  ? -8.260  -14.173 -18.711 1.00 94.78  ? 60  ASP B OD1 1 
ATOM 819  O OD2 . ASP B 1 60  ? -8.584  -11.996 -18.771 1.00 104.06 ? 60  ASP B OD2 1 
ATOM 820  N N   . VAL B 1 61  ? -10.798 -13.564 -14.270 1.00 99.65  ? 61  VAL B N   1 
ATOM 821  C CA  . VAL B 1 61  ? -11.028 -13.127 -12.890 1.00 92.06  ? 61  VAL B CA  1 
ATOM 822  C C   . VAL B 1 61  ? -10.901 -14.258 -11.878 1.00 90.51  ? 61  VAL B C   1 
ATOM 823  O O   . VAL B 1 61  ? -10.180 -14.096 -10.882 1.00 90.14  ? 61  VAL B O   1 
ATOM 824  C CB  . VAL B 1 61  ? -12.372 -12.387 -12.790 1.00 90.99  ? 61  VAL B CB  1 
ATOM 825  C CG1 . VAL B 1 61  ? -12.695 -12.049 -11.343 1.00 90.17  ? 61  VAL B CG1 1 
ATOM 826  C CG2 . VAL B 1 61  ? -12.346 -11.130 -13.648 1.00 93.02  ? 61  VAL B CG2 1 
ATOM 827  N N   . PRO B 1 62  ? -11.569 -15.416 -12.047 1.00 102.47 ? 62  PRO B N   1 
ATOM 828  C CA  . PRO B 1 62  ? -11.491 -16.445 -10.991 1.00 92.64  ? 62  PRO B CA  1 
ATOM 829  C C   . PRO B 1 62  ? -10.074 -16.912 -10.694 1.00 91.25  ? 62  PRO B C   1 
ATOM 830  O O   . PRO B 1 62  ? -9.674  -16.965 -9.525  1.00 86.04  ? 62  PRO B O   1 
ATOM 831  C CB  . PRO B 1 62  ? -12.363 -17.580 -11.549 1.00 88.74  ? 62  PRO B CB  1 
ATOM 832  C CG  . PRO B 1 62  ? -13.273 -16.920 -12.517 1.00 88.63  ? 62  PRO B CG  1 
ATOM 833  C CD  . PRO B 1 62  ? -12.458 -15.840 -13.142 1.00 93.10  ? 62  PRO B CD  1 
ATOM 834  N N   . SER B 1 63  ? -9.296  -17.239 -11.728 1.00 93.57  ? 63  SER B N   1 
ATOM 835  C CA  . SER B 1 63  ? -7.949  -17.756 -11.507 1.00 89.17  ? 63  SER B CA  1 
ATOM 836  C C   . SER B 1 63  ? -7.040  -16.703 -10.883 1.00 89.40  ? 63  SER B C   1 
ATOM 837  O O   . SER B 1 63  ? -6.258  -17.008 -9.967  1.00 89.24  ? 63  SER B O   1 
ATOM 838  C CB  . SER B 1 63  ? -7.370  -18.260 -12.827 1.00 98.65  ? 63  SER B CB  1 
ATOM 839  O OG  . SER B 1 63  ? -8.299  -19.103 -13.489 1.00 93.08  ? 63  SER B OG  1 
ATOM 840  N N   . LEU B 1 64  ? -7.118  -15.463 -11.373 1.00 91.90  ? 64  LEU B N   1 
ATOM 841  C CA  . LEU B 1 64  ? -6.309  -14.388 -10.808 1.00 83.91  ? 64  LEU B CA  1 
ATOM 842  C C   . LEU B 1 64  ? -6.635  -14.178 -9.336  1.00 82.05  ? 64  LEU B C   1 
ATOM 843  O O   . LEU B 1 64  ? -5.734  -14.137 -8.484  1.00 86.31  ? 64  LEU B O   1 
ATOM 844  C CB  . LEU B 1 64  ? -6.526  -13.095 -11.596 1.00 81.83  ? 64  LEU B CB  1 
ATOM 845  C CG  . LEU B 1 64  ? -6.003  -13.042 -13.031 1.00 88.15  ? 64  LEU B CG  1 
ATOM 846  C CD1 . LEU B 1 64  ? -6.296  -11.678 -13.638 1.00 88.95  ? 64  LEU B CD1 1 
ATOM 847  C CD2 . LEU B 1 64  ? -4.515  -13.348 -13.087 1.00 82.39  ? 64  LEU B CD2 1 
ATOM 848  N N   . VAL B 1 65  ? -7.926  -14.033 -9.020  1.00 76.39  ? 65  VAL B N   1 
ATOM 849  C CA  . VAL B 1 65  ? -8.340  -13.874 -7.630  1.00 73.98  ? 65  VAL B CA  1 
ATOM 850  C C   . VAL B 1 65  ? -7.848  -15.047 -6.796  1.00 80.32  ? 65  VAL B C   1 
ATOM 851  O O   . VAL B 1 65  ? -7.375  -14.865 -5.670  1.00 86.49  ? 65  VAL B O   1 
ATOM 852  C CB  . VAL B 1 65  ? -9.870  -13.703 -7.541  1.00 73.50  ? 65  VAL B CB  1 
ATOM 853  C CG1 . VAL B 1 65  ? -10.341 -13.785 -6.094  1.00 73.74  ? 65  VAL B CG1 1 
ATOM 854  C CG2 . VAL B 1 65  ? -10.290 -12.375 -8.160  1.00 81.35  ? 65  VAL B CG2 1 
ATOM 855  N N   . GLU B 1 66  ? -7.887  -16.258 -7.357  1.00 82.17  ? 66  GLU B N   1 
ATOM 856  C CA  . GLU B 1 66  ? -7.496  -17.442 -6.597  1.00 83.25  ? 66  GLU B CA  1 
ATOM 857  C C   . GLU B 1 66  ? -6.017  -17.419 -6.224  1.00 82.28  ? 66  GLU B C   1 
ATOM 858  O O   . GLU B 1 66  ? -5.663  -17.616 -5.055  1.00 81.78  ? 66  GLU B O   1 
ATOM 859  C CB  . GLU B 1 66  ? -7.829  -18.708 -7.386  1.00 85.35  ? 66  GLU B CB  1 
ATOM 860  C CG  . GLU B 1 66  ? -7.352  -19.987 -6.712  1.00 83.95  ? 66  GLU B CG  1 
ATOM 861  C CD  . GLU B 1 66  ? -7.880  -20.138 -5.297  1.00 85.88  ? 66  GLU B CD  1 
ATOM 862  O OE1 . GLU B 1 66  ? -8.948  -19.565 -4.987  1.00 86.33  ? 66  GLU B OE1 1 
ATOM 863  O OE2 . GLU B 1 66  ? -7.229  -20.835 -4.491  1.00 82.56  ? 66  GLU B OE2 1 
ATOM 864  N N   . ILE B 1 67  ? -5.131  -17.200 -7.198  1.00 83.65  ? 67  ILE B N   1 
ATOM 865  C CA  . ILE B 1 67  ? -3.707  -17.251 -6.862  1.00 87.52  ? 67  ILE B CA  1 
ATOM 866  C C   . ILE B 1 67  ? -3.312  -16.057 -5.995  1.00 86.64  ? 67  ILE B C   1 
ATOM 867  O O   . ILE B 1 67  ? -2.504  -16.189 -5.059  1.00 85.91  ? 67  ILE B O   1 
ATOM 868  C CB  . ILE B 1 67  ? -2.826  -17.356 -8.124  1.00 91.01  ? 67  ILE B CB  1 
ATOM 869  C CG1 . ILE B 1 67  ? -3.285  -16.380 -9.208  1.00 92.84  ? 67  ILE B CG1 1 
ATOM 870  C CG2 . ILE B 1 67  ? -2.747  -18.809 -8.610  1.00 95.90  ? 67  ILE B CG2 1 
ATOM 871  C CD1 . ILE B 1 67  ? -2.336  -16.284 -10.375 1.00 95.52  ? 67  ILE B CD1 1 
ATOM 872  N N   . CYS B 1 68  ? -3.880  -14.877 -6.273  1.00 86.06  ? 68  CYS B N   1 
ATOM 873  C CA  . CYS B 1 68  ? -3.581  -13.720 -5.435  1.00 88.07  ? 68  CYS B CA  1 
ATOM 874  C C   . CYS B 1 68  ? -4.046  -13.951 -4.004  1.00 90.85  ? 68  CYS B C   1 
ATOM 875  O O   . CYS B 1 68  ? -3.363  -13.565 -3.049  1.00 104.20 ? 68  CYS B O   1 
ATOM 876  C CB  . CYS B 1 68  ? -4.229  -12.464 -6.019  1.00 88.94  ? 68  CYS B CB  1 
ATOM 877  S SG  . CYS B 1 68  ? -3.872  -10.934 -5.116  1.00 98.78  ? 68  CYS B SG  1 
ATOM 878  N N   . LYS B 1 69  ? -5.197  -14.607 -3.839  1.00 88.47  ? 69  LYS B N   1 
ATOM 879  C CA  . LYS B 1 69  ? -5.719  -14.894 -2.510  1.00 88.96  ? 69  LYS B CA  1 
ATOM 880  C C   . LYS B 1 69  ? -4.853  -15.909 -1.782  1.00 86.15  ? 69  LYS B C   1 
ATOM 881  O O   . LYS B 1 69  ? -4.616  -15.774 -0.577  1.00 87.44  ? 69  LYS B O   1 
ATOM 882  C CB  . LYS B 1 69  ? -7.156  -15.395 -2.627  1.00 91.32  ? 69  LYS B CB  1 
ATOM 883  C CG  . LYS B 1 69  ? -7.825  -15.655 -1.304  1.00 95.14  ? 69  LYS B CG  1 
ATOM 884  C CD  . LYS B 1 69  ? -9.230  -15.107 -1.314  1.00 97.91  ? 69  LYS B CD  1 
ATOM 885  C CE  . LYS B 1 69  ? -10.090 -15.778 -2.369  1.00 98.09  ? 69  LYS B CE  1 
ATOM 886  N NZ  . LYS B 1 69  ? -11.531 -15.502 -2.142  1.00 98.91  ? 69  LYS B NZ  1 
ATOM 887  N N   . GLN B 1 70  ? -4.389  -16.942 -2.491  1.00 84.09  ? 70  GLN B N   1 
ATOM 888  C CA  . GLN B 1 70  ? -3.429  -17.871 -1.900  1.00 87.66  ? 70  GLN B CA  1 
ATOM 889  C C   . GLN B 1 70  ? -2.218  -17.125 -1.353  1.00 90.76  ? 70  GLN B C   1 
ATOM 890  O O   . GLN B 1 70  ? -1.780  -17.363 -0.218  1.00 90.77  ? 70  GLN B O   1 
ATOM 891  C CB  . GLN B 1 70  ? -2.982  -18.901 -2.934  1.00 88.63  ? 70  GLN B CB  1 
ATOM 892  C CG  . GLN B 1 70  ? -4.079  -19.792 -3.469  1.00 90.92  ? 70  GLN B CG  1 
ATOM 893  C CD  . GLN B 1 70  ? -3.564  -20.764 -4.509  1.00 90.63  ? 70  GLN B CD  1 
ATOM 894  O OE1 . GLN B 1 70  ? -2.388  -21.131 -4.505  1.00 97.39  ? 70  GLN B OE1 1 
ATOM 895  N NE2 . GLN B 1 70  ? -4.442  -21.182 -5.416  1.00 83.99  ? 70  GLN B NE2 1 
ATOM 896  N N   . GLN B 1 71  ? -1.655  -16.216 -2.154  1.00 97.70  ? 71  GLN B N   1 
ATOM 897  C CA  . GLN B 1 71  ? -0.474  -15.503 -1.676  1.00 87.38  ? 71  GLN B CA  1 
ATOM 898  C C   . GLN B 1 71  ? -0.809  -14.602 -0.492  1.00 84.84  ? 71  GLN B C   1 
ATOM 899  O O   . GLN B 1 71  ? -0.025  -14.501 0.464   1.00 87.20  ? 71  GLN B O   1 
ATOM 900  C CB  . GLN B 1 71  ? 0.173   -14.704 -2.807  1.00 90.63  ? 71  GLN B CB  1 
ATOM 901  C CG  . GLN B 1 71  ? 0.810   -15.543 -3.913  1.00 92.87  ? 71  GLN B CG  1 
ATOM 902  C CD  . GLN B 1 71  ? 1.877   -16.520 -3.418  1.00 105.61 ? 71  GLN B CD  1 
ATOM 903  O OE1 . GLN B 1 71  ? 2.115   -17.547 -4.052  1.00 120.63 ? 71  GLN B OE1 1 
ATOM 904  N NE2 . GLN B 1 71  ? 2.523   -16.206 -2.296  1.00 110.66 ? 71  GLN B NE2 1 
ATOM 905  N N   . LEU B 1 72  ? -1.966  -13.935 -0.534  1.00 82.16  ? 72  LEU B N   1 
ATOM 906  C CA  . LEU B 1 72  ? -2.353  -13.098 0.595   1.00 82.92  ? 72  LEU B CA  1 
ATOM 907  C C   . LEU B 1 72  ? -2.529  -13.924 1.861   1.00 83.78  ? 72  LEU B C   1 
ATOM 908  O O   . LEU B 1 72  ? -2.186  -13.460 2.954   1.00 85.61  ? 72  LEU B O   1 
ATOM 909  C CB  . LEU B 1 72  ? -3.625  -12.320 0.266   1.00 83.61  ? 72  LEU B CB  1 
ATOM 910  C CG  . LEU B 1 72  ? -3.423  -11.271 -0.832  1.00 90.40  ? 72  LEU B CG  1 
ATOM 911  C CD1 . LEU B 1 72  ? -4.752  -10.764 -1.363  1.00 86.29  ? 72  LEU B CD1 1 
ATOM 912  C CD2 . LEU B 1 72  ? -2.566  -10.123 -0.327  1.00 99.03  ? 72  LEU B CD2 1 
ATOM 913  N N   . ILE B 1 73  ? -3.026  -15.155 1.736   1.00 93.19  ? 73  ILE B N   1 
ATOM 914  C CA  . ILE B 1 73  ? -3.119  -16.023 2.904   1.00 85.26  ? 73  ILE B CA  1 
ATOM 915  C C   . ILE B 1 73  ? -1.734  -16.368 3.426   1.00 84.98  ? 73  ILE B C   1 
ATOM 916  O O   . ILE B 1 73  ? -1.509  -16.383 4.638   1.00 85.44  ? 73  ILE B O   1 
ATOM 917  C CB  . ILE B 1 73  ? -3.913  -17.297 2.583   1.00 87.11  ? 73  ILE B CB  1 
ATOM 918  C CG1 . ILE B 1 73  ? -5.339  -16.952 2.196   1.00 87.67  ? 73  ILE B CG1 1 
ATOM 919  C CG2 . ILE B 1 73  ? -3.942  -18.228 3.784   1.00 91.95  ? 73  ILE B CG2 1 
ATOM 920  C CD1 . ILE B 1 73  ? -6.013  -18.103 1.543   1.00 90.88  ? 73  ILE B CD1 1 
ATOM 921  N N   . VAL B 1 74  ? -0.796  -16.686 2.529   1.00 86.32  ? 74  VAL B N   1 
ATOM 922  C CA  . VAL B 1 74  ? 0.562   -16.999 2.981   1.00 82.94  ? 74  VAL B CA  1 
ATOM 923  C C   . VAL B 1 74  ? 1.124   -15.838 3.794   1.00 87.77  ? 74  VAL B C   1 
ATOM 924  O O   . VAL B 1 74  ? 1.632   -16.015 4.912   1.00 89.67  ? 74  VAL B O   1 
ATOM 925  C CB  . VAL B 1 74  ? 1.472   -17.341 1.786   1.00 83.43  ? 74  VAL B CB  1 
ATOM 926  C CG1 . VAL B 1 74  ? 2.918   -17.515 2.248   1.00 90.64  ? 74  VAL B CG1 1 
ATOM 927  C CG2 . VAL B 1 74  ? 0.981   -18.598 1.084   1.00 90.81  ? 74  VAL B CG2 1 
ATOM 928  N N   . ILE B 1 75  ? 1.003   -14.625 3.251   1.00 87.20  ? 75  ILE B N   1 
ATOM 929  C CA  . ILE B 1 75  ? 1.514   -13.433 3.928   1.00 88.04  ? 75  ILE B CA  1 
ATOM 930  C C   . ILE B 1 75  ? 0.828   -13.243 5.279   1.00 89.33  ? 75  ILE B C   1 
ATOM 931  O O   . ILE B 1 75  ? 1.480   -13.016 6.309   1.00 94.52  ? 75  ILE B O   1 
ATOM 932  C CB  . ILE B 1 75  ? 1.332   -12.198 3.027   1.00 84.60  ? 75  ILE B CB  1 
ATOM 933  C CG1 . ILE B 1 75  ? 2.372   -12.192 1.899   1.00 84.25  ? 75  ILE B CG1 1 
ATOM 934  C CG2 . ILE B 1 75  ? 1.387   -10.940 3.860   1.00 91.92  ? 75  ILE B CG2 1 
ATOM 935  C CD1 . ILE B 1 75  ? 2.007   -11.311 0.715   1.00 85.29  ? 75  ILE B CD1 1 
ATOM 936  N N   . LEU B 1 76  ? -0.504  -13.332 5.287   1.00 87.26  ? 76  LEU B N   1 
ATOM 937  C CA  . LEU B 1 76  ? -1.279  -13.106 6.501   1.00 86.09  ? 76  LEU B CA  1 
ATOM 938  C C   . LEU B 1 76  ? -0.915  -14.115 7.582   1.00 92.51  ? 76  LEU B C   1 
ATOM 939  O O   . LEU B 1 76  ? -0.740  -13.756 8.752   1.00 99.07  ? 76  LEU B O   1 
ATOM 940  C CB  . LEU B 1 76  ? -2.766  -13.182 6.163   1.00 84.01  ? 76  LEU B CB  1 
ATOM 941  C CG  . LEU B 1 76  ? -3.787  -12.654 7.160   1.00 90.04  ? 76  LEU B CG  1 
ATOM 942  C CD1 . LEU B 1 76  ? -3.339  -11.319 7.709   1.00 88.43  ? 76  LEU B CD1 1 
ATOM 943  C CD2 . LEU B 1 76  ? -5.114  -12.526 6.450   1.00 95.38  ? 76  LEU B CD2 1 
ATOM 944  N N   . LYS B 1 77  ? -0.817  -15.392 7.203   1.00 95.61  ? 77  LYS B N   1 
ATOM 945  C CA  . LYS B 1 77  ? -0.309  -16.420 8.101   1.00 102.24 ? 77  LYS B CA  1 
ATOM 946  C C   . LYS B 1 77  ? 1.035   -16.018 8.683   1.00 101.50 ? 77  LYS B C   1 
ATOM 947  O O   . LYS B 1 77  ? 1.262   -16.138 9.890   1.00 108.49 ? 77  LYS B O   1 
ATOM 948  C CB  . LYS B 1 77  ? -0.171  -17.745 7.354   1.00 98.32  ? 77  LYS B CB  1 
ATOM 949  C CG  . LYS B 1 77  ? -1.457  -18.511 7.134   1.00 96.97  ? 77  LYS B CG  1 
ATOM 950  C CD  . LYS B 1 77  ? -1.180  -19.694 6.222   1.00 100.09 ? 77  LYS B CD  1 
ATOM 951  C CE  . LYS B 1 77  ? 0.042   -20.464 6.706   1.00 101.57 ? 77  LYS B CE  1 
ATOM 952  N NZ  . LYS B 1 77  ? 0.691   -21.259 5.628   1.00 102.32 ? 77  LYS B NZ  1 
ATOM 953  N N   . ASP B 1 78  ? 1.949   -15.548 7.830   1.00 99.17  ? 78  ASP B N   1 
ATOM 954  C CA  . ASP B 1 78  ? 3.265   -15.146 8.318   1.00 106.73 ? 78  ASP B CA  1 
ATOM 955  C C   . ASP B 1 78  ? 3.147   -14.090 9.411   1.00 104.17 ? 78  ASP B C   1 
ATOM 956  O O   . ASP B 1 78  ? 3.783   -14.197 10.466  1.00 104.02 ? 78  ASP B O   1 
ATOM 957  C CB  . ASP B 1 78  ? 4.126   -14.630 7.166   1.00 100.36 ? 78  ASP B CB  1 
ATOM 958  C CG  . ASP B 1 78  ? 5.531   -14.272 7.612   1.00 105.63 ? 78  ASP B CG  1 
ATOM 959  O OD1 . ASP B 1 78  ? 5.967   -14.780 8.666   1.00 117.70 ? 78  ASP B OD1 1 
ATOM 960  O OD2 . ASP B 1 78  ? 6.190   -13.469 6.921   1.00 113.37 ? 78  ASP B OD2 1 
ATOM 961  N N   . MET B 1 79  ? 2.322   -13.067 9.184   1.00 104.11 ? 79  MET B N   1 
ATOM 962  C CA  . MET B 1 79  ? 2.239   -11.981 10.159  1.00 100.55 ? 79  MET B CA  1 
ATOM 963  C C   . MET B 1 79  ? 1.526   -12.418 11.436  1.00 108.24 ? 79  MET B C   1 
ATOM 964  O O   . MET B 1 79  ? 1.971   -12.090 12.543  1.00 111.13 ? 79  MET B O   1 
ATOM 965  C CB  . MET B 1 79  ? 1.536   -10.779 9.542   1.00 99.46  ? 79  MET B CB  1 
ATOM 966  C CG  . MET B 1 79  ? 2.159   -10.320 8.249   1.00 104.70 ? 79  MET B CG  1 
ATOM 967  S SD  . MET B 1 79  ? 1.486   -8.759  7.670   1.00 120.02 ? 79  MET B SD  1 
ATOM 968  C CE  . MET B 1 79  ? 0.621   -8.208  9.134   1.00 103.64 ? 79  MET B CE  1 
ATOM 969  N N   . CYS B 1 80  ? 0.423   -13.157 11.307  1.00 116.87 ? 80  CYS B N   1 
ATOM 970  C CA  . CYS B 1 80  ? -0.425  -13.520 12.435  1.00 110.02 ? 80  CYS B CA  1 
ATOM 971  C C   . CYS B 1 80  ? -0.293  -14.994 12.814  1.00 116.61 ? 80  CYS B C   1 
ATOM 972  O O   . CYS B 1 80  ? -1.251  -15.606 13.291  1.00 119.27 ? 80  CYS B O   1 
ATOM 973  C CB  . CYS B 1 80  ? -1.883  -13.182 12.125  1.00 99.28  ? 80  CYS B CB  1 
ATOM 974  S SG  . CYS B 1 80  ? -2.150  -11.474 11.608  1.00 113.32 ? 80  CYS B SG  1 
ATOM 975  N N   . SER B 1 81  ? 0.891   -15.576 12.607  1.00 123.34 ? 81  SER B N   1 
ATOM 976  C CA  . SER B 1 81  ? 1.108   -16.969 12.989  1.00 137.37 ? 81  SER B CA  1 
ATOM 977  C C   . SER B 1 81  ? 1.081   -17.128 14.503  1.00 141.07 ? 81  SER B C   1 
ATOM 978  O O   . SER B 1 81  ? 0.343   -17.963 15.038  1.00 138.70 ? 81  SER B O   1 
ATOM 979  C CB  . SER B 1 81  ? 2.435   -17.471 12.419  1.00 147.26 ? 81  SER B CB  1 
ATOM 980  O OG  . SER B 1 81  ? 2.792   -18.719 12.987  1.00 156.71 ? 81  SER B OG  1 
ATOM 981  N N   . ASP B 1 82  ? 1.887   -16.337 15.209  1.00 144.73 ? 82  ASP B N   1 
ATOM 982  C CA  . ASP B 1 82  ? 1.887   -16.331 16.670  1.00 143.41 ? 82  ASP B CA  1 
ATOM 983  C C   . ASP B 1 82  ? 0.907   -15.277 17.190  1.00 139.96 ? 82  ASP B C   1 
ATOM 984  O O   . ASP B 1 82  ? 1.278   -14.290 17.826  1.00 141.50 ? 82  ASP B O   1 
ATOM 985  C CB  . ASP B 1 82  ? 3.297   -16.088 17.202  1.00 151.28 ? 82  ASP B CB  1 
ATOM 986  C CG  . ASP B 1 82  ? 3.393   -16.238 18.715  1.00 157.53 ? 82  ASP B CG  1 
ATOM 987  O OD1 . ASP B 1 82  ? 4.509   -16.070 19.250  1.00 157.68 ? 82  ASP B OD1 1 
ATOM 988  O OD2 . ASP B 1 82  ? 2.373   -16.543 19.370  1.00 152.05 ? 82  ASP B OD2 1 
ATOM 989  N N   . CYS B 1 83  ? -0.372  -15.497 16.896  1.00 138.00 ? 83  CYS B N   1 
ATOM 990  C CA  . CYS B 1 83  ? -1.443  -14.694 17.475  1.00 137.15 ? 83  CYS B CA  1 
ATOM 991  C C   . CYS B 1 83  ? -1.820  -15.324 18.813  1.00 131.24 ? 83  CYS B C   1 
ATOM 992  O O   . CYS B 1 83  ? -2.360  -16.434 18.858  1.00 130.76 ? 83  CYS B O   1 
ATOM 993  C CB  . CYS B 1 83  ? -2.637  -14.597 16.526  1.00 131.40 ? 83  CYS B CB  1 
ATOM 994  S SG  . CYS B 1 83  ? -3.296  -16.164 15.915  1.00 130.82 ? 83  CYS B SG  1 
ATOM 995  N N   . SER B 1 84  ? -1.521  -14.617 19.900  1.00 130.43 ? 84  SER B N   1 
ATOM 996  C CA  . SER B 1 84  ? -1.585  -15.142 21.262  1.00 128.30 ? 84  SER B CA  1 
ATOM 997  C C   . SER B 1 84  ? -2.746  -14.610 22.092  1.00 122.98 ? 84  SER B C   1 
ATOM 998  O O   . SER B 1 84  ? -3.398  -15.394 22.784  1.00 125.11 ? 84  SER B O   1 
ATOM 999  C CB  . SER B 1 84  ? -0.269  -14.846 21.994  1.00 133.63 ? 84  SER B CB  1 
ATOM 1000 O OG  . SER B 1 84  ? -0.402  -15.041 23.389  1.00 141.41 ? 84  SER B OG  1 
ATOM 1001 N N   . THR B 1 85  ? -3.016  -13.307 22.079  1.00 127.38 ? 85  THR B N   1 
ATOM 1002 C CA  . THR B 1 85  ? -4.160  -12.780 22.811  1.00 129.97 ? 85  THR B CA  1 
ATOM 1003 C C   . THR B 1 85  ? -5.409  -12.792 21.934  1.00 123.39 ? 85  THR B C   1 
ATOM 1004 O O   . THR B 1 85  ? -5.338  -12.801 20.703  1.00 119.61 ? 85  THR B O   1 
ATOM 1005 C CB  . THR B 1 85  ? -3.896  -11.363 23.337  1.00 127.18 ? 85  THR B CB  1 
ATOM 1006 O OG1 . THR B 1 85  ? -5.127  -10.765 23.776  1.00 123.51 ? 85  THR B OG1 1 
ATOM 1007 C CG2 . THR B 1 85  ? -3.250  -10.482 22.275  1.00 119.54 ? 85  THR B CG2 1 
ATOM 1008 N N   . THR B 1 86  ? -6.564  -12.789 22.602  1.00 121.54 ? 86  THR B N   1 
ATOM 1009 C CA  . THR B 1 86  ? -7.849  -12.899 21.919  1.00 121.47 ? 86  THR B CA  1 
ATOM 1010 C C   . THR B 1 86  ? -8.046  -11.792 20.890  1.00 121.10 ? 86  THR B C   1 
ATOM 1011 O O   . THR B 1 86  ? -8.723  -12.001 19.877  1.00 125.31 ? 86  THR B O   1 
ATOM 1012 C CB  . THR B 1 86  ? -8.974  -12.873 22.953  1.00 122.47 ? 86  THR B CB  1 
ATOM 1013 O OG1 . THR B 1 86  ? -9.297  -11.511 23.269  1.00 125.06 ? 86  THR B OG1 1 
ATOM 1014 C CG2 . THR B 1 86  ? -8.522  -13.571 24.228  1.00 118.68 ? 86  THR B CG2 1 
ATOM 1015 N N   . ASP B 1 87  ? -7.464  -10.615 21.131  1.00 121.30 ? 87  ASP B N   1 
ATOM 1016 C CA  . ASP B 1 87  ? -7.561  -9.523  20.168  1.00 125.00 ? 87  ASP B CA  1 
ATOM 1017 C C   . ASP B 1 87  ? -6.813  -9.853  18.879  1.00 120.48 ? 87  ASP B C   1 
ATOM 1018 O O   . ASP B 1 87  ? -7.354  -9.676  17.776  1.00 119.31 ? 87  ASP B O   1 
ATOM 1019 C CB  . ASP B 1 87  ? -7.028  -8.236  20.799  1.00 129.73 ? 87  ASP B CB  1 
ATOM 1020 C CG  . ASP B 1 87  ? -7.200  -7.028  19.903  1.00 135.60 ? 87  ASP B CG  1 
ATOM 1021 O OD1 . ASP B 1 87  ? -8.348  -6.737  19.511  1.00 134.39 ? 87  ASP B OD1 1 
ATOM 1022 O OD2 . ASP B 1 87  ? -6.188  -6.360  19.607  1.00 143.58 ? 87  ASP B OD2 1 
ATOM 1023 N N   . GLU B 1 88  ? -5.569  -10.331 19.000  1.00 119.17 ? 88  GLU B N   1 
ATOM 1024 C CA  . GLU B 1 88  ? -4.837  -10.811 17.830  1.00 122.35 ? 88  GLU B CA  1 
ATOM 1025 C C   . GLU B 1 88  ? -5.631  -11.872 17.078  1.00 115.85 ? 88  GLU B C   1 
ATOM 1026 O O   . GLU B 1 88  ? -5.688  -11.861 15.841  1.00 111.86 ? 88  GLU B O   1 
ATOM 1027 C CB  . GLU B 1 88  ? -3.474  -11.366 18.254  1.00 128.78 ? 88  GLU B CB  1 
ATOM 1028 C CG  . GLU B 1 88  ? -2.478  -10.323 18.758  1.00 132.48 ? 88  GLU B CG  1 
ATOM 1029 C CD  . GLU B 1 88  ? -1.295  -10.946 19.485  1.00 136.74 ? 88  GLU B CD  1 
ATOM 1030 O OE1 . GLU B 1 88  ? -1.494  -11.960 20.171  1.00 134.34 ? 88  GLU B OE1 1 
ATOM 1031 O OE2 . GLU B 1 88  ? -0.170  -10.424 19.372  1.00 146.60 ? 88  GLU B OE2 1 
ATOM 1032 N N   . LYS B 1 89  ? -6.262  -12.795 17.810  1.00 118.28 ? 89  LYS B N   1 
ATOM 1033 C CA  . LYS B 1 89  ? -6.987  -13.883 17.161  1.00 109.88 ? 89  LYS B CA  1 
ATOM 1034 C C   . LYS B 1 89  ? -8.202  -13.363 16.409  1.00 105.62 ? 89  LYS B C   1 
ATOM 1035 O O   . LYS B 1 89  ? -8.480  -13.796 15.283  1.00 104.15 ? 89  LYS B O   1 
ATOM 1036 C CB  . LYS B 1 89  ? -7.408  -14.931 18.191  1.00 105.42 ? 89  LYS B CB  1 
ATOM 1037 C CG  . LYS B 1 89  ? -6.276  -15.480 19.031  1.00 111.30 ? 89  LYS B CG  1 
ATOM 1038 C CD  . LYS B 1 89  ? -6.775  -16.589 19.937  1.00 108.51 ? 89  LYS B CD  1 
ATOM 1039 C CE  . LYS B 1 89  ? -5.730  -16.965 20.968  1.00 110.67 ? 89  LYS B CE  1 
ATOM 1040 N NZ  . LYS B 1 89  ? -6.334  -17.118 22.320  1.00 110.79 ? 89  LYS B NZ  1 
ATOM 1041 N N   . THR B 1 90  ? -8.949  -12.439 17.018  1.00 108.19 ? 90  THR B N   1 
ATOM 1042 C CA  . THR B 1 90  ? -10.114 -11.886 16.337  1.00 107.13 ? 90  THR B CA  1 
ATOM 1043 C C   . THR B 1 90  ? -9.702  -11.100 15.100  1.00 107.57 ? 90  THR B C   1 
ATOM 1044 O O   . THR B 1 90  ? -10.398 -11.128 14.080  1.00 107.52 ? 90  THR B O   1 
ATOM 1045 C CB  . THR B 1 90  ? -10.927 -11.011 17.290  1.00 106.90 ? 90  THR B CB  1 
ATOM 1046 O OG1 . THR B 1 90  ? -10.048 -10.216 18.098  1.00 115.82 ? 90  THR B OG1 1 
ATOM 1047 C CG2 . THR B 1 90  ? -11.803 -11.870 18.187  1.00 108.46 ? 90  THR B CG2 1 
ATOM 1048 N N   . SER B 1 91  ? -8.559  -10.412 15.161  1.00 112.10 ? 91  SER B N   1 
ATOM 1049 C CA  . SER B 1 91  ? -8.060  -9.715  13.977  1.00 106.63 ? 91  SER B CA  1 
ATOM 1050 C C   . SER B 1 91  ? -7.710  -10.697 12.862  1.00 103.52 ? 91  SER B C   1 
ATOM 1051 O O   . SER B 1 91  ? -8.089  -10.500 11.694  1.00 101.78 ? 91  SER B O   1 
ATOM 1052 C CB  . SER B 1 91  ? -6.844  -8.865  14.347  1.00 108.22 ? 91  SER B CB  1 
ATOM 1053 O OG  . SER B 1 91  ? -6.203  -8.366  13.189  1.00 111.78 ? 91  SER B OG  1 
ATOM 1054 N N   . PHE B 1 92  ? -6.967  -11.754 13.206  1.00 104.09 ? 92  PHE B N   1 
ATOM 1055 C CA  . PHE B 1 92  ? -6.615  -12.774 12.224  1.00 96.62  ? 92  PHE B CA  1 
ATOM 1056 C C   . PHE B 1 92  ? -7.867  -13.367 11.585  1.00 98.38  ? 92  PHE B C   1 
ATOM 1057 O O   . PHE B 1 92  ? -7.931  -13.547 10.362  1.00 99.88  ? 92  PHE B O   1 
ATOM 1058 C CB  . PHE B 1 92  ? -5.774  -13.864 12.894  1.00 94.53  ? 92  PHE B CB  1 
ATOM 1059 C CG  . PHE B 1 92  ? -5.110  -14.812 11.930  1.00 90.79  ? 92  PHE B CG  1 
ATOM 1060 C CD1 . PHE B 1 92  ? -5.009  -14.507 10.581  1.00 89.58  ? 92  PHE B CD1 1 
ATOM 1061 C CD2 . PHE B 1 92  ? -4.591  -16.017 12.377  1.00 94.95  ? 92  PHE B CD2 1 
ATOM 1062 C CE1 . PHE B 1 92  ? -4.404  -15.385 9.700   1.00 93.08  ? 92  PHE B CE1 1 
ATOM 1063 C CE2 . PHE B 1 92  ? -3.982  -16.896 11.502  1.00 96.46  ? 92  PHE B CE2 1 
ATOM 1064 C CZ  . PHE B 1 92  ? -3.887  -16.579 10.163  1.00 94.63  ? 92  PHE B CZ  1 
ATOM 1065 N N   . LEU B 1 93  ? -8.883  -13.658 12.403  1.00 99.74  ? 93  LEU B N   1 
ATOM 1066 C CA  . LEU B 1 93  ? -10.114 -14.246 11.884  1.00 100.38 ? 93  LEU B CA  1 
ATOM 1067 C C   . LEU B 1 93  ? -10.868 -13.267 10.994  1.00 100.74 ? 93  LEU B C   1 
ATOM 1068 O O   . LEU B 1 93  ? -11.433 -13.665 9.967   1.00 112.36 ? 93  LEU B O   1 
ATOM 1069 C CB  . LEU B 1 93  ? -10.999 -14.711 13.038  1.00 100.44 ? 93  LEU B CB  1 
ATOM 1070 C CG  . LEU B 1 93  ? -10.469 -15.931 13.788  1.00 97.70  ? 93  LEU B CG  1 
ATOM 1071 C CD1 . LEU B 1 93  ? -11.375 -16.275 14.950  1.00 98.24  ? 93  LEU B CD1 1 
ATOM 1072 C CD2 . LEU B 1 93  ? -10.340 -17.112 12.841  1.00 99.47  ? 93  LEU B CD2 1 
ATOM 1073 N N   . TYR B 1 94  ? -10.903 -11.987 11.375  1.00 99.17  ? 94  TYR B N   1 
ATOM 1074 C CA  . TYR B 1 94  ? -11.476 -10.973 10.498  1.00 101.94 ? 94  TYR B CA  1 
ATOM 1075 C C   . TYR B 1 94  ? -10.846 -11.041 9.118   1.00 102.33 ? 94  TYR B C   1 
ATOM 1076 O O   . TYR B 1 94  ? -11.546 -11.124 8.102   1.00 101.37 ? 94  TYR B O   1 
ATOM 1077 C CB  . TYR B 1 94  ? -11.283 -9.572  11.087  1.00 101.49 ? 94  TYR B CB  1 
ATOM 1078 C CG  . TYR B 1 94  ? -11.643 -8.461  10.115  1.00 98.30  ? 94  TYR B CG  1 
ATOM 1079 C CD1 . TYR B 1 94  ? -10.721 -7.991  9.180   1.00 96.29  ? 94  TYR B CD1 1 
ATOM 1080 C CD2 . TYR B 1 94  ? -12.905 -7.883  10.130  1.00 106.99 ? 94  TYR B CD2 1 
ATOM 1081 C CE1 . TYR B 1 94  ? -11.050 -6.996  8.284   1.00 100.55 ? 94  TYR B CE1 1 
ATOM 1082 C CE2 . TYR B 1 94  ? -13.239 -6.876  9.242   1.00 109.26 ? 94  TYR B CE2 1 
ATOM 1083 C CZ  . TYR B 1 94  ? -12.307 -6.439  8.323   1.00 103.29 ? 94  TYR B CZ  1 
ATOM 1084 O OH  . TYR B 1 94  ? -12.633 -5.440  7.439   1.00 106.23 ? 94  TYR B OH  1 
ATOM 1085 N N   . HIS B 1 95  ? -9.514  -10.972 9.065   1.00 101.50 ? 95  HIS B N   1 
ATOM 1086 C CA  . HIS B 1 95  ? -8.868  -10.869 7.761   1.00 96.94  ? 95  HIS B CA  1 
ATOM 1087 C C   . HIS B 1 95  ? -8.991  -12.165 6.966   1.00 94.44  ? 95  HIS B C   1 
ATOM 1088 O O   . HIS B 1 95  ? -9.141  -12.123 5.737   1.00 93.69  ? 95  HIS B O   1 
ATOM 1089 C CB  . HIS B 1 95  ? -7.408  -10.453 7.929   1.00 94.78  ? 95  HIS B CB  1 
ATOM 1090 C CG  . HIS B 1 95  ? -7.235  -9.025  8.346   1.00 99.02  ? 95  HIS B CG  1 
ATOM 1091 N ND1 . HIS B 1 95  ? -7.585  -7.965  7.538   1.00 96.62  ? 95  HIS B ND1 1 
ATOM 1092 C CD2 . HIS B 1 95  ? -6.747  -8.483  9.487   1.00 102.40 ? 95  HIS B CD2 1 
ATOM 1093 C CE1 . HIS B 1 95  ? -7.321  -6.831  8.163   1.00 94.01  ? 95  HIS B CE1 1 
ATOM 1094 N NE2 . HIS B 1 95  ? -6.811  -7.118  9.347   1.00 96.90  ? 95  HIS B NE2 1 
ATOM 1095 N N   . LEU B 1 96  ? -8.960  -13.318 7.643   1.00 93.49  ? 96  LEU B N   1 
ATOM 1096 C CA  . LEU B 1 96  ? -9.207  -14.588 6.965   1.00 95.14  ? 96  LEU B CA  1 
ATOM 1097 C C   . LEU B 1 96  ? -10.600 -14.618 6.342   1.00 100.04 ? 96  LEU B C   1 
ATOM 1098 O O   . LEU B 1 96  ? -10.763 -14.993 5.173   1.00 92.15  ? 96  LEU B O   1 
ATOM 1099 C CB  . LEU B 1 96  ? -9.032  -15.747 7.949   1.00 86.67  ? 96  LEU B CB  1 
ATOM 1100 C CG  . LEU B 1 96  ? -7.616  -16.169 8.345   1.00 82.57  ? 96  LEU B CG  1 
ATOM 1101 C CD1 . LEU B 1 96  ? -7.655  -17.070 9.570   1.00 86.48  ? 96  LEU B CD1 1 
ATOM 1102 C CD2 . LEU B 1 96  ? -6.928  -16.877 7.189   1.00 82.33  ? 96  LEU B CD2 1 
ATOM 1103 N N   . ASN B 1 97  ? -11.621 -14.237 7.121   1.00 100.90 ? 97  ASN B N   1 
ATOM 1104 C CA  . ASN B 1 97  ? -12.992 -14.177 6.618   1.00 98.15  ? 97  ASN B CA  1 
ATOM 1105 C C   . ASN B 1 97  ? -13.107 -13.231 5.431   1.00 97.48  ? 97  ASN B C   1 
ATOM 1106 O O   . ASN B 1 97  ? -13.770 -13.546 4.433   1.00 101.77 ? 97  ASN B O   1 
ATOM 1107 C CB  . ASN B 1 97  ? -13.929 -13.751 7.758   1.00 106.46 ? 97  ASN B CB  1 
ATOM 1108 C CG  . ASN B 1 97  ? -15.263 -13.178 7.271   1.00 117.16 ? 97  ASN B CG  1 
ATOM 1109 O OD1 . ASN B 1 97  ? -15.331 -12.048 6.785   1.00 124.57 ? 97  ASN B OD1 1 
ATOM 1110 N ND2 . ASN B 1 97  ? -16.336 -13.941 7.453   1.00 120.01 ? 97  ASN B ND2 1 
ATOM 1111 N N   . ARG B 1 98  ? -12.473 -12.061 5.523   1.00 101.80 ? 98  ARG B N   1 
ATOM 1112 C CA  . ARG B 1 98  ? -12.584 -11.077 4.452   1.00 99.03  ? 98  ARG B CA  1 
ATOM 1113 C C   . ARG B 1 98  ? -11.921 -11.574 3.174   1.00 92.80  ? 98  ARG B C   1 
ATOM 1114 O O   . ARG B 1 98  ? -12.455 -11.375 2.076   1.00 86.78  ? 98  ARG B O   1 
ATOM 1115 C CB  . ARG B 1 98  ? -11.985 -9.746  4.899   1.00 93.95  ? 98  ARG B CB  1 
ATOM 1116 C CG  . ARG B 1 98  ? -11.906 -8.707  3.796   1.00 92.95  ? 98  ARG B CG  1 
ATOM 1117 C CD  . ARG B 1 98  ? -12.332 -7.338  4.294   1.00 100.87 ? 98  ARG B CD  1 
ATOM 1118 N NE  . ARG B 1 98  ? -12.086 -6.303  3.298   1.00 112.98 ? 98  ARG B NE  1 
ATOM 1119 C CZ  . ARG B 1 98  ? -12.085 -5.001  3.554   1.00 124.09 ? 98  ARG B CZ  1 
ATOM 1120 N NH1 . ARG B 1 98  ? -12.343 -4.535  4.764   1.00 115.67 ? 98  ARG B NH1 1 
ATOM 1121 N NH2 . ARG B 1 98  ? -11.808 -4.148  2.572   1.00 130.82 ? 98  ARG B NH2 1 
ATOM 1122 N N   . LEU B 1 99  ? -10.761 -12.226 3.294   1.00 98.92  ? 99  LEU B N   1 
ATOM 1123 C CA  . LEU B 1 99  ? -10.166 -12.871 2.128   1.00 99.57  ? 99  LEU B CA  1 
ATOM 1124 C C   . LEU B 1 99  ? -11.109 -13.919 1.550   1.00 99.18  ? 99  LEU B C   1 
ATOM 1125 O O   . LEU B 1 99  ? -11.425 -13.895 0.356   1.00 99.58  ? 99  LEU B O   1 
ATOM 1126 C CB  . LEU B 1 99  ? -8.816  -13.491 2.495   1.00 95.68  ? 99  LEU B CB  1 
ATOM 1127 C CG  . LEU B 1 99  ? -7.653  -12.515 2.698   1.00 88.43  ? 99  LEU B CG  1 
ATOM 1128 C CD1 . LEU B 1 99  ? -6.384  -13.261 3.082   1.00 89.14  ? 99  LEU B CD1 1 
ATOM 1129 C CD2 . LEU B 1 99  ? -7.420  -11.666 1.453   1.00 88.71  ? 99  LEU B CD2 1 
ATOM 1130 N N   . ARG B 1 100 ? -11.601 -14.828 2.399   1.00 101.27 ? 100 ARG B N   1 
ATOM 1131 C CA  . ARG B 1 100 ? -12.511 -15.880 1.951   1.00 101.69 ? 100 ARG B CA  1 
ATOM 1132 C C   . ARG B 1 100 ? -13.694 -15.314 1.173   1.00 95.35  ? 100 ARG B C   1 
ATOM 1133 O O   . ARG B 1 100 ? -14.088 -15.863 0.138   1.00 106.26 ? 100 ARG B O   1 
ATOM 1134 C CB  . ARG B 1 100 ? -13.004 -16.678 3.162   1.00 100.59 ? 100 ARG B CB  1 
ATOM 1135 C CG  . ARG B 1 100 ? -13.819 -17.915 2.840   1.00 100.26 ? 100 ARG B CG  1 
ATOM 1136 C CD  . ARG B 1 100 ? -14.615 -18.351 4.061   1.00 106.56 ? 100 ARG B CD  1 
ATOM 1137 N NE  . ARG B 1 100 ? -15.544 -17.317 4.504   1.00 109.28 ? 100 ARG B NE  1 
ATOM 1138 C CZ  . ARG B 1 100 ? -16.730 -17.094 3.954   1.00 115.73 ? 100 ARG B CZ  1 
ATOM 1139 N NH1 . ARG B 1 100 ? -17.145 -17.781 2.900   1.00 117.00 ? 100 ARG B NH1 1 
ATOM 1140 N NH2 . ARG B 1 100 ? -17.521 -16.157 4.471   1.00 114.16 ? 100 ARG B NH2 1 
ATOM 1141 N N   . SER B 1 101 ? -14.259 -14.202 1.645   1.00 94.10  ? 101 SER B N   1 
ATOM 1142 C CA  . SER B 1 101 ? -15.479 -13.669 1.051   1.00 88.24  ? 101 SER B CA  1 
ATOM 1143 C C   . SER B 1 101 ? -15.239 -13.026 -0.311  1.00 92.08  ? 101 SER B C   1 
ATOM 1144 O O   . SER B 1 101 ? -16.184 -12.900 -1.099  1.00 100.26 ? 101 SER B O   1 
ATOM 1145 C CB  . SER B 1 101 ? -16.112 -12.655 2.005   1.00 98.22  ? 101 SER B CB  1 
ATOM 1146 O OG  . SER B 1 101 ? -17.206 -11.991 1.401   1.00 121.23 ? 101 SER B OG  1 
ATOM 1147 N N   . ALA B 1 102 ? -14.002 -12.632 -0.604  1.00 101.34 ? 102 ALA B N   1 
ATOM 1148 C CA  . ALA B 1 102 ? -13.712 -11.849 -1.800  1.00 98.17  ? 102 ALA B CA  1 
ATOM 1149 C C   . ALA B 1 102 ? -13.887 -12.684 -3.064  1.00 90.91  ? 102 ALA B C   1 
ATOM 1150 O O   . ALA B 1 102 ? -13.591 -13.881 -3.083  1.00 89.54  ? 102 ALA B O   1 
ATOM 1151 C CB  . ALA B 1 102 ? -12.290 -11.303 -1.723  1.00 90.25  ? 102 ALA B CB  1 
ATOM 1152 N N   . VAL B 1 103 ? -14.365 -12.046 -4.133  1.00 88.19  ? 103 VAL B N   1 
ATOM 1153 C CA  . VAL B 1 103 ? -14.635 -12.768 -5.374  1.00 93.87  ? 103 VAL B CA  1 
ATOM 1154 C C   . VAL B 1 103 ? -14.013 -12.060 -6.572  1.00 96.18  ? 103 VAL B C   1 
ATOM 1155 O O   . VAL B 1 103 ? -13.652 -12.705 -7.563  1.00 103.13 ? 103 VAL B O   1 
ATOM 1156 C CB  . VAL B 1 103 ? -16.148 -12.969 -5.583  1.00 95.20  ? 103 VAL B CB  1 
ATOM 1157 C CG1 . VAL B 1 103 ? -16.713 -13.896 -4.517  1.00 96.08  ? 103 VAL B CG1 1 
ATOM 1158 C CG2 . VAL B 1 103 ? -16.881 -11.632 -5.587  1.00 94.53  ? 103 VAL B CG2 1 
ATOM 1159 N N   . THR B 1 104 ? -13.878 -10.741 -6.502  1.00 97.88  ? 104 THR B N   1 
ATOM 1160 C CA  . THR B 1 104 ? -13.322 -9.977  -7.608  1.00 99.71  ? 104 THR B CA  1 
ATOM 1161 C C   . THR B 1 104 ? -12.074 -9.231  -7.150  1.00 97.63  ? 104 THR B C   1 
ATOM 1162 O O   . THR B 1 104 ? -11.795 -9.126  -5.953  1.00 93.65  ? 104 THR B O   1 
ATOM 1163 C CB  . THR B 1 104 ? -14.363 -9.008  -8.192  1.00 98.42  ? 104 THR B CB  1 
ATOM 1164 O OG1 . THR B 1 104 ? -13.764 -8.201  -9.214  1.00 108.75 ? 104 THR B OG1 1 
ATOM 1165 C CG2 . THR B 1 104 ? -14.932 -8.119  -7.113  1.00 95.17  ? 104 THR B CG2 1 
ATOM 1166 N N   . VAL B 1 105 ? -11.312 -8.727  -8.125  1.00 94.30  ? 105 VAL B N   1 
ATOM 1167 C CA  . VAL B 1 105 ? -10.030 -8.090  -7.825  1.00 94.41  ? 105 VAL B CA  1 
ATOM 1168 C C   . VAL B 1 105 ? -10.220 -6.885  -6.907  1.00 96.70  ? 105 VAL B C   1 
ATOM 1169 O O   . VAL B 1 105 ? -9.426  -6.662  -5.985  1.00 94.98  ? 105 VAL B O   1 
ATOM 1170 C CB  . VAL B 1 105 ? -9.309  -7.707  -9.132  1.00 98.70  ? 105 VAL B CB  1 
ATOM 1171 C CG1 . VAL B 1 105 ? -8.230  -6.669  -8.868  1.00 93.32  ? 105 VAL B CG1 1 
ATOM 1172 C CG2 . VAL B 1 105 ? -8.703  -8.944  -9.778  1.00 94.99  ? 105 VAL B CG2 1 
ATOM 1173 N N   . VAL B 1 106 ? -11.275 -6.098  -7.131  1.00 100.22 ? 106 VAL B N   1 
ATOM 1174 C CA  . VAL B 1 106 ? -11.484 -4.922  -6.293  1.00 97.58  ? 106 VAL B CA  1 
ATOM 1175 C C   . VAL B 1 106 ? -11.817 -5.301  -4.854  1.00 94.75  ? 106 VAL B C   1 
ATOM 1176 O O   . VAL B 1 106 ? -11.602 -4.494  -3.941  1.00 102.49 ? 106 VAL B O   1 
ATOM 1177 C CB  . VAL B 1 106 ? -12.568 -4.006  -6.894  1.00 95.58  ? 106 VAL B CB  1 
ATOM 1178 C CG1 . VAL B 1 106 ? -11.968 -3.143  -8.002  1.00 111.22 ? 106 VAL B CG1 1 
ATOM 1179 C CG2 . VAL B 1 106 ? -13.723 -4.821  -7.433  1.00 112.73 ? 106 VAL B CG2 1 
ATOM 1180 N N   . ASP B 1 107 ? -12.327 -6.514  -4.618  1.00 98.45  ? 107 ASP B N   1 
ATOM 1181 C CA  . ASP B 1 107 ? -12.462 -6.994  -3.247  1.00 100.26 ? 107 ASP B CA  1 
ATOM 1182 C C   . ASP B 1 107 ? -11.103 -7.159  -2.583  1.00 91.44  ? 107 ASP B C   1 
ATOM 1183 O O   . ASP B 1 107 ? -10.979 -6.976  -1.366  1.00 97.60  ? 107 ASP B O   1 
ATOM 1184 C CB  . ASP B 1 107 ? -13.215 -8.324  -3.219  1.00 107.40 ? 107 ASP B CB  1 
ATOM 1185 C CG  . ASP B 1 107 ? -14.648 -8.195  -3.667  1.00 103.10 ? 107 ASP B CG  1 
ATOM 1186 O OD1 . ASP B 1 107 ? -15.239 -7.114  -3.461  1.00 115.09 ? 107 ASP B OD1 1 
ATOM 1187 O OD2 . ASP B 1 107 ? -15.187 -9.175  -4.220  1.00 98.26  ? 107 ASP B OD2 1 
ATOM 1188 N N   . LEU B 1 108 ? -10.079 -7.508  -3.361  1.00 90.63  ? 108 LEU B N   1 
ATOM 1189 C CA  . LEU B 1 108 ? -8.728  -7.718  -2.861  1.00 90.55  ? 108 LEU B CA  1 
ATOM 1190 C C   . LEU B 1 108 ? -7.841  -6.486  -2.988  1.00 95.32  ? 108 LEU B C   1 
ATOM 1191 O O   . LEU B 1 108 ? -6.689  -6.536  -2.543  1.00 91.73  ? 108 LEU B O   1 
ATOM 1192 C CB  . LEU B 1 108 ? -8.062  -8.881  -3.610  1.00 91.47  ? 108 LEU B CB  1 
ATOM 1193 C CG  . LEU B 1 108 ? -8.725  -10.256 -3.652  1.00 88.05  ? 108 LEU B CG  1 
ATOM 1194 C CD1 . LEU B 1 108 ? -7.921  -11.205 -4.532  1.00 85.26  ? 108 LEU B CD1 1 
ATOM 1195 C CD2 . LEU B 1 108 ? -8.859  -10.818 -2.254  1.00 89.99  ? 108 LEU B CD2 1 
ATOM 1196 N N   . HIS B 1 109 ? -8.344  -5.400  -3.589  1.00 99.81  ? 109 HIS B N   1 
ATOM 1197 C CA  . HIS B 1 109 ? -7.483  -4.275  -3.955  1.00 95.97  ? 109 HIS B CA  1 
ATOM 1198 C C   . HIS B 1 109 ? -6.705  -3.734  -2.765  1.00 98.91  ? 109 HIS B C   1 
ATOM 1199 O O   . HIS B 1 109 ? -5.521  -3.409  -2.894  1.00 101.24 ? 109 HIS B O   1 
ATOM 1200 C CB  . HIS B 1 109 ? -8.303  -3.146  -4.586  1.00 99.48  ? 109 HIS B CB  1 
ATOM 1201 C CG  . HIS B 1 109 ? -7.507  -1.900  -4.851  1.00 111.25 ? 109 HIS B CG  1 
ATOM 1202 N ND1 . HIS B 1 109 ? -7.054  -1.075  -3.843  1.00 105.70 ? 109 HIS B ND1 1 
ATOM 1203 C CD2 . HIS B 1 109 ? -7.087  -1.341  -6.010  1.00 116.12 ? 109 HIS B CD2 1 
ATOM 1204 C CE1 . HIS B 1 109 ? -6.380  -0.068  -4.368  1.00 112.56 ? 109 HIS B CE1 1 
ATOM 1205 N NE2 . HIS B 1 109 ? -6.385  -0.206  -5.682  1.00 109.70 ? 109 HIS B NE2 1 
ATOM 1206 N N   . ASN B 1 110 ? -7.363  -3.569  -1.616  1.00 94.02  ? 110 ASN B N   1 
ATOM 1207 C CA  . ASN B 1 110 ? -6.680  -2.999  -0.460  1.00 92.50  ? 110 ASN B CA  1 
ATOM 1208 C C   . ASN B 1 110 ? -5.508  -3.872  -0.023  1.00 92.04  ? 110 ASN B C   1 
ATOM 1209 O O   . ASN B 1 110 ? -4.410  -3.364  0.253   1.00 96.25  ? 110 ASN B O   1 
ATOM 1210 C CB  . ASN B 1 110 ? -7.678  -2.810  0.682   1.00 90.88  ? 110 ASN B CB  1 
ATOM 1211 C CG  . ASN B 1 110 ? -8.551  -1.583  0.506   1.00 91.18  ? 110 ASN B CG  1 
ATOM 1212 O OD1 . ASN B 1 110 ? -8.129  -0.580  -0.068  1.00 92.70  ? 110 ASN B OD1 1 
ATOM 1213 N ND2 . ASN B 1 110 ? -9.780  -1.655  1.008   1.00 99.05  ? 110 ASN B ND2 1 
ATOM 1214 N N   . TYR B 1 111 ? -5.718  -5.190  0.025   1.00 95.12  ? 111 TYR B N   1 
ATOM 1215 C CA  . TYR B 1 111 ? -4.639  -6.102  0.393   1.00 91.77  ? 111 TYR B CA  1 
ATOM 1216 C C   . TYR B 1 111 ? -3.525  -6.087  -0.645  1.00 88.37  ? 111 TYR B C   1 
ATOM 1217 O O   . TYR B 1 111 ? -2.340  -6.155  -0.296  1.00 94.02  ? 111 TYR B O   1 
ATOM 1218 C CB  . TYR B 1 111 ? -5.188  -7.516  0.568   1.00 95.46  ? 111 TYR B CB  1 
ATOM 1219 C CG  . TYR B 1 111 ? -6.111  -7.668  1.754   1.00 93.72  ? 111 TYR B CG  1 
ATOM 1220 C CD1 . TYR B 1 111 ? -5.603  -7.822  3.038   1.00 98.39  ? 111 TYR B CD1 1 
ATOM 1221 C CD2 . TYR B 1 111 ? -7.489  -7.661  1.591   1.00 91.58  ? 111 TYR B CD2 1 
ATOM 1222 C CE1 . TYR B 1 111 ? -6.444  -7.960  4.127   1.00 99.89  ? 111 TYR B CE1 1 
ATOM 1223 C CE2 . TYR B 1 111 ? -8.336  -7.799  2.670   1.00 98.56  ? 111 TYR B CE2 1 
ATOM 1224 C CZ  . TYR B 1 111 ? -7.811  -7.949  3.933   1.00 100.81 ? 111 TYR B CZ  1 
ATOM 1225 O OH  . TYR B 1 111 ? -8.669  -8.086  4.996   1.00 110.77 ? 111 TYR B OH  1 
ATOM 1226 N N   . ILE B 1 112 ? -3.887  -6.008  -1.926  1.00 90.38  ? 112 ILE B N   1 
ATOM 1227 C CA  . ILE B 1 112 ? -2.880  -5.931  -2.981  1.00 90.85  ? 112 ILE B CA  1 
ATOM 1228 C C   . ILE B 1 112 ? -2.050  -4.665  -2.829  1.00 92.49  ? 112 ILE B C   1 
ATOM 1229 O O   . ILE B 1 112 ? -0.822  -4.685  -2.966  1.00 95.86  ? 112 ILE B O   1 
ATOM 1230 C CB  . ILE B 1 112 ? -3.547  -6.007  -4.365  1.00 91.99  ? 112 ILE B CB  1 
ATOM 1231 C CG1 . ILE B 1 112 ? -4.108  -7.409  -4.598  1.00 91.58  ? 112 ILE B CG1 1 
ATOM 1232 C CG2 . ILE B 1 112 ? -2.563  -5.613  -5.461  1.00 85.84  ? 112 ILE B CG2 1 
ATOM 1233 C CD1 . ILE B 1 112 ? -5.253  -7.451  -5.577  1.00 89.06  ? 112 ILE B CD1 1 
ATOM 1234 N N   . ALA B 1 113 ? -2.709  -3.545  -2.536  1.00 94.86  ? 113 ALA B N   1 
ATOM 1235 C CA  . ALA B 1 113 ? -2.001  -2.284  -2.356  1.00 94.30  ? 113 ALA B CA  1 
ATOM 1236 C C   . ALA B 1 113 ? -1.036  -2.364  -1.183  1.00 93.55  ? 113 ALA B C   1 
ATOM 1237 O O   . ALA B 1 113 ? 0.144   -2.017  -1.311  1.00 104.77 ? 113 ALA B O   1 
ATOM 1238 C CB  . ALA B 1 113 ? -3.003  -1.145  -2.156  1.00 95.54  ? 113 ALA B CB  1 
ATOM 1239 N N   . VAL B 1 114 ? -1.517  -2.832  -0.029  1.00 87.84  ? 114 VAL B N   1 
ATOM 1240 C CA  . VAL B 1 114 ? -0.665  -2.875  1.156   1.00 83.59  ? 114 VAL B CA  1 
ATOM 1241 C C   . VAL B 1 114 ? 0.522   -3.804  0.927   1.00 90.75  ? 114 VAL B C   1 
ATOM 1242 O O   . VAL B 1 114 ? 1.669   -3.458  1.231   1.00 81.61  ? 114 VAL B O   1 
ATOM 1243 C CB  . VAL B 1 114 ? -1.476  -3.296  2.394   1.00 82.48  ? 114 VAL B CB  1 
ATOM 1244 C CG1 . VAL B 1 114 ? -0.554  -3.440  3.583   1.00 85.14  ? 114 VAL B CG1 1 
ATOM 1245 C CG2 . VAL B 1 114 ? -2.573  -2.282  2.687   1.00 79.52  ? 114 VAL B CG2 1 
ATOM 1246 N N   . PHE B 1 115 ? 0.266   -4.986  0.360   1.00 100.84 ? 115 PHE B N   1 
ATOM 1247 C CA  . PHE B 1 115 ? 1.254   -6.054  0.252   1.00 89.64  ? 115 PHE B CA  1 
ATOM 1248 C C   . PHE B 1 115 ? 1.773   -6.230  -1.172  1.00 90.47  ? 115 PHE B C   1 
ATOM 1249 O O   . PHE B 1 115 ? 2.181   -7.328  -1.558  1.00 90.65  ? 115 PHE B O   1 
ATOM 1250 C CB  . PHE B 1 115 ? 0.664   -7.361  0.768   1.00 84.03  ? 115 PHE B CB  1 
ATOM 1251 C CG  . PHE B 1 115 ? 0.309   -7.319  2.222   1.00 90.60  ? 115 PHE B CG  1 
ATOM 1252 C CD1 . PHE B 1 115 ? -0.948  -6.904  2.634   1.00 91.97  ? 115 PHE B CD1 1 
ATOM 1253 C CD2 . PHE B 1 115 ? 1.244   -7.658  3.179   1.00 95.76  ? 115 PHE B CD2 1 
ATOM 1254 C CE1 . PHE B 1 115 ? -1.270  -6.860  3.976   1.00 99.29  ? 115 PHE B CE1 1 
ATOM 1255 C CE2 . PHE B 1 115 ? 0.929   -7.618  4.521   1.00 101.58 ? 115 PHE B CE2 1 
ATOM 1256 C CZ  . PHE B 1 115 ? -0.329  -7.219  4.921   1.00 96.71  ? 115 PHE B CZ  1 
ATOM 1257 N N   . GLY B 1 116 ? 1.768   -5.153  -1.954  1.00 89.31  ? 116 GLY B N   1 
ATOM 1258 C CA  . GLY B 1 116 ? 2.259   -5.168  -3.312  1.00 91.55  ? 116 GLY B CA  1 
ATOM 1259 C C   . GLY B 1 116 ? 3.666   -5.716  -3.463  1.00 94.44  ? 116 GLY B C   1 
ATOM 1260 O O   . GLY B 1 116 ? 3.900   -6.665  -4.217  1.00 92.46  ? 116 GLY B O   1 
ATOM 1261 N N   . PRO B 1 117 ? 4.638   -5.117  -2.763  1.00 95.01  ? 117 PRO B N   1 
ATOM 1262 C CA  . PRO B 1 117 ? 6.022   -5.607  -2.893  1.00 103.46 ? 117 PRO B CA  1 
ATOM 1263 C C   . PRO B 1 117 ? 6.204   -7.052  -2.458  1.00 94.35  ? 117 PRO B C   1 
ATOM 1264 O O   . PRO B 1 117 ? 6.957   -7.794  -3.103  1.00 89.84  ? 117 PRO B O   1 
ATOM 1265 C CB  . PRO B 1 117 ? 6.815   -4.636  -2.006  1.00 94.91  ? 117 PRO B CB  1 
ATOM 1266 C CG  . PRO B 1 117 ? 5.987   -3.395  -1.975  1.00 92.13  ? 117 PRO B CG  1 
ATOM 1267 C CD  . PRO B 1 117 ? 4.568   -3.872  -1.978  1.00 91.38  ? 117 PRO B CD  1 
ATOM 1268 N N   . CYS B 1 118 ? 5.533   -7.477  -1.383  1.00 95.03  ? 118 CYS B N   1 
ATOM 1269 C CA  . CYS B 1 118 ? 5.640   -8.865  -0.945  1.00 91.34  ? 118 CYS B CA  1 
ATOM 1270 C C   . CYS B 1 118 ? 5.149   -9.818  -2.029  1.00 88.17  ? 118 CYS B C   1 
ATOM 1271 O O   . CYS B 1 118 ? 5.805   -10.819 -2.339  1.00 88.33  ? 118 CYS B O   1 
ATOM 1272 C CB  . CYS B 1 118 ? 4.859   -9.070  0.355   1.00 87.99  ? 118 CYS B CB  1 
ATOM 1273 S SG  . CYS B 1 118 ? 5.570   -8.238  1.799   1.00 89.85  ? 118 CYS B SG  1 
ATOM 1274 N N   . LEU B 1 119 ? 3.995   -9.511  -2.628  1.00 85.41  ? 119 LEU B N   1 
ATOM 1275 C CA  . LEU B 1 119 ? 3.484   -10.314 -3.735  1.00 85.30  ? 119 LEU B CA  1 
ATOM 1276 C C   . LEU B 1 119 ? 4.453   -10.318 -4.909  1.00 87.02  ? 119 LEU B C   1 
ATOM 1277 O O   . LEU B 1 119 ? 4.814   -11.380 -5.432  1.00 92.08  ? 119 LEU B O   1 
ATOM 1278 C CB  . LEU B 1 119 ? 2.124   -9.778  -4.182  1.00 91.81  ? 119 LEU B CB  1 
ATOM 1279 C CG  . LEU B 1 119 ? 0.908   -10.022 -3.294  1.00 85.28  ? 119 LEU B CG  1 
ATOM 1280 C CD1 . LEU B 1 119 ? -0.119  -8.928  -3.499  1.00 85.86  ? 119 LEU B CD1 1 
ATOM 1281 C CD2 . LEU B 1 119 ? 0.306   -11.364 -3.634  1.00 85.69  ? 119 LEU B CD2 1 
ATOM 1282 N N   . SER B 1 120 ? 4.881   -9.130  -5.337  1.00 95.06  ? 120 SER B N   1 
ATOM 1283 C CA  . SER B 1 120 ? 5.628   -9.006  -6.584  1.00 90.55  ? 120 SER B CA  1 
ATOM 1284 C C   . SER B 1 120 ? 6.994   -9.671  -6.488  1.00 87.32  ? 120 SER B C   1 
ATOM 1285 O O   . SER B 1 120 ? 7.424   -10.353 -7.426  1.00 88.83  ? 120 SER B O   1 
ATOM 1286 C CB  . SER B 1 120 ? 5.773   -7.531  -6.955  1.00 87.72  ? 120 SER B CB  1 
ATOM 1287 O OG  . SER B 1 120 ? 4.511   -6.888  -6.987  1.00 89.17  ? 120 SER B OG  1 
ATOM 1288 N N   . TYR B 1 121 ? 7.691   -9.495  -5.366  1.00 92.97  ? 121 TYR B N   1 
ATOM 1289 C CA  . TYR B 1 121 ? 9.054   -9.984  -5.231  1.00 91.71  ? 121 TYR B CA  1 
ATOM 1290 C C   . TYR B 1 121 ? 9.153   -11.248 -4.386  1.00 92.10  ? 121 TYR B C   1 
ATOM 1291 O O   . TYR B 1 121 ? 10.265  -11.657 -4.036  1.00 99.64  ? 121 TYR B O   1 
ATOM 1292 C CB  . TYR B 1 121 ? 9.943   -8.881  -4.655  1.00 88.13  ? 121 TYR B CB  1 
ATOM 1293 C CG  . TYR B 1 121 ? 9.979   -7.661  -5.542  1.00 90.11  ? 121 TYR B CG  1 
ATOM 1294 C CD1 . TYR B 1 121 ? 10.749  -7.647  -6.697  1.00 93.98  ? 121 TYR B CD1 1 
ATOM 1295 C CD2 . TYR B 1 121 ? 9.226   -6.535  -5.242  1.00 89.35  ? 121 TYR B CD2 1 
ATOM 1296 C CE1 . TYR B 1 121 ? 10.779  -6.542  -7.520  1.00 93.31  ? 121 TYR B CE1 1 
ATOM 1297 C CE2 . TYR B 1 121 ? 9.248   -5.423  -6.060  1.00 92.61  ? 121 TYR B CE2 1 
ATOM 1298 C CZ  . TYR B 1 121 ? 10.028  -5.434  -7.197  1.00 92.57  ? 121 TYR B CZ  1 
ATOM 1299 O OH  . TYR B 1 121 ? 10.059  -4.331  -8.019  1.00 100.41 ? 121 TYR B OH  1 
ATOM 1300 N N   . ASN B 1 122 ? 8.019   -11.880 -4.070  1.00 90.43  ? 122 ASN B N   1 
ATOM 1301 C CA  . ASN B 1 122 ? 7.980   -13.132 -3.310  1.00 94.12  ? 122 ASN B CA  1 
ATOM 1302 C C   . ASN B 1 122 ? 8.731   -13.007 -1.986  1.00 93.85  ? 122 ASN B C   1 
ATOM 1303 O O   . ASN B 1 122 ? 9.614   -13.805 -1.665  1.00 94.91  ? 122 ASN B O   1 
ATOM 1304 C CB  . ASN B 1 122 ? 8.527   -14.297 -4.135  1.00 91.09  ? 122 ASN B CB  1 
ATOM 1305 C CG  . ASN B 1 122 ? 7.762   -14.511 -5.421  1.00 95.88  ? 122 ASN B CG  1 
ATOM 1306 O OD1 . ASN B 1 122 ? 6.556   -14.261 -5.494  1.00 92.58  ? 122 ASN B OD1 1 
ATOM 1307 N ND2 . ASN B 1 122 ? 8.460   -14.980 -6.447  1.00 98.43  ? 122 ASN B ND2 1 
ATOM 1308 N N   . LYS B 1 123 ? 8.373   -11.987 -1.219  1.00 90.08  ? 123 LYS B N   1 
ATOM 1309 C CA  . LYS B 1 123 ? 8.949   -11.757 0.093   1.00 92.47  ? 123 LYS B CA  1 
ATOM 1310 C C   . LYS B 1 123 ? 7.883   -11.929 1.165   1.00 96.46  ? 123 LYS B C   1 
ATOM 1311 O O   . LYS B 1 123 ? 6.683   -11.786 0.912   1.00 97.63  ? 123 LYS B O   1 
ATOM 1312 C CB  . LYS B 1 123 ? 9.566   -10.359 0.184   1.00 91.17  ? 123 LYS B CB  1 
ATOM 1313 C CG  . LYS B 1 123 ? 10.833  -10.190 -0.632  1.00 88.19  ? 123 LYS B CG  1 
ATOM 1314 C CD  . LYS B 1 123 ? 11.918  -11.141 -0.154  1.00 95.45  ? 123 LYS B CD  1 
ATOM 1315 C CE  . LYS B 1 123 ? 13.213  -10.923 -0.920  1.00 95.25  ? 123 LYS B CE  1 
ATOM 1316 N NZ  . LYS B 1 123 ? 14.271  -11.900 -0.540  1.00 123.93 ? 123 LYS B NZ  1 
ATOM 1317 N N   . LEU B 1 124 ? 8.341   -12.254 2.365   1.00 97.52  ? 124 LEU B N   1 
ATOM 1318 C CA  . LEU B 1 124 ? 7.463   -12.355 3.512   1.00 99.86  ? 124 LEU B CA  1 
ATOM 1319 C C   . LEU B 1 124 ? 7.773   -11.238 4.502   1.00 102.80 ? 124 LEU B C   1 
ATOM 1320 O O   . LEU B 1 124 ? 8.946   -10.941 4.751   1.00 109.66 ? 124 LEU B O   1 
ATOM 1321 C CB  . LEU B 1 124 ? 7.602   -13.716 4.210   1.00 102.90 ? 124 LEU B CB  1 
ATOM 1322 C CG  . LEU B 1 124 ? 7.168   -14.975 3.448   1.00 103.63 ? 124 LEU B CG  1 
ATOM 1323 C CD1 . LEU B 1 124 ? 6.729   -16.068 4.421   1.00 108.76 ? 124 LEU B CD1 1 
ATOM 1324 C CD2 . LEU B 1 124 ? 6.069   -14.684 2.434   1.00 108.10 ? 124 LEU B CD2 1 
ATOM 1325 N N   . PRO B 1 125 ? 6.747   -10.599 5.065   1.00 101.54 ? 125 PRO B N   1 
ATOM 1326 C CA  . PRO B 1 125 ? 6.990   -9.421  5.916   1.00 106.93 ? 125 PRO B CA  1 
ATOM 1327 C C   . PRO B 1 125 ? 7.855   -9.695  7.135   1.00 108.87 ? 125 PRO B C   1 
ATOM 1328 O O   . PRO B 1 125 ? 8.535   -8.776  7.612   1.00 116.36 ? 125 PRO B O   1 
ATOM 1329 C CB  . PRO B 1 125 ? 5.573   -8.982  6.317   1.00 103.42 ? 125 PRO B CB  1 
ATOM 1330 C CG  . PRO B 1 125 ? 4.684   -10.135 5.972   1.00 95.48  ? 125 PRO B CG  1 
ATOM 1331 C CD  . PRO B 1 125 ? 5.315   -10.834 4.829   1.00 98.54  ? 125 PRO B CD  1 
ATOM 1332 N N   . SER B 1 126 ? 7.859   -10.920 7.656   1.00 106.97 ? 126 SER B N   1 
ATOM 1333 C CA  . SER B 1 126 ? 8.664   -11.239 8.829   1.00 108.42 ? 126 SER B CA  1 
ATOM 1334 C C   . SER B 1 126 ? 10.109  -11.583 8.490   1.00 107.97 ? 126 SER B C   1 
ATOM 1335 O O   . SER B 1 126 ? 10.978  -11.467 9.361   1.00 111.29 ? 126 SER B O   1 
ATOM 1336 C CB  . SER B 1 126 ? 8.041   -12.402 9.607   1.00 107.99 ? 126 SER B CB  1 
ATOM 1337 O OG  . SER B 1 126 ? 8.406   -13.649 9.042   1.00 105.82 ? 126 SER B OG  1 
ATOM 1338 N N   . THR B 1 127 ? 10.385  -11.999 7.253   1.00 107.00 ? 127 THR B N   1 
ATOM 1339 C CA  . THR B 1 127 ? 11.735  -12.355 6.834   1.00 104.10 ? 127 THR B CA  1 
ATOM 1340 C C   . THR B 1 127 ? 12.446  -11.237 6.087   1.00 109.71 ? 127 THR B C   1 
ATOM 1341 O O   . THR B 1 127 ? 13.671  -11.118 6.197   1.00 123.23 ? 127 THR B O   1 
ATOM 1342 C CB  . THR B 1 127 ? 11.708  -13.601 5.939   1.00 110.68 ? 127 THR B CB  1 
ATOM 1343 O OG1 . THR B 1 127 ? 11.215  -13.247 4.639   1.00 116.26 ? 127 THR B OG1 1 
ATOM 1344 C CG2 . THR B 1 127 ? 10.808  -14.668 6.539   1.00 109.34 ? 127 THR B CG2 1 
ATOM 1345 N N   . TRP B 1 128 ? 11.706  -10.426 5.330   1.00 107.75 ? 128 TRP B N   1 
ATOM 1346 C CA  . TRP B 1 128 ? 12.279  -9.344  4.541   1.00 108.55 ? 128 TRP B CA  1 
ATOM 1347 C C   . TRP B 1 128 ? 13.008  -8.357  5.442   1.00 110.84 ? 128 TRP B C   1 
ATOM 1348 O O   . TRP B 1 128 ? 12.377  -7.604  6.192   1.00 110.05 ? 128 TRP B O   1 
ATOM 1349 C CB  . TRP B 1 128 ? 11.184  -8.638  3.739   1.00 105.59 ? 128 TRP B CB  1 
ATOM 1350 C CG  . TRP B 1 128 ? 11.662  -8.065  2.441   1.00 99.82  ? 128 TRP B CG  1 
ATOM 1351 C CD1 . TRP B 1 128 ? 12.942  -8.065  1.969   1.00 96.53  ? 128 TRP B CD1 1 
ATOM 1352 C CD2 . TRP B 1 128 ? 10.864  -7.418  1.440   1.00 98.56  ? 128 TRP B CD2 1 
ATOM 1353 N NE1 . TRP B 1 128 ? 12.993  -7.455  0.740   1.00 96.25  ? 128 TRP B NE1 1 
ATOM 1354 C CE2 . TRP B 1 128 ? 11.731  -7.048  0.392   1.00 97.46  ? 128 TRP B CE2 1 
ATOM 1355 C CE3 . TRP B 1 128 ? 9.504   -7.114  1.329   1.00 94.71  ? 128 TRP B CE3 1 
ATOM 1356 C CZ2 . TRP B 1 128 ? 11.282  -6.390  -0.753  1.00 94.49  ? 128 TRP B CZ2 1 
ATOM 1357 C CZ3 . TRP B 1 128 ? 9.060   -6.461  0.189   1.00 93.31  ? 128 TRP B CZ3 1 
ATOM 1358 C CH2 . TRP B 1 128 ? 9.948   -6.106  -0.835  1.00 94.39  ? 128 TRP B CH2 1 
ATOM 1359 N N   . ASN B 1 129 ? 14.339  -8.365  5.381   1.00 113.69 ? 129 ASN B N   1 
ATOM 1360 C CA  . ASN B 1 129 ? 15.161  -7.514  6.238   1.00 121.82 ? 129 ASN B CA  1 
ATOM 1361 C C   . ASN B 1 129 ? 15.379  -6.184  5.526   1.00 116.61 ? 129 ASN B C   1 
ATOM 1362 O O   . ASN B 1 129 ? 16.415  -5.924  4.911   1.00 118.33 ? 129 ASN B O   1 
ATOM 1363 C CB  . ASN B 1 129 ? 16.478  -8.204  6.576   1.00 123.18 ? 129 ASN B CB  1 
ATOM 1364 C CG  . ASN B 1 129 ? 17.249  -7.481  7.659   1.00 130.59 ? 129 ASN B CG  1 
ATOM 1365 O OD1 . ASN B 1 129 ? 16.847  -7.478  8.822   1.00 144.29 ? 129 ASN B OD1 1 
ATOM 1366 N ND2 . ASN B 1 129 ? 18.365  -6.868  7.284   1.00 133.02 ? 129 ASN B ND2 1 
ATOM 1367 N N   . ILE B 1 130 ? 14.362  -5.333  5.602   1.00 110.58 ? 130 ILE B N   1 
ATOM 1368 C CA  . ILE B 1 130 ? 14.417  -4.001  5.020   1.00 109.99 ? 130 ILE B CA  1 
ATOM 1369 C C   . ILE B 1 130 ? 13.772  -3.031  5.994   1.00 107.79 ? 130 ILE B C   1 
ATOM 1370 O O   . ILE B 1 130 ? 12.858  -3.387  6.747   1.00 103.20 ? 130 ILE B O   1 
ATOM 1371 C CB  . ILE B 1 130 ? 13.712  -3.927  3.647   1.00 104.00 ? 130 ILE B CB  1 
ATOM 1372 C CG1 . ILE B 1 130 ? 12.270  -4.420  3.760   1.00 98.47  ? 130 ILE B CG1 1 
ATOM 1373 C CG2 . ILE B 1 130 ? 14.475  -4.718  2.590   1.00 106.93 ? 130 ILE B CG2 1 
ATOM 1374 C CD1 . ILE B 1 130 ? 11.457  -4.180  2.511   1.00 101.08 ? 130 ILE B CD1 1 
ATOM 1375 N N   . SER B 1 131 ? 14.260  -1.796  5.981   1.00 111.16 ? 131 SER B N   1 
ATOM 1376 C CA  . SER B 1 131 ? 13.627  -0.763  6.775   1.00 109.50 ? 131 SER B CA  1 
ATOM 1377 C C   . SER B 1 131 ? 12.232  -0.482  6.230   1.00 100.17 ? 131 SER B C   1 
ATOM 1378 O O   . SER B 1 131 ? 11.919  -0.784  5.075   1.00 99.12  ? 131 SER B O   1 
ATOM 1379 C CB  . SER B 1 131 ? 14.463  0.515   6.762   1.00 108.16 ? 131 SER B CB  1 
ATOM 1380 O OG  . SER B 1 131 ? 14.270  1.227   5.554   1.00 106.30 ? 131 SER B OG  1 
ATOM 1381 N N   . VAL B 1 132 ? 11.380  0.074   7.092   1.00 98.77  ? 132 VAL B N   1 
ATOM 1382 C CA  . VAL B 1 132 ? 10.090  0.578   6.633   1.00 93.29  ? 132 VAL B CA  1 
ATOM 1383 C C   . VAL B 1 132 ? 10.284  1.435   5.386   1.00 95.60  ? 132 VAL B C   1 
ATOM 1384 O O   . VAL B 1 132 ? 9.701   1.161   4.329   1.00 106.00 ? 132 VAL B O   1 
ATOM 1385 C CB  . VAL B 1 132 ? 9.384   1.341   7.773   1.00 95.86  ? 132 VAL B CB  1 
ATOM 1386 C CG1 . VAL B 1 132 ? 10.315  2.373   8.422   1.00 119.06 ? 132 VAL B CG1 1 
ATOM 1387 C CG2 . VAL B 1 132 ? 8.088   1.978   7.288   1.00 85.11  ? 132 VAL B CG2 1 
ATOM 1388 N N   . CYS B 1 133 ? 11.173  2.437   5.473   1.00 99.87  ? 133 CYS B N   1 
ATOM 1389 C CA  . CYS B 1 133 ? 11.406  3.366   4.367   1.00 102.03 ? 133 CYS B CA  1 
ATOM 1390 C C   . CYS B 1 133 ? 11.697  2.643   3.056   1.00 104.28 ? 133 CYS B C   1 
ATOM 1391 O O   . CYS B 1 133 ? 11.154  3.010   2.006   1.00 104.71 ? 133 CYS B O   1 
ATOM 1392 C CB  . CYS B 1 133 ? 12.550  4.319   4.717   1.00 111.15 ? 133 CYS B CB  1 
ATOM 1393 S SG  . CYS B 1 133 ? 12.050  5.758   5.686   1.00 101.55 ? 133 CYS B SG  1 
ATOM 1394 N N   . ASP B 1 134 ? 12.556  1.619   3.094   1.00 107.61 ? 134 ASP B N   1 
ATOM 1395 C CA  . ASP B 1 134 ? 12.831  0.838   1.889   1.00 106.19 ? 134 ASP B CA  1 
ATOM 1396 C C   . ASP B 1 134 ? 11.551  0.248   1.310   1.00 103.24 ? 134 ASP B C   1 
ATOM 1397 O O   . ASP B 1 134 ? 11.350  0.245   0.088   1.00 108.82 ? 134 ASP B O   1 
ATOM 1398 C CB  . ASP B 1 134 ? 13.836  -0.270  2.205   1.00 114.72 ? 134 ASP B CB  1 
ATOM 1399 C CG  . ASP B 1 134 ? 15.195  0.265   2.607   1.00 118.39 ? 134 ASP B CG  1 
ATOM 1400 O OD1 . ASP B 1 134 ? 15.693  1.185   1.926   1.00 119.07 ? 134 ASP B OD1 1 
ATOM 1401 O OD2 . ASP B 1 134 ? 15.763  -0.230  3.603   1.00 111.83 ? 134 ASP B OD2 1 
ATOM 1402 N N   . TYR B 1 135 ? 10.664  -0.237  2.179   1.00 97.80  ? 135 TYR B N   1 
ATOM 1403 C CA  . TYR B 1 135 ? 9.398   -0.805  1.731   1.00 98.60  ? 135 TYR B CA  1 
ATOM 1404 C C   . TYR B 1 135 ? 8.513   0.250   1.072   1.00 98.50  ? 135 TYR B C   1 
ATOM 1405 O O   . TYR B 1 135 ? 7.896   -0.010  0.031   1.00 97.96  ? 135 TYR B O   1 
ATOM 1406 C CB  . TYR B 1 135 ? 8.675   -1.447  2.913   1.00 94.01  ? 135 TYR B CB  1 
ATOM 1407 C CG  . TYR B 1 135 ? 7.451   -2.239  2.525   1.00 102.04 ? 135 TYR B CG  1 
ATOM 1408 C CD1 . TYR B 1 135 ? 6.201   -1.634  2.429   1.00 106.90 ? 135 TYR B CD1 1 
ATOM 1409 C CD2 . TYR B 1 135 ? 7.545   -3.594  2.255   1.00 99.57  ? 135 TYR B CD2 1 
ATOM 1410 C CE1 . TYR B 1 135 ? 5.081   -2.366  2.074   1.00 100.23 ? 135 TYR B CE1 1 
ATOM 1411 C CE2 . TYR B 1 135 ? 6.439   -4.327  1.904   1.00 97.20  ? 135 TYR B CE2 1 
ATOM 1412 C CZ  . TYR B 1 135 ? 5.213   -3.717  1.815   1.00 101.75 ? 135 TYR B CZ  1 
ATOM 1413 O OH  . TYR B 1 135 ? 4.134   -4.484  1.461   1.00 96.12  ? 135 TYR B OH  1 
ATOM 1414 N N   . LEU B 1 136 ? 8.412   1.441   1.675   1.00 96.35  ? 136 LEU B N   1 
ATOM 1415 C CA  . LEU B 1 136 ? 7.613   2.489   1.038   1.00 97.25  ? 136 LEU B CA  1 
ATOM 1416 C C   . LEU B 1 136 ? 8.212   2.901   -0.300  1.00 97.77  ? 136 LEU B C   1 
ATOM 1417 O O   . LEU B 1 136 ? 7.474   3.241   -1.232  1.00 100.31 ? 136 LEU B O   1 
ATOM 1418 C CB  . LEU B 1 136 ? 7.472   3.726   1.932   1.00 97.98  ? 136 LEU B CB  1 
ATOM 1419 C CG  . LEU B 1 136 ? 6.863   3.667   3.328   1.00 99.63  ? 136 LEU B CG  1 
ATOM 1420 C CD1 . LEU B 1 136 ? 7.938   3.522   4.291   1.00 96.76  ? 136 LEU B CD1 1 
ATOM 1421 C CD2 . LEU B 1 136 ? 6.027   4.898   3.664   1.00 105.80 ? 136 LEU B CD2 1 
ATOM 1422 N N   . LYS B 1 137 ? 9.542   2.877   -0.416  1.00 97.45  ? 137 LYS B N   1 
ATOM 1423 C CA  . LYS B 1 137 ? 10.168  3.153   -1.706  1.00 101.67 ? 137 LYS B CA  1 
ATOM 1424 C C   . LYS B 1 137 ? 9.792   2.094   -2.735  1.00 102.19 ? 137 LYS B C   1 
ATOM 1425 O O   . LYS B 1 137 ? 9.514   2.416   -3.898  1.00 100.50 ? 137 LYS B O   1 
ATOM 1426 C CB  . LYS B 1 137 ? 11.686  3.241   -1.554  1.00 107.40 ? 137 LYS B CB  1 
ATOM 1427 C CG  . LYS B 1 137 ? 12.134  4.292   -0.562  1.00 106.44 ? 137 LYS B CG  1 
ATOM 1428 C CD  . LYS B 1 137 ? 13.490  4.865   -0.912  1.00 116.68 ? 137 LYS B CD  1 
ATOM 1429 C CE  . LYS B 1 137 ? 14.430  4.789   0.280   1.00 129.77 ? 137 LYS B CE  1 
ATOM 1430 N NZ  . LYS B 1 137 ? 15.613  5.677   0.124   1.00 130.04 ? 137 LYS B NZ  1 
ATOM 1431 N N   . GLN B 1 138 ? 9.772   0.821   -2.332  1.00 104.92 ? 138 GLN B N   1 
ATOM 1432 C CA  . GLN B 1 138 ? 9.316   -0.210  -3.260  1.00 102.62 ? 138 GLN B CA  1 
ATOM 1433 C C   . GLN B 1 138 ? 7.866   0.027   -3.672  1.00 99.42  ? 138 GLN B C   1 
ATOM 1434 O O   . GLN B 1 138 ? 7.504   -0.163  -4.842  1.00 99.08  ? 138 GLN B O   1 
ATOM 1435 C CB  . GLN B 1 138 ? 9.487   -1.607  -2.656  1.00 97.54  ? 138 GLN B CB  1 
ATOM 1436 C CG  . GLN B 1 138 ? 10.916  -2.161  -2.701  1.00 100.54 ? 138 GLN B CG  1 
ATOM 1437 C CD  . GLN B 1 138 ? 11.513  -2.239  -4.108  1.00 110.31 ? 138 GLN B CD  1 
ATOM 1438 O OE1 . GLN B 1 138 ? 12.734  -2.249  -4.267  1.00 135.34 ? 138 GLN B OE1 1 
ATOM 1439 N NE2 . GLN B 1 138 ? 10.659  -2.309  -5.128  1.00 106.71 ? 138 GLN B NE2 1 
ATOM 1440 N N   . GLN B 1 139 ? 7.023   0.441   -2.722  1.00 95.68  ? 139 GLN B N   1 
ATOM 1441 C CA  . GLN B 1 139 ? 5.640   0.789   -3.042  1.00 91.85  ? 139 GLN B CA  1 
ATOM 1442 C C   . GLN B 1 139 ? 5.577   1.876   -4.109  1.00 101.85 ? 139 GLN B C   1 
ATOM 1443 O O   . GLN B 1 139 ? 4.835   1.767   -5.097  1.00 101.56 ? 139 GLN B O   1 
ATOM 1444 C CB  . GLN B 1 139 ? 4.916   1.258   -1.780  1.00 91.47  ? 139 GLN B CB  1 
ATOM 1445 C CG  . GLN B 1 139 ? 4.759   0.209   -0.707  1.00 92.59  ? 139 GLN B CG  1 
ATOM 1446 C CD  . GLN B 1 139 ? 3.413   -0.477  -0.769  1.00 94.40  ? 139 GLN B CD  1 
ATOM 1447 O OE1 . GLN B 1 139 ? 3.005   -0.977  -1.818  1.00 94.93  ? 139 GLN B OE1 1 
ATOM 1448 N NE2 . GLN B 1 139 ? 2.707   -0.495  0.356   1.00 89.78  ? 139 GLN B NE2 1 
ATOM 1449 N N   . LEU B 1 140 ? 6.337   2.952   -3.893  1.00 101.72 ? 140 LEU B N   1 
ATOM 1450 C CA  . LEU B 1 140 ? 6.421   4.029   -4.873  1.00 98.58  ? 140 LEU B CA  1 
ATOM 1451 C C   . LEU B 1 140 ? 6.851   3.504   -6.234  1.00 100.26 ? 140 LEU B C   1 
ATOM 1452 O O   . LEU B 1 140 ? 6.369   3.973   -7.269  1.00 99.60  ? 140 LEU B O   1 
ATOM 1453 C CB  . LEU B 1 140 ? 7.402   5.098   -4.399  1.00 102.76 ? 140 LEU B CB  1 
ATOM 1454 C CG  . LEU B 1 140 ? 6.993   6.034   -3.268  1.00 100.41 ? 140 LEU B CG  1 
ATOM 1455 C CD1 . LEU B 1 140 ? 8.024   7.133   -3.163  1.00 105.28 ? 140 LEU B CD1 1 
ATOM 1456 C CD2 . LEU B 1 140 ? 5.611   6.613   -3.515  1.00 100.02 ? 140 LEU B CD2 1 
ATOM 1457 N N   . ASN B 1 141 ? 7.774   2.542   -6.249  1.00 103.96 ? 141 ASN B N   1 
ATOM 1458 C CA  . ASN B 1 141 ? 8.235   2.000   -7.523  1.00 108.08 ? 141 ASN B CA  1 
ATOM 1459 C C   . ASN B 1 141 ? 7.125   1.232   -8.231  1.00 109.31 ? 141 ASN B C   1 
ATOM 1460 O O   . ASN B 1 141 ? 6.969   1.345   -9.452  1.00 110.92 ? 141 ASN B O   1 
ATOM 1461 C CB  . ASN B 1 141 ? 9.457   1.109   -7.305  1.00 114.42 ? 141 ASN B CB  1 
ATOM 1462 C CG  . ASN B 1 141 ? 10.668  1.887   -6.822  1.00 110.76 ? 141 ASN B CG  1 
ATOM 1463 O OD1 . ASN B 1 141 ? 10.544  3.000   -6.313  1.00 113.54 ? 141 ASN B OD1 1 
ATOM 1464 N ND2 . ASN B 1 141 ? 11.848  1.302   -6.983  1.00 116.39 ? 141 ASN B ND2 1 
ATOM 1465 N N   . ILE B 1 142 ? 6.346   0.448   -7.482  1.00 104.81 ? 142 ILE B N   1 
ATOM 1466 C CA  . ILE B 1 142 ? 5.211   -0.257  -8.081  1.00 104.35 ? 142 ILE B CA  1 
ATOM 1467 C C   . ILE B 1 142 ? 4.223   0.740   -8.677  1.00 101.38 ? 142 ILE B C   1 
ATOM 1468 O O   . ILE B 1 142 ? 3.726   0.561   -9.797  1.00 103.36 ? 142 ILE B O   1 
ATOM 1469 C CB  . ILE B 1 142 ? 4.527   -1.177  -7.050  1.00 101.16 ? 142 ILE B CB  1 
ATOM 1470 C CG1 . ILE B 1 142 ? 5.166   -2.568  -7.049  1.00 99.52  ? 142 ILE B CG1 1 
ATOM 1471 C CG2 . ILE B 1 142 ? 3.043   -1.309  -7.345  1.00 92.44  ? 142 ILE B CG2 1 
ATOM 1472 C CD1 . ILE B 1 142 ? 6.516   -2.629  -6.393  1.00 113.01 ? 142 ILE B CD1 1 
ATOM 1473 N N   . LEU B 1 143 ? 3.934   1.816   -7.939  1.00 99.43  ? 143 LEU B N   1 
ATOM 1474 C CA  . LEU B 1 143 ? 2.999   2.829   -8.429  1.00 99.30  ? 143 LEU B CA  1 
ATOM 1475 C C   . LEU B 1 143 ? 3.526   3.491   -9.702  1.00 105.33 ? 143 LEU B C   1 
ATOM 1476 O O   . LEU B 1 143 ? 2.801   3.633   -10.701 1.00 107.28 ? 143 LEU B O   1 
ATOM 1477 C CB  . LEU B 1 143 ? 2.756   3.871   -7.330  1.00 95.37  ? 143 LEU B CB  1 
ATOM 1478 C CG  . LEU B 1 143 ? 1.428   4.624   -7.174  1.00 101.28 ? 143 LEU B CG  1 
ATOM 1479 C CD1 . LEU B 1 143 ? 1.523   5.634   -6.030  1.00 99.12  ? 143 LEU B CD1 1 
ATOM 1480 C CD2 . LEU B 1 143 ? 1.006   5.316   -8.457  1.00 110.93 ? 143 LEU B CD2 1 
ATOM 1481 N N   . ARG B 1 144 ? 4.793   3.911   -9.672  1.00 108.29 ? 144 ARG B N   1 
ATOM 1482 C CA  . ARG B 1 144 ? 5.408   4.552   -10.825 1.00 109.22 ? 144 ARG B CA  1 
ATOM 1483 C C   . ARG B 1 144 ? 5.400   3.637   -12.042 1.00 113.74 ? 144 ARG B C   1 
ATOM 1484 O O   . ARG B 1 144 ? 5.096   4.079   -13.154 1.00 114.95 ? 144 ARG B O   1 
ATOM 1485 C CB  . ARG B 1 144 ? 6.833   4.977   -10.476 1.00 115.01 ? 144 ARG B CB  1 
ATOM 1486 C CG  . ARG B 1 144 ? 7.716   5.248   -11.673 1.00 128.88 ? 144 ARG B CG  1 
ATOM 1487 C CD  . ARG B 1 144 ? 8.547   6.494   -11.455 1.00 126.40 ? 144 ARG B CD  1 
ATOM 1488 N NE  . ARG B 1 144 ? 9.502   6.705   -12.535 1.00 137.34 ? 144 ARG B NE  1 
ATOM 1489 C CZ  . ARG B 1 144 ? 9.189   7.201   -13.725 1.00 149.36 ? 144 ARG B CZ  1 
ATOM 1490 N NH1 . ARG B 1 144 ? 7.946   7.532   -14.032 1.00 137.90 ? 144 ARG B NH1 1 
ATOM 1491 N NH2 . ARG B 1 144 ? 10.149  7.365   -14.631 1.00 154.98 ? 144 ARG B NH2 1 
ATOM 1492 N N   . ALA B 1 145 ? 5.723   2.356   -11.852 1.00 110.82 ? 145 ALA B N   1 
ATOM 1493 C CA  . ALA B 1 145 ? 5.717   1.423   -12.974 1.00 107.70 ? 145 ALA B CA  1 
ATOM 1494 C C   . ALA B 1 145 ? 4.309   1.183   -13.496 1.00 107.60 ? 145 ALA B C   1 
ATOM 1495 O O   . ALA B 1 145 ? 4.126   0.993   -14.703 1.00 107.43 ? 145 ALA B O   1 
ATOM 1496 C CB  . ALA B 1 145 ? 6.367   0.100   -12.572 1.00 105.28 ? 145 ALA B CB  1 
ATOM 1497 N N   . ALA B 1 146 ? 3.306   1.180   -12.614 1.00 107.21 ? 146 ALA B N   1 
ATOM 1498 C CA  . ALA B 1 146 ? 1.927   1.088   -13.079 1.00 101.24 ? 146 ALA B CA  1 
ATOM 1499 C C   . ALA B 1 146 ? 1.595   2.244   -14.012 1.00 108.91 ? 146 ALA B C   1 
ATOM 1500 O O   . ALA B 1 146 ? 1.120   2.035   -15.138 1.00 105.74 ? 146 ALA B O   1 
ATOM 1501 C CB  . ALA B 1 146 ? 0.969   1.058   -11.887 1.00 98.80  ? 146 ALA B CB  1 
ATOM 1502 N N   . ASP B 1 147 ? 1.870   3.477   -13.572 1.00 116.95 ? 147 ASP B N   1 
ATOM 1503 C CA  . ASP B 1 147 ? 1.576   4.619   -14.436 1.00 113.07 ? 147 ASP B CA  1 
ATOM 1504 C C   . ASP B 1 147 ? 2.415   4.594   -15.708 1.00 113.29 ? 147 ASP B C   1 
ATOM 1505 O O   . ASP B 1 147 ? 1.948   5.024   -16.767 1.00 114.68 ? 147 ASP B O   1 
ATOM 1506 C CB  . ASP B 1 147 ? 1.792   5.942   -13.704 1.00 119.90 ? 147 ASP B CB  1 
ATOM 1507 C CG  . ASP B 1 147 ? 0.992   7.079   -14.324 1.00 141.12 ? 147 ASP B CG  1 
ATOM 1508 O OD1 . ASP B 1 147 ? 0.107   6.788   -15.155 1.00 124.71 ? 147 ASP B OD1 1 
ATOM 1509 O OD2 . ASP B 1 147 ? 1.241   8.256   -13.990 1.00 145.90 ? 147 ASP B OD2 1 
ATOM 1510 N N   . SER B 1 148 ? 3.643   4.078   -15.629 1.00 110.64 ? 148 SER B N   1 
ATOM 1511 C CA  . SER B 1 148 ? 4.519   4.045   -16.797 1.00 109.82 ? 148 SER B CA  1 
ATOM 1512 C C   . SER B 1 148 ? 4.010   3.058   -17.841 1.00 117.27 ? 148 SER B C   1 
ATOM 1513 O O   . SER B 1 148 ? 3.840   3.414   -19.015 1.00 125.43 ? 148 SER B O   1 
ATOM 1514 C CB  . SER B 1 148 ? 5.942   3.692   -16.360 1.00 113.86 ? 148 SER B CB  1 
ATOM 1515 O OG  . SER B 1 148 ? 6.781   3.455   -17.475 1.00 120.84 ? 148 SER B OG  1 
ATOM 1516 N N   . GLN B 1 149 ? 3.768   1.809   -17.434 1.00 117.20 ? 149 GLN B N   1 
ATOM 1517 C CA  . GLN B 1 149 ? 3.173   0.832   -18.339 1.00 108.20 ? 149 GLN B CA  1 
ATOM 1518 C C   . GLN B 1 149 ? 1.852   1.342   -18.897 1.00 109.56 ? 149 GLN B C   1 
ATOM 1519 O O   . GLN B 1 149 ? 1.509   1.070   -20.054 1.00 117.20 ? 149 GLN B O   1 
ATOM 1520 C CB  . GLN B 1 149 ? 2.969   -0.500  -17.617 1.00 109.39 ? 149 GLN B CB  1 
ATOM 1521 C CG  . GLN B 1 149 ? 4.233   -1.099  -17.022 1.00 107.39 ? 149 GLN B CG  1 
ATOM 1522 C CD  . GLN B 1 149 ? 3.938   -2.210  -16.032 1.00 114.68 ? 149 GLN B CD  1 
ATOM 1523 O OE1 . GLN B 1 149 ? 2.842   -2.767  -16.015 1.00 104.67 ? 149 GLN B OE1 1 
ATOM 1524 N NE2 . GLN B 1 149 ? 4.917   -2.534  -15.200 1.00 105.60 ? 149 GLN B NE2 1 
ATOM 1525 N N   . GLN B 1 150 ? 1.103   2.098   -18.091 1.00 105.86 ? 150 GLN B N   1 
ATOM 1526 C CA  . GLN B 1 150 ? -0.157  2.666   -18.559 1.00 111.24 ? 150 GLN B CA  1 
ATOM 1527 C C   . GLN B 1 150 ? 0.072   3.677   -19.675 1.00 123.94 ? 150 GLN B C   1 
ATOM 1528 O O   . GLN B 1 150 ? -0.543  3.593   -20.744 1.00 136.35 ? 150 GLN B O   1 
ATOM 1529 C CB  . GLN B 1 150 ? -0.878  3.312   -17.381 1.00 107.34 ? 150 GLN B CB  1 
ATOM 1530 C CG  . GLN B 1 150 ? -2.183  3.977   -17.716 1.00 113.83 ? 150 GLN B CG  1 
ATOM 1531 C CD  . GLN B 1 150 ? -3.023  4.161   -16.480 1.00 118.25 ? 150 GLN B CD  1 
ATOM 1532 O OE1 . GLN B 1 150 ? -4.235  3.976   -16.508 1.00 126.08 ? 150 GLN B OE1 1 
ATOM 1533 N NE2 . GLN B 1 150 ? -2.378  4.503   -15.376 1.00 120.18 ? 150 GLN B NE2 1 
ATOM 1534 N N   . ASN B 1 151 ? 0.956   4.647   -19.440 1.00 132.28 ? 151 ASN B N   1 
ATOM 1535 C CA  . ASN B 1 151 ? 1.256   5.676   -20.426 1.00 133.36 ? 151 ASN B CA  1 
ATOM 1536 C C   . ASN B 1 151 ? 2.040   5.146   -21.618 1.00 139.77 ? 151 ASN B C   1 
ATOM 1537 O O   . ASN B 1 151 ? 2.241   5.891   -22.583 1.00 162.22 ? 151 ASN B O   1 
ATOM 1538 C CB  . ASN B 1 151 ? 2.020   6.822   -19.763 1.00 130.11 ? 151 ASN B CB  1 
ATOM 1539 C CG  . ASN B 1 151 ? 1.149   7.630   -18.825 1.00 136.59 ? 151 ASN B CG  1 
ATOM 1540 O OD1 . ASN B 1 151 ? -0.017  7.300   -18.606 1.00 130.45 ? 151 ASN B OD1 1 
ATOM 1541 N ND2 . ASN B 1 151 ? 1.710   8.691   -18.260 1.00 139.94 ? 151 ASN B ND2 1 
ATOM 1542 N N   . ALA B 1 152 ? 2.495   3.898   -21.574 1.00 129.76 ? 152 ALA B N   1 
ATOM 1543 C CA  . ALA B 1 152 ? 3.114   3.282   -22.741 1.00 123.92 ? 152 ALA B CA  1 
ATOM 1544 C C   . ALA B 1 152 ? 2.043   2.833   -23.732 1.00 127.01 ? 152 ALA B C   1 
ATOM 1545 O O   . ALA B 1 152 ? 2.310   2.678   -24.923 1.00 132.21 ? 152 ALA B O   1 
ATOM 1546 C CB  . ALA B 1 152 ? 3.983   2.108   -22.328 1.00 116.72 ? 152 ALA B CB  1 
# 
